data_7F5C
# 
_entry.id   7F5C 
# 
_audit_conform.dict_name       mmcif_pdbx.dic 
_audit_conform.dict_version    5.380 
_audit_conform.dict_location   http://mmcif.pdb.org/dictionaries/ascii/mmcif_pdbx.dic 
# 
loop_
_database_2.database_id 
_database_2.database_code 
_database_2.pdbx_database_accession 
_database_2.pdbx_DOI 
PDB   7F5C         pdb_00007f5c 10.2210/pdb7f5c/pdb 
WWPDB D_1300022906 ?            ?                   
# 
_pdbx_database_status.status_code                     REL 
_pdbx_database_status.status_code_sf                  REL 
_pdbx_database_status.status_code_mr                  ? 
_pdbx_database_status.entry_id                        7F5C 
_pdbx_database_status.recvd_initial_deposition_date   2021-06-21 
_pdbx_database_status.SG_entry                        N 
_pdbx_database_status.deposit_site                    PDBJ 
_pdbx_database_status.process_site                    PDBJ 
_pdbx_database_status.status_code_cs                  ? 
_pdbx_database_status.status_code_nmr_data            ? 
_pdbx_database_status.methods_development_category    ? 
_pdbx_database_status.pdb_format_compatible           Y 
# 
loop_
_audit_author.name 
_audit_author.pdbx_ordinal 
_audit_author.identifier_ORCID 
'Lu, T.'   1 ? 
'Lu, H.B.' 2 ? 
'Wang, J.' 3 ? 
'Lin, H.'  4 ? 
'Lu, W.'   5 ? 
'Luo, C.'  6 ? 
# 
_citation.abstract                  ? 
_citation.abstract_id_CAS           ? 
_citation.book_id_ISBN              ? 
_citation.book_publisher            ? 
_citation.book_publisher_city       ? 
_citation.book_title                ? 
_citation.coordinate_linkage        ? 
_citation.country                   ? 
_citation.database_id_Medline       ? 
_citation.details                   ? 
_citation.id                        primary 
_citation.journal_abbrev            'To Be Published' 
_citation.journal_id_ASTM           ? 
_citation.journal_id_CSD            0353 
_citation.journal_id_ISSN           ? 
_citation.journal_full              ? 
_citation.journal_issue             ? 
_citation.journal_volume            ? 
_citation.language                  ? 
_citation.page_first                ? 
_citation.page_last                 ? 
_citation.title                     'Discovery and Optimization of Small-Molecule Inhibitors for the BPTF Bromodomains Proteins' 
_citation.year                      ? 
_citation.database_id_CSD           ? 
_citation.pdbx_database_id_DOI      ? 
_citation.pdbx_database_id_PubMed   ? 
_citation.pdbx_database_id_patent   ? 
_citation.unpublished_flag          ? 
# 
loop_
_citation_author.citation_id 
_citation_author.name 
_citation_author.ordinal 
_citation_author.identifier_ORCID 
primary 'Lu, T.'      1  ? 
primary 'Lu, H.B.'    2  ? 
primary 'Wang, J.'    3  ? 
primary 'Han, J.'     4  ? 
primary 'Xiao, S.'    5  ? 
primary 'Jiang, H.'   6  ? 
primary 'Chen, Y.'    7  ? 
primary 'Yang, F.'    8  ? 
primary 'Li, Q.'      9  ? 
primary 'Jiang, H.L.' 10 ? 
primary 'Chen, K.X.'  11 ? 
primary 'Lu, W.C.'    12 ? 
primary 'Lin, H.'     13 ? 
primary 'Luo, C.'     14 ? 
# 
_cell.angle_alpha                  90.000 
_cell.angle_alpha_esd              ? 
_cell.angle_beta                   98.202 
_cell.angle_beta_esd               ? 
_cell.angle_gamma                  90.000 
_cell.angle_gamma_esd              ? 
_cell.entry_id                     7F5C 
_cell.details                      ? 
_cell.formula_units_Z              ? 
_cell.length_a                     111.309 
_cell.length_a_esd                 ? 
_cell.length_b                     27.148 
_cell.length_b_esd                 ? 
_cell.length_c                     38.695 
_cell.length_c_esd                 ? 
_cell.volume                       115733.159 
_cell.volume_esd                   ? 
_cell.Z_PDB                        4 
_cell.reciprocal_angle_alpha       ? 
_cell.reciprocal_angle_beta        ? 
_cell.reciprocal_angle_gamma       ? 
_cell.reciprocal_angle_alpha_esd   ? 
_cell.reciprocal_angle_beta_esd    ? 
_cell.reciprocal_angle_gamma_esd   ? 
_cell.reciprocal_length_a          ? 
_cell.reciprocal_length_b          ? 
_cell.reciprocal_length_c          ? 
_cell.reciprocal_length_a_esd      ? 
_cell.reciprocal_length_b_esd      ? 
_cell.reciprocal_length_c_esd      ? 
_cell.pdbx_unique_axis             ? 
# 
_symmetry.entry_id                         7F5C 
_symmetry.cell_setting                     ? 
_symmetry.Int_Tables_number                5 
_symmetry.space_group_name_Hall            'C 2y' 
_symmetry.space_group_name_H-M             'C 1 2 1' 
_symmetry.pdbx_full_space_group_name_H-M   ? 
# 
loop_
_entity.id 
_entity.type 
_entity.src_method 
_entity.pdbx_description 
_entity.formula_weight 
_entity.pdbx_number_of_molecules 
_entity.pdbx_ec 
_entity.pdbx_mutation 
_entity.pdbx_fragment 
_entity.details 
1 polymer     man 'Nucleosome-remodeling factor subunit BPTF'                                             12861.676 1   ? ? 
'Bromodomain PHD' ? 
2 non-polymer syn '6-[1-[3-(dimethylamino)propyl]indol-5-yl]-2-methylsulfonyl-N-propyl-pyrimidin-4-amine' 415.552   1   ? ? ? ? 
3 water       nat water                                                                                   18.015    132 ? ? ? ? 
# 
_entity_poly.entity_id                      1 
_entity_poly.type                           'polypeptide(L)' 
_entity_poly.nstd_linkage                   no 
_entity_poly.nstd_monomer                   no 
_entity_poly.pdbx_seq_one_letter_code       
;LTPLTEKDYEGLKRVLRSLQAHKMAWPFLEPVDPNDAPDYYGVIKEPMDLATMEERVQRRYYEKLTEFVADMTKIFDNCR
YYNPSDSPFYQCAEVLESFFVQKLKGFK
;
_entity_poly.pdbx_seq_one_letter_code_can   
;LTPLTEKDYEGLKRVLRSLQAHKMAWPFLEPVDPNDAPDYYGVIKEPMDLATMEERVQRRYYEKLTEFVADMTKIFDNCR
YYNPSDSPFYQCAEVLESFFVQKLKGFK
;
_entity_poly.pdbx_strand_id                 A 
_entity_poly.pdbx_target_identifier         ? 
# 
loop_
_entity_poly_seq.entity_id 
_entity_poly_seq.num 
_entity_poly_seq.mon_id 
_entity_poly_seq.hetero 
1 1   LEU n 
1 2   THR n 
1 3   PRO n 
1 4   LEU n 
1 5   THR n 
1 6   GLU n 
1 7   LYS n 
1 8   ASP n 
1 9   TYR n 
1 10  GLU n 
1 11  GLY n 
1 12  LEU n 
1 13  LYS n 
1 14  ARG n 
1 15  VAL n 
1 16  LEU n 
1 17  ARG n 
1 18  SER n 
1 19  LEU n 
1 20  GLN n 
1 21  ALA n 
1 22  HIS n 
1 23  LYS n 
1 24  MET n 
1 25  ALA n 
1 26  TRP n 
1 27  PRO n 
1 28  PHE n 
1 29  LEU n 
1 30  GLU n 
1 31  PRO n 
1 32  VAL n 
1 33  ASP n 
1 34  PRO n 
1 35  ASN n 
1 36  ASP n 
1 37  ALA n 
1 38  PRO n 
1 39  ASP n 
1 40  TYR n 
1 41  TYR n 
1 42  GLY n 
1 43  VAL n 
1 44  ILE n 
1 45  LYS n 
1 46  GLU n 
1 47  PRO n 
1 48  MET n 
1 49  ASP n 
1 50  LEU n 
1 51  ALA n 
1 52  THR n 
1 53  MET n 
1 54  GLU n 
1 55  GLU n 
1 56  ARG n 
1 57  VAL n 
1 58  GLN n 
1 59  ARG n 
1 60  ARG n 
1 61  TYR n 
1 62  TYR n 
1 63  GLU n 
1 64  LYS n 
1 65  LEU n 
1 66  THR n 
1 67  GLU n 
1 68  PHE n 
1 69  VAL n 
1 70  ALA n 
1 71  ASP n 
1 72  MET n 
1 73  THR n 
1 74  LYS n 
1 75  ILE n 
1 76  PHE n 
1 77  ASP n 
1 78  ASN n 
1 79  CYS n 
1 80  ARG n 
1 81  TYR n 
1 82  TYR n 
1 83  ASN n 
1 84  PRO n 
1 85  SER n 
1 86  ASP n 
1 87  SER n 
1 88  PRO n 
1 89  PHE n 
1 90  TYR n 
1 91  GLN n 
1 92  CYS n 
1 93  ALA n 
1 94  GLU n 
1 95  VAL n 
1 96  LEU n 
1 97  GLU n 
1 98  SER n 
1 99  PHE n 
1 100 PHE n 
1 101 VAL n 
1 102 GLN n 
1 103 LYS n 
1 104 LEU n 
1 105 LYS n 
1 106 GLY n 
1 107 PHE n 
1 108 LYS n 
# 
_entity_src_gen.entity_id                          1 
_entity_src_gen.pdbx_src_id                        1 
_entity_src_gen.pdbx_alt_source_flag               sample 
_entity_src_gen.pdbx_seq_type                      'Biological sequence' 
_entity_src_gen.pdbx_beg_seq_num                   1 
_entity_src_gen.pdbx_end_seq_num                   108 
_entity_src_gen.gene_src_common_name               Human 
_entity_src_gen.gene_src_genus                     ? 
_entity_src_gen.pdbx_gene_src_gene                 BPTF 
_entity_src_gen.gene_src_species                   ? 
_entity_src_gen.gene_src_strain                    ? 
_entity_src_gen.gene_src_tissue                    ? 
_entity_src_gen.gene_src_tissue_fraction           ? 
_entity_src_gen.gene_src_details                   ? 
_entity_src_gen.pdbx_gene_src_fragment             ? 
_entity_src_gen.pdbx_gene_src_scientific_name      'Homo sapiens' 
_entity_src_gen.pdbx_gene_src_ncbi_taxonomy_id     9606 
_entity_src_gen.pdbx_gene_src_variant              ? 
_entity_src_gen.pdbx_gene_src_cell_line            ? 
_entity_src_gen.pdbx_gene_src_atcc                 ? 
_entity_src_gen.pdbx_gene_src_organ                ? 
_entity_src_gen.pdbx_gene_src_organelle            ? 
_entity_src_gen.pdbx_gene_src_cell                 ? 
_entity_src_gen.pdbx_gene_src_cellular_location    ? 
_entity_src_gen.host_org_common_name               ? 
_entity_src_gen.pdbx_host_org_scientific_name      'Escherichia coli' 
_entity_src_gen.pdbx_host_org_ncbi_taxonomy_id     562 
_entity_src_gen.host_org_genus                     ? 
_entity_src_gen.pdbx_host_org_gene                 ? 
_entity_src_gen.pdbx_host_org_organ                ? 
_entity_src_gen.host_org_species                   ? 
_entity_src_gen.pdbx_host_org_tissue               ? 
_entity_src_gen.pdbx_host_org_tissue_fraction      ? 
_entity_src_gen.pdbx_host_org_strain               ? 
_entity_src_gen.pdbx_host_org_variant              ? 
_entity_src_gen.pdbx_host_org_cell_line            ? 
_entity_src_gen.pdbx_host_org_atcc                 ? 
_entity_src_gen.pdbx_host_org_culture_collection   ? 
_entity_src_gen.pdbx_host_org_cell                 ? 
_entity_src_gen.pdbx_host_org_organelle            ? 
_entity_src_gen.pdbx_host_org_cellular_location    ? 
_entity_src_gen.pdbx_host_org_vector_type          ? 
_entity_src_gen.pdbx_host_org_vector               ? 
_entity_src_gen.host_org_details                   ? 
_entity_src_gen.expression_system_id               ? 
_entity_src_gen.plasmid_name                       ? 
_entity_src_gen.plasmid_details                    ? 
_entity_src_gen.pdbx_description                   ? 
# 
_struct_ref.id                         1 
_struct_ref.db_name                    UNP 
_struct_ref.db_code                    J3QQQ8_HUMAN 
_struct_ref.pdbx_db_accession          J3QQQ8 
_struct_ref.pdbx_db_isoform            ? 
_struct_ref.entity_id                  1 
_struct_ref.pdbx_seq_one_letter_code   
;LTPLTEKDYEGLKRVLRSLQAHKMAWPFLEPVDPNDAPDYYGVIKEPMDLATMEERVQRRYYEKLTEFVADMTKIFDNCR
YYNPSDSPFYQCAEVLESFFVQKLKGFK
;
_struct_ref.pdbx_align_begin           309 
# 
_struct_ref_seq.align_id                      1 
_struct_ref_seq.ref_id                        1 
_struct_ref_seq.pdbx_PDB_id_code              7F5C 
_struct_ref_seq.pdbx_strand_id                A 
_struct_ref_seq.seq_align_beg                 1 
_struct_ref_seq.pdbx_seq_align_beg_ins_code   ? 
_struct_ref_seq.seq_align_end                 108 
_struct_ref_seq.pdbx_seq_align_end_ins_code   ? 
_struct_ref_seq.pdbx_db_accession             J3QQQ8 
_struct_ref_seq.db_align_beg                  309 
_struct_ref_seq.pdbx_db_align_beg_ins_code    ? 
_struct_ref_seq.db_align_end                  416 
_struct_ref_seq.pdbx_db_align_end_ins_code    ? 
_struct_ref_seq.pdbx_auth_seq_align_beg       66 
_struct_ref_seq.pdbx_auth_seq_align_end       173 
# 
loop_
_chem_comp.id 
_chem_comp.type 
_chem_comp.mon_nstd_flag 
_chem_comp.name 
_chem_comp.pdbx_synonyms 
_chem_comp.formula 
_chem_comp.formula_weight 
ALA 'L-peptide linking' y ALANINE                                                                                 ? 'C3 H7 N O2' 
89.093  
ARG 'L-peptide linking' y ARGININE                                                                                ? 
'C6 H15 N4 O2 1'  175.209 
ASN 'L-peptide linking' y ASPARAGINE                                                                              ? 'C4 H8 N2 O3' 
132.118 
ASP 'L-peptide linking' y 'ASPARTIC ACID'                                                                         ? 'C4 H7 N O4' 
133.103 
CYS 'L-peptide linking' y CYSTEINE                                                                                ? 'C3 H7 N O2 S' 
121.158 
EUU non-polymer         . '6-[1-[3-(dimethylamino)propyl]indol-5-yl]-2-methylsulfonyl-N-propyl-pyrimidin-4-amine' ? 
'C21 H29 N5 O2 S' 415.552 
GLN 'L-peptide linking' y GLUTAMINE                                                                               ? 'C5 H10 N2 O3' 
146.144 
GLU 'L-peptide linking' y 'GLUTAMIC ACID'                                                                         ? 'C5 H9 N O4' 
147.129 
GLY 'peptide linking'   y GLYCINE                                                                                 ? 'C2 H5 N O2' 
75.067  
HIS 'L-peptide linking' y HISTIDINE                                                                               ? 
'C6 H10 N3 O2 1'  156.162 
HOH non-polymer         . WATER                                                                                   ? 'H2 O' 18.015  
ILE 'L-peptide linking' y ISOLEUCINE                                                                              ? 'C6 H13 N O2' 
131.173 
LEU 'L-peptide linking' y LEUCINE                                                                                 ? 'C6 H13 N O2' 
131.173 
LYS 'L-peptide linking' y LYSINE                                                                                  ? 
'C6 H15 N2 O2 1'  147.195 
MET 'L-peptide linking' y METHIONINE                                                                              ? 
'C5 H11 N O2 S'   149.211 
PHE 'L-peptide linking' y PHENYLALANINE                                                                           ? 'C9 H11 N O2' 
165.189 
PRO 'L-peptide linking' y PROLINE                                                                                 ? 'C5 H9 N O2' 
115.130 
SER 'L-peptide linking' y SERINE                                                                                  ? 'C3 H7 N O3' 
105.093 
THR 'L-peptide linking' y THREONINE                                                                               ? 'C4 H9 N O3' 
119.119 
TRP 'L-peptide linking' y TRYPTOPHAN                                                                              ? 
'C11 H12 N2 O2'   204.225 
TYR 'L-peptide linking' y TYROSINE                                                                                ? 'C9 H11 N O3' 
181.189 
VAL 'L-peptide linking' y VALINE                                                                                  ? 'C5 H11 N O2' 
117.146 
# 
_exptl.absorpt_coefficient_mu     ? 
_exptl.absorpt_correction_T_max   ? 
_exptl.absorpt_correction_T_min   ? 
_exptl.absorpt_correction_type    ? 
_exptl.absorpt_process_details    ? 
_exptl.entry_id                   7F5C 
_exptl.crystals_number            1 
_exptl.details                    ? 
_exptl.method                     'X-RAY DIFFRACTION' 
_exptl.method_details             ? 
# 
_exptl_crystal.colour                      ? 
_exptl_crystal.density_diffrn              ? 
_exptl_crystal.density_Matthews            2.25 
_exptl_crystal.density_method              ? 
_exptl_crystal.density_percent_sol         45.32 
_exptl_crystal.description                 ? 
_exptl_crystal.F_000                       ? 
_exptl_crystal.id                          1 
_exptl_crystal.preparation                 ? 
_exptl_crystal.size_max                    ? 
_exptl_crystal.size_mid                    ? 
_exptl_crystal.size_min                    ? 
_exptl_crystal.size_rad                    ? 
_exptl_crystal.colour_lustre               ? 
_exptl_crystal.colour_modifier             ? 
_exptl_crystal.colour_primary              ? 
_exptl_crystal.density_meas                ? 
_exptl_crystal.density_meas_esd            ? 
_exptl_crystal.density_meas_gt             ? 
_exptl_crystal.density_meas_lt             ? 
_exptl_crystal.density_meas_temp           ? 
_exptl_crystal.density_meas_temp_esd       ? 
_exptl_crystal.density_meas_temp_gt        ? 
_exptl_crystal.density_meas_temp_lt        ? 
_exptl_crystal.pdbx_crystal_image_url      ? 
_exptl_crystal.pdbx_crystal_image_format   ? 
_exptl_crystal.pdbx_mosaicity              ? 
_exptl_crystal.pdbx_mosaicity_esd          ? 
# 
_exptl_crystal_grow.apparatus       ? 
_exptl_crystal_grow.atmosphere      ? 
_exptl_crystal_grow.crystal_id      1 
_exptl_crystal_grow.details         ? 
_exptl_crystal_grow.method          'VAPOR DIFFUSION, SITTING DROP' 
_exptl_crystal_grow.method_ref      ? 
_exptl_crystal_grow.pH              8.5 
_exptl_crystal_grow.pressure        ? 
_exptl_crystal_grow.pressure_esd    ? 
_exptl_crystal_grow.seeding         ? 
_exptl_crystal_grow.seeding_ref     ? 
_exptl_crystal_grow.temp            289 
_exptl_crystal_grow.temp_details    ? 
_exptl_crystal_grow.temp_esd        ? 
_exptl_crystal_grow.time            ? 
_exptl_crystal_grow.pdbx_details    '0.2 M Lithium sulfate monohydrate, 0.1 M Tris pH 8.5, 25% PEG 3350' 
_exptl_crystal_grow.pdbx_pH_range   ? 
# 
_diffrn.ambient_environment              ? 
_diffrn.ambient_temp                     100 
_diffrn.ambient_temp_details             ? 
_diffrn.ambient_temp_esd                 ? 
_diffrn.crystal_id                       1 
_diffrn.crystal_support                  ? 
_diffrn.crystal_treatment                ? 
_diffrn.details                          ? 
_diffrn.id                               1 
_diffrn.ambient_pressure                 ? 
_diffrn.ambient_pressure_esd             ? 
_diffrn.ambient_pressure_gt              ? 
_diffrn.ambient_pressure_lt              ? 
_diffrn.ambient_temp_gt                  ? 
_diffrn.ambient_temp_lt                  ? 
_diffrn.pdbx_serial_crystal_experiment   N 
# 
_diffrn_detector.details                      ? 
_diffrn_detector.detector                     PIXEL 
_diffrn_detector.diffrn_id                    1 
_diffrn_detector.type                         'DECTRIS PILATUS 6M' 
_diffrn_detector.area_resol_mean              ? 
_diffrn_detector.dtime                        ? 
_diffrn_detector.pdbx_frames_total            ? 
_diffrn_detector.pdbx_collection_time_total   ? 
_diffrn_detector.pdbx_collection_date         2021-06-18 
_diffrn_detector.pdbx_frequency               ? 
# 
_diffrn_radiation.collimation                      ? 
_diffrn_radiation.diffrn_id                        1 
_diffrn_radiation.filter_edge                      ? 
_diffrn_radiation.inhomogeneity                    ? 
_diffrn_radiation.monochromator                    ? 
_diffrn_radiation.polarisn_norm                    ? 
_diffrn_radiation.polarisn_ratio                   ? 
_diffrn_radiation.probe                            ? 
_diffrn_radiation.type                             ? 
_diffrn_radiation.xray_symbol                      ? 
_diffrn_radiation.wavelength_id                    1 
_diffrn_radiation.pdbx_monochromatic_or_laue_m_l   M 
_diffrn_radiation.pdbx_wavelength_list             ? 
_diffrn_radiation.pdbx_wavelength                  ? 
_diffrn_radiation.pdbx_diffrn_protocol             'SINGLE WAVELENGTH' 
_diffrn_radiation.pdbx_analyzer                    ? 
_diffrn_radiation.pdbx_scattering_type             x-ray 
# 
_diffrn_radiation_wavelength.id           1 
_diffrn_radiation_wavelength.wavelength   0.98 
_diffrn_radiation_wavelength.wt           1.0 
# 
_diffrn_source.current                     ? 
_diffrn_source.details                     ? 
_diffrn_source.diffrn_id                   1 
_diffrn_source.power                       ? 
_diffrn_source.size                        ? 
_diffrn_source.source                      SYNCHROTRON 
_diffrn_source.target                      ? 
_diffrn_source.type                        'SSRF BEAMLINE BL19U1' 
_diffrn_source.voltage                     ? 
_diffrn_source.take-off_angle              ? 
_diffrn_source.pdbx_wavelength_list        0.98 
_diffrn_source.pdbx_wavelength             ? 
_diffrn_source.pdbx_synchrotron_beamline   BL19U1 
_diffrn_source.pdbx_synchrotron_site       SSRF 
# 
_reflns.B_iso_Wilson_estimate                          12.7078791478 
_reflns.entry_id                                       7F5C 
_reflns.data_reduction_details                         ? 
_reflns.data_reduction_method                          ? 
_reflns.d_resolution_high                              1.65 
_reflns.d_resolution_low                               40 
_reflns.details                                        ? 
_reflns.limit_h_max                                    ? 
_reflns.limit_h_min                                    ? 
_reflns.limit_k_max                                    ? 
_reflns.limit_k_min                                    ? 
_reflns.limit_l_max                                    ? 
_reflns.limit_l_min                                    ? 
_reflns.number_all                                     ? 
_reflns.number_obs                                     13478 
_reflns.observed_criterion                             ? 
_reflns.observed_criterion_F_max                       ? 
_reflns.observed_criterion_F_min                       ? 
_reflns.observed_criterion_I_max                       ? 
_reflns.observed_criterion_I_min                       ? 
_reflns.observed_criterion_sigma_F                     ? 
_reflns.observed_criterion_sigma_I                     ? 
_reflns.percent_possible_obs                           95.4 
_reflns.R_free_details                                 ? 
_reflns.Rmerge_F_all                                   ? 
_reflns.Rmerge_F_obs                                   ? 
_reflns.Friedel_coverage                               ? 
_reflns.number_gt                                      ? 
_reflns.threshold_expression                           ? 
_reflns.pdbx_redundancy                                6.2 
_reflns.pdbx_Rmerge_I_obs                              ? 
_reflns.pdbx_Rmerge_I_all                              ? 
_reflns.pdbx_Rsym_value                                0.072 
_reflns.pdbx_netI_over_av_sigmaI                       ? 
_reflns.pdbx_netI_over_sigmaI                          95.5 
_reflns.pdbx_res_netI_over_av_sigmaI_2                 ? 
_reflns.pdbx_res_netI_over_sigmaI_2                    ? 
_reflns.pdbx_chi_squared                               ? 
_reflns.pdbx_scaling_rejects                           ? 
_reflns.pdbx_d_res_high_opt                            ? 
_reflns.pdbx_d_res_low_opt                             ? 
_reflns.pdbx_d_res_opt_method                          ? 
_reflns.phase_calculation_details                      ? 
_reflns.pdbx_Rrim_I_all                                0.317 
_reflns.pdbx_Rpim_I_all                                0.129 
_reflns.pdbx_d_opt                                     ? 
_reflns.pdbx_number_measured_all                       ? 
_reflns.pdbx_diffrn_id                                 1 
_reflns.pdbx_ordinal                                   1 
_reflns.pdbx_CC_half                                   0.957 
_reflns.pdbx_CC_star                                   0.989 
_reflns.pdbx_R_split                                   ? 
_reflns.pdbx_aniso_diffraction_limit_axis_1_ortho[1]   ? 
_reflns.pdbx_aniso_diffraction_limit_axis_1_ortho[2]   ? 
_reflns.pdbx_aniso_diffraction_limit_axis_1_ortho[3]   ? 
_reflns.pdbx_aniso_diffraction_limit_axis_2_ortho[1]   ? 
_reflns.pdbx_aniso_diffraction_limit_axis_2_ortho[2]   ? 
_reflns.pdbx_aniso_diffraction_limit_axis_2_ortho[3]   ? 
_reflns.pdbx_aniso_diffraction_limit_axis_3_ortho[1]   ? 
_reflns.pdbx_aniso_diffraction_limit_axis_3_ortho[2]   ? 
_reflns.pdbx_aniso_diffraction_limit_axis_3_ortho[3]   ? 
_reflns.pdbx_aniso_diffraction_limit_1                 ? 
_reflns.pdbx_aniso_diffraction_limit_2                 ? 
_reflns.pdbx_aniso_diffraction_limit_3                 ? 
_reflns.pdbx_aniso_B_tensor_eigenvector_1_ortho[1]     ? 
_reflns.pdbx_aniso_B_tensor_eigenvector_1_ortho[2]     ? 
_reflns.pdbx_aniso_B_tensor_eigenvector_1_ortho[3]     ? 
_reflns.pdbx_aniso_B_tensor_eigenvector_2_ortho[1]     ? 
_reflns.pdbx_aniso_B_tensor_eigenvector_2_ortho[2]     ? 
_reflns.pdbx_aniso_B_tensor_eigenvector_2_ortho[3]     ? 
_reflns.pdbx_aniso_B_tensor_eigenvector_3_ortho[1]     ? 
_reflns.pdbx_aniso_B_tensor_eigenvector_3_ortho[2]     ? 
_reflns.pdbx_aniso_B_tensor_eigenvector_3_ortho[3]     ? 
_reflns.pdbx_aniso_B_tensor_eigenvalue_1               ? 
_reflns.pdbx_aniso_B_tensor_eigenvalue_2               ? 
_reflns.pdbx_aniso_B_tensor_eigenvalue_3               ? 
_reflns.pdbx_orthogonalization_convention              ? 
_reflns.pdbx_percent_possible_ellipsoidal              ? 
_reflns.pdbx_percent_possible_spherical                ? 
_reflns.pdbx_percent_possible_ellipsoidal_anomalous    ? 
_reflns.pdbx_percent_possible_spherical_anomalous      ? 
_reflns.pdbx_redundancy_anomalous                      ? 
_reflns.pdbx_CC_half_anomalous                         ? 
_reflns.pdbx_absDiff_over_sigma_anomalous              ? 
_reflns.pdbx_percent_possible_anomalous                ? 
_reflns.pdbx_observed_signal_threshold                 ? 
_reflns.pdbx_signal_type                               ? 
_reflns.pdbx_signal_details                            ? 
_reflns.pdbx_signal_software_id                        ? 
# 
_reflns_shell.d_res_high                                    1.65 
_reflns_shell.d_res_low                                     1.709 
_reflns_shell.meanI_over_sigI_all                           ? 
_reflns_shell.meanI_over_sigI_obs                           ? 
_reflns_shell.number_measured_all                           ? 
_reflns_shell.number_measured_obs                           ? 
_reflns_shell.number_possible                               ? 
_reflns_shell.number_unique_all                             ? 
_reflns_shell.number_unique_obs                             13479 
_reflns_shell.percent_possible_all                          ? 
_reflns_shell.percent_possible_obs                          ? 
_reflns_shell.Rmerge_F_all                                  ? 
_reflns_shell.Rmerge_F_obs                                  ? 
_reflns_shell.Rmerge_I_all                                  ? 
_reflns_shell.Rmerge_I_obs                                  0.072 
_reflns_shell.meanI_over_sigI_gt                            ? 
_reflns_shell.meanI_over_uI_all                             ? 
_reflns_shell.meanI_over_uI_gt                              ? 
_reflns_shell.number_measured_gt                            ? 
_reflns_shell.number_unique_gt                              ? 
_reflns_shell.percent_possible_gt                           ? 
_reflns_shell.Rmerge_F_gt                                   ? 
_reflns_shell.Rmerge_I_gt                                   ? 
_reflns_shell.pdbx_redundancy                               ? 
_reflns_shell.pdbx_Rsym_value                               0.072 
_reflns_shell.pdbx_chi_squared                              ? 
_reflns_shell.pdbx_netI_over_sigmaI_all                     ? 
_reflns_shell.pdbx_netI_over_sigmaI_obs                     ? 
_reflns_shell.pdbx_Rrim_I_all                               0.078 
_reflns_shell.pdbx_Rpim_I_all                               0.030 
_reflns_shell.pdbx_rejects                                  ? 
_reflns_shell.pdbx_ordinal                                  1 
_reflns_shell.pdbx_diffrn_id                                1 
_reflns_shell.pdbx_CC_half                                  0.958 
_reflns_shell.pdbx_CC_star                                  0.997 
_reflns_shell.pdbx_R_split                                  ? 
_reflns_shell.pdbx_percent_possible_ellipsoidal             ? 
_reflns_shell.pdbx_percent_possible_spherical               ? 
_reflns_shell.pdbx_percent_possible_ellipsoidal_anomalous   ? 
_reflns_shell.pdbx_percent_possible_spherical_anomalous     ? 
_reflns_shell.pdbx_redundancy_anomalous                     ? 
_reflns_shell.pdbx_CC_half_anomalous                        ? 
_reflns_shell.pdbx_absDiff_over_sigma_anomalous             ? 
_reflns_shell.pdbx_percent_possible_anomalous               ? 
# 
_refine.aniso_B[1][1]                            ? 
_refine.aniso_B[1][2]                            ? 
_refine.aniso_B[1][3]                            ? 
_refine.aniso_B[2][2]                            ? 
_refine.aniso_B[2][3]                            ? 
_refine.aniso_B[3][3]                            ? 
_refine.B_iso_max                                ? 
_refine.B_iso_mean                               17.2090379212 
_refine.B_iso_min                                ? 
_refine.correlation_coeff_Fo_to_Fc               ? 
_refine.correlation_coeff_Fo_to_Fc_free          ? 
_refine.details                                  ? 
_refine.diff_density_max                         ? 
_refine.diff_density_max_esd                     ? 
_refine.diff_density_min                         ? 
_refine.diff_density_min_esd                     ? 
_refine.diff_density_rms                         ? 
_refine.diff_density_rms_esd                     ? 
_refine.entry_id                                 7F5C 
_refine.pdbx_refine_id                           'X-RAY DIFFRACTION' 
_refine.ls_abs_structure_details                 ? 
_refine.ls_abs_structure_Flack                   ? 
_refine.ls_abs_structure_Flack_esd               ? 
_refine.ls_abs_structure_Rogers                  ? 
_refine.ls_abs_structure_Rogers_esd              ? 
_refine.ls_d_res_high                            1.65004485921 
_refine.ls_d_res_low                             29.5328097045 
_refine.ls_extinction_coef                       ? 
_refine.ls_extinction_coef_esd                   ? 
_refine.ls_extinction_expression                 ? 
_refine.ls_extinction_method                     ? 
_refine.ls_goodness_of_fit_all                   ? 
_refine.ls_goodness_of_fit_all_esd               ? 
_refine.ls_goodness_of_fit_obs                   ? 
_refine.ls_goodness_of_fit_obs_esd               ? 
_refine.ls_hydrogen_treatment                    ? 
_refine.ls_matrix_type                           ? 
_refine.ls_number_constraints                    ? 
_refine.ls_number_parameters                     ? 
_refine.ls_number_reflns_all                     ? 
_refine.ls_number_reflns_obs                     13478 
_refine.ls_number_reflns_R_free                  684 
_refine.ls_number_reflns_R_work                  12794 
_refine.ls_number_restraints                     ? 
_refine.ls_percent_reflns_obs                    95.4127141441 
_refine.ls_percent_reflns_R_free                 5.07493693426 
_refine.ls_R_factor_all                          ? 
_refine.ls_R_factor_obs                          0.184575034066 
_refine.ls_R_factor_R_free                       0.216791998029 
_refine.ls_R_factor_R_free_error                 ? 
_refine.ls_R_factor_R_free_error_details         ? 
_refine.ls_R_factor_R_work                       0.182867528743 
_refine.ls_R_Fsqd_factor_obs                     ? 
_refine.ls_R_I_factor_obs                        ? 
_refine.ls_redundancy_reflns_all                 ? 
_refine.ls_redundancy_reflns_obs                 ? 
_refine.ls_restrained_S_all                      ? 
_refine.ls_restrained_S_obs                      ? 
_refine.ls_shift_over_esd_max                    ? 
_refine.ls_shift_over_esd_mean                   ? 
_refine.ls_structure_factor_coef                 ? 
_refine.ls_weighting_details                     ? 
_refine.ls_weighting_scheme                      ? 
_refine.ls_wR_factor_all                         ? 
_refine.ls_wR_factor_obs                         ? 
_refine.ls_wR_factor_R_free                      ? 
_refine.ls_wR_factor_R_work                      ? 
_refine.occupancy_max                            ? 
_refine.occupancy_min                            ? 
_refine.solvent_model_details                    'FLAT BULK SOLVENT MODEL' 
_refine.solvent_model_param_bsol                 ? 
_refine.solvent_model_param_ksol                 ? 
_refine.pdbx_R_complete                          ? 
_refine.ls_R_factor_gt                           ? 
_refine.ls_goodness_of_fit_gt                    ? 
_refine.ls_goodness_of_fit_ref                   ? 
_refine.ls_shift_over_su_max                     ? 
_refine.ls_shift_over_su_max_lt                  ? 
_refine.ls_shift_over_su_mean                    ? 
_refine.ls_shift_over_su_mean_lt                 ? 
_refine.pdbx_ls_sigma_I                          ? 
_refine.pdbx_ls_sigma_F                          1.38114905848 
_refine.pdbx_ls_sigma_Fsqd                       ? 
_refine.pdbx_data_cutoff_high_absF               ? 
_refine.pdbx_data_cutoff_high_rms_absF           ? 
_refine.pdbx_data_cutoff_low_absF                ? 
_refine.pdbx_isotropic_thermal_model             ? 
_refine.pdbx_ls_cross_valid_method               'FREE R-VALUE' 
_refine.pdbx_method_to_determine_struct          'MOLECULAR REPLACEMENT' 
_refine.pdbx_starting_model                      3QZT 
_refine.pdbx_stereochemistry_target_values       'GeoStd + Monomer Library + CDL v1.2' 
_refine.pdbx_R_Free_selection_details            ? 
_refine.pdbx_stereochem_target_val_spec_case     ? 
_refine.pdbx_overall_ESU_R                       ? 
_refine.pdbx_overall_ESU_R_Free                  ? 
_refine.pdbx_solvent_vdw_probe_radii             1.11 
_refine.pdbx_solvent_ion_probe_radii             ? 
_refine.pdbx_solvent_shrinkage_radii             0.9 
_refine.pdbx_real_space_R                        ? 
_refine.pdbx_density_correlation                 ? 
_refine.pdbx_pd_number_of_powder_patterns        ? 
_refine.pdbx_pd_number_of_points                 ? 
_refine.pdbx_pd_meas_number_of_points            ? 
_refine.pdbx_pd_proc_ls_prof_R_factor            ? 
_refine.pdbx_pd_proc_ls_prof_wR_factor           ? 
_refine.pdbx_pd_Marquardt_correlation_coeff      ? 
_refine.pdbx_pd_Fsqrd_R_factor                   ? 
_refine.pdbx_pd_ls_matrix_band_width             ? 
_refine.pdbx_overall_phase_error                 21.5564449971 
_refine.pdbx_overall_SU_R_free_Cruickshank_DPI   ? 
_refine.pdbx_overall_SU_R_free_Blow_DPI          ? 
_refine.pdbx_overall_SU_R_Blow_DPI               ? 
_refine.pdbx_TLS_residual_ADP_flag               ? 
_refine.pdbx_diffrn_id                           1 
_refine.overall_SU_B                             ? 
_refine.overall_SU_ML                            0.142474931923 
_refine.overall_SU_R_Cruickshank_DPI             ? 
_refine.overall_SU_R_free                        ? 
_refine.overall_FOM_free_R_set                   ? 
_refine.overall_FOM_work_R_set                   ? 
_refine.pdbx_average_fsc_overall                 ? 
_refine.pdbx_average_fsc_work                    ? 
_refine.pdbx_average_fsc_free                    ? 
# 
_refine_hist.pdbx_refine_id                   'X-RAY DIFFRACTION' 
_refine_hist.cycle_id                         LAST 
_refine_hist.details                          ? 
_refine_hist.d_res_high                       1.65004485921 
_refine_hist.d_res_low                        29.5328097045 
_refine_hist.number_atoms_solvent             132 
_refine_hist.number_atoms_total               1065 
_refine_hist.number_reflns_all                ? 
_refine_hist.number_reflns_obs                ? 
_refine_hist.number_reflns_R_free             ? 
_refine_hist.number_reflns_R_work             ? 
_refine_hist.R_factor_all                     ? 
_refine_hist.R_factor_obs                     ? 
_refine_hist.R_factor_R_free                  ? 
_refine_hist.R_factor_R_work                  ? 
_refine_hist.pdbx_number_residues_total       ? 
_refine_hist.pdbx_B_iso_mean_ligand           ? 
_refine_hist.pdbx_B_iso_mean_solvent          ? 
_refine_hist.pdbx_number_atoms_protein        904 
_refine_hist.pdbx_number_atoms_nucleic_acid   0 
_refine_hist.pdbx_number_atoms_ligand         29 
_refine_hist.pdbx_number_atoms_lipid          ? 
_refine_hist.pdbx_number_atoms_carb           ? 
_refine_hist.pdbx_pseudo_atom_details         ? 
# 
loop_
_refine_ls_restr.pdbx_refine_id 
_refine_ls_restr.criterion 
_refine_ls_restr.dev_ideal 
_refine_ls_restr.dev_ideal_target 
_refine_ls_restr.number 
_refine_ls_restr.rejects 
_refine_ls_restr.type 
_refine_ls_restr.weight 
_refine_ls_restr.pdbx_restraint_function 
'X-RAY DIFFRACTION' ? 0.00543739027199 ? 1009 ? f_bond_d           ? ? 
'X-RAY DIFFRACTION' ? 0.887705582434   ? 1378 ? f_angle_d          ? ? 
'X-RAY DIFFRACTION' ? 0.0462703971467  ? 139  ? f_chiral_restr     ? ? 
'X-RAY DIFFRACTION' ? 0.00538946196785 ? 176  ? f_plane_restr      ? ? 
'X-RAY DIFFRACTION' ? 18.012332252     ? 625  ? f_dihedral_angle_d ? ? 
# 
loop_
_refine_ls_shell.pdbx_refine_id 
_refine_ls_shell.d_res_high 
_refine_ls_shell.d_res_low 
_refine_ls_shell.number_reflns_all 
_refine_ls_shell.number_reflns_obs 
_refine_ls_shell.number_reflns_R_free 
_refine_ls_shell.number_reflns_R_work 
_refine_ls_shell.percent_reflns_obs 
_refine_ls_shell.percent_reflns_R_free 
_refine_ls_shell.R_factor_all 
_refine_ls_shell.R_factor_obs 
_refine_ls_shell.R_factor_R_free 
_refine_ls_shell.R_factor_R_free_error 
_refine_ls_shell.R_factor_R_work 
_refine_ls_shell.redundancy_reflns_all 
_refine_ls_shell.redundancy_reflns_obs 
_refine_ls_shell.wR_factor_all 
_refine_ls_shell.wR_factor_obs 
_refine_ls_shell.wR_factor_R_free 
_refine_ls_shell.wR_factor_R_work 
_refine_ls_shell.pdbx_R_complete 
_refine_ls_shell.pdbx_total_number_of_bins_used 
_refine_ls_shell.pdbx_phase_error 
_refine_ls_shell.pdbx_fsc_work 
_refine_ls_shell.pdbx_fsc_free 
'X-RAY DIFFRACTION' 1.7    1.7774 . . 117 2148 81.4162473041 . . . 0.242826673481 . 0.183945612253 . . . . . . . . . . . 
'X-RAY DIFFRACTION' 1.7774 1.9563 . . 154 2544 95.6737588652 . . . 0.225079304867 . 0.177381236697 . . . . . . . . . . . 
'X-RAY DIFFRACTION' 1.9563 2.2393 . . 131 2661 99.8926654741 . . . 0.187302685057 . 0.168221218226 . . . . . . . . . . . 
'X-RAY DIFFRACTION' 2.2393 2.8209 . . 123 2686 100.0         . . . 0.229999340737 . 0.183268540954 . . . . . . . . . . . 
'X-RAY DIFFRACTION' 2.8209 3.5531 . . 159 2755 99.8629198081 . . . 0.216250738589 . 0.190179960448 . . . . . . . . . . . 
# 
_struct.entry_id                     7F5C 
_struct.title                        'Crystal structure of BPTF-BRD with ligand DC-BPi-07 bound' 
_struct.pdbx_model_details           ? 
_struct.pdbx_formula_weight          ? 
_struct.pdbx_formula_weight_method   ? 
_struct.pdbx_model_type_details      ? 
_struct.pdbx_CASP_flag               N 
# 
_struct_keywords.entry_id        7F5C 
_struct_keywords.text            
'BPTF Bromodomain, Lysine acetylation, small-molecule inhibitor, BIOSYNTHETIC PROTEIN, ANTITUMOR PROTEIN' 
_struct_keywords.pdbx_keywords   'ANTITUMOR PROTEIN' 
# 
loop_
_struct_asym.id 
_struct_asym.pdbx_blank_PDB_chainid_flag 
_struct_asym.pdbx_modified 
_struct_asym.entity_id 
_struct_asym.details 
A N N 1 ? 
B N N 2 ? 
C N N 3 ? 
# 
loop_
_struct_conf.conf_type_id 
_struct_conf.id 
_struct_conf.pdbx_PDB_helix_id 
_struct_conf.beg_label_comp_id 
_struct_conf.beg_label_asym_id 
_struct_conf.beg_label_seq_id 
_struct_conf.pdbx_beg_PDB_ins_code 
_struct_conf.end_label_comp_id 
_struct_conf.end_label_asym_id 
_struct_conf.end_label_seq_id 
_struct_conf.pdbx_end_PDB_ins_code 
_struct_conf.beg_auth_comp_id 
_struct_conf.beg_auth_asym_id 
_struct_conf.beg_auth_seq_id 
_struct_conf.end_auth_comp_id 
_struct_conf.end_auth_asym_id 
_struct_conf.end_auth_seq_id 
_struct_conf.pdbx_PDB_helix_class 
_struct_conf.details 
_struct_conf.pdbx_PDB_helix_length 
HELX_P HELX_P1 AA1 THR A 5  ? HIS A 22  ? THR A 70  HIS A 87  1 ? 18 
HELX_P HELX_P2 AA2 ALA A 25 ? LEU A 29  ? ALA A 90  LEU A 94  5 ? 5  
HELX_P HELX_P3 AA3 ASP A 33 ? ALA A 37  ? ASP A 98  ALA A 102 5 ? 5  
HELX_P HELX_P4 AA4 ASP A 39 ? ILE A 44  ? ASP A 104 ILE A 109 1 ? 6  
HELX_P HELX_P5 AA5 ASP A 49 ? ARG A 59  ? ASP A 114 ARG A 124 1 ? 11 
HELX_P HELX_P6 AA6 LYS A 64 ? ASN A 83  ? LYS A 129 ASN A 148 1 ? 20 
HELX_P HELX_P7 AA7 SER A 87 ? PHE A 107 ? SER A 152 PHE A 172 1 ? 21 
# 
_struct_conf_type.id          HELX_P 
_struct_conf_type.criteria    ? 
_struct_conf_type.reference   ? 
# 
_atom_sites.entry_id                    7F5C 
_atom_sites.Cartn_transf_matrix[1][1]   ? 
_atom_sites.Cartn_transf_matrix[1][2]   ? 
_atom_sites.Cartn_transf_matrix[1][3]   ? 
_atom_sites.Cartn_transf_matrix[2][1]   ? 
_atom_sites.Cartn_transf_matrix[2][2]   ? 
_atom_sites.Cartn_transf_matrix[2][3]   ? 
_atom_sites.Cartn_transf_matrix[3][1]   ? 
_atom_sites.Cartn_transf_matrix[3][2]   ? 
_atom_sites.Cartn_transf_matrix[3][3]   ? 
_atom_sites.Cartn_transf_vector[1]      ? 
_atom_sites.Cartn_transf_vector[2]      ? 
_atom_sites.Cartn_transf_vector[3]      ? 
_atom_sites.fract_transf_matrix[1][1]   0.00116663 
_atom_sites.fract_transf_matrix[1][2]   -0.00891768 
_atom_sites.fract_transf_matrix[1][3]   0.00122607 
_atom_sites.fract_transf_matrix[2][1]   -0.03652484 
_atom_sites.fract_transf_matrix[2][2]   -0.00476963 
_atom_sites.fract_transf_matrix[2][3]   0.00006285 
_atom_sites.fract_transf_matrix[3][1]   0.00088747 
_atom_sites.fract_transf_matrix[3][2]   -0.00712685 
_atom_sites.fract_transf_matrix[3][3]   -0.02510284 
_atom_sites.fract_transf_vector[1]      0.132282 
_atom_sites.fract_transf_vector[2]      -0.023510 
_atom_sites.fract_transf_vector[3]      0.492335 
_atom_sites.solution_primary            ? 
_atom_sites.solution_secondary          ? 
_atom_sites.solution_hydrogens          ? 
_atom_sites.special_details             ? 
# 
loop_
_atom_type.symbol 
_atom_type.scat_dispersion_real 
_atom_type.scat_dispersion_imag 
_atom_type.scat_Cromer_Mann_a1 
_atom_type.scat_Cromer_Mann_a2 
_atom_type.scat_Cromer_Mann_b1 
_atom_type.scat_Cromer_Mann_b2 
_atom_type.scat_Cromer_Mann_c 
_atom_type.scat_source 
_atom_type.scat_dispersion_source 
C   ? ? 3.54356 2.42580 25.62398 1.50364  0.0 
;2-Gaussian fit: Grosse-Kunstleve RW, Sauter NK, Adams PD: Newsletter of the IUCr Commission on Crystallographic Computing 2004, 3, 22-31.
;
? 
H   ? ? 0.51345 0.48472 24.73122 6.32584  0.0 
;2-Gaussian fit: Grosse-Kunstleve RW, Sauter NK, Adams PD: Newsletter of the IUCr Commission on Crystallographic Computing 2004, 3, 22-31.
;
? 
N   ? ? 4.01032 2.96436 19.97189 1.75589  0.0 
;2-Gaussian fit: Grosse-Kunstleve RW, Sauter NK, Adams PD: Newsletter of the IUCr Commission on Crystallographic Computing 2004, 3, 22-31.
;
? 
O   ? ? 4.49882 3.47563 15.80542 1.70748  0.0 
;2-Gaussian fit: Grosse-Kunstleve RW, Sauter NK, Adams PD: Newsletter of the IUCr Commission on Crystallographic Computing 2004, 3, 22-31.
;
? 
O1- ? ? 5.12366 3.84317 3.49406  27.47979 0.0 
;2-Gaussian fit: Grosse-Kunstleve RW, Sauter NK, Adams PD: Newsletter of the IUCr Commission on Crystallographic Computing 2004, 3, 22-31.
;
? 
S   ? ? 9.55732 6.39887 1.23737  29.19336 0.0 
;2-Gaussian fit: Grosse-Kunstleve RW, Sauter NK, Adams PD: Newsletter of the IUCr Commission on Crystallographic Computing 2004, 3, 22-31.
;
? 
# 
loop_
_atom_site.group_PDB 
_atom_site.id 
_atom_site.type_symbol 
_atom_site.label_atom_id 
_atom_site.label_alt_id 
_atom_site.label_comp_id 
_atom_site.label_asym_id 
_atom_site.label_entity_id 
_atom_site.label_seq_id 
_atom_site.pdbx_PDB_ins_code 
_atom_site.Cartn_x 
_atom_site.Cartn_y 
_atom_site.Cartn_z 
_atom_site.occupancy 
_atom_site.B_iso_or_equiv 
_atom_site.pdbx_formal_charge 
_atom_site.auth_seq_id 
_atom_site.auth_comp_id 
_atom_site.auth_asym_id 
_atom_site.auth_atom_id 
_atom_site.pdbx_PDB_model_num 
ATOM   1    N N   . LEU A 1 1   ? -1.11010  4.89063   17.90524  1.000 47.28141 ?  66  LEU A N   1 
ATOM   2    C CA  . LEU A 1 1   ? -2.17662  4.23960   18.64781  1.000 27.83772 ?  66  LEU A CA  1 
ATOM   3    C C   . LEU A 1 1   ? -1.68650  2.93127   19.29049  1.000 16.86213 ?  66  LEU A C   1 
ATOM   4    O O   . LEU A 1 1   ? -0.49635  2.78775   19.56548  1.000 18.08291 ?  66  LEU A O   1 
ATOM   5    C CB  . LEU A 1 1   ? -3.39446  4.01060   17.74371  1.000 20.47533 ?  66  LEU A CB  1 
ATOM   6    C CG  . LEU A 1 1   ? -3.38534  3.20207   16.44115  1.000 15.28595 ?  66  LEU A CG  1 
ATOM   7    C CD1 . LEU A 1 1   ? -4.63618  3.55031   15.62289  1.000 26.30643 ?  66  LEU A CD1 1 
ATOM   8    C CD2 . LEU A 1 1   ? -2.11213  3.37419   15.62013  1.000 11.82578 ?  66  LEU A CD2 1 
ATOM   9    N N   . THR A 1 2   ? -2.59788  1.99844   19.56258  1.000 16.97026 ?  67  THR A N   1 
ATOM   10   C CA  . THR A 1 2   ? -2.28201  0.92017   20.49122  1.000 17.29973 ?  67  THR A CA  1 
ATOM   11   C C   . THR A 1 2   ? -1.25059  -0.04150  19.90405  1.000 19.45043 ?  67  THR A C   1 
ATOM   12   O O   . THR A 1 2   ? -1.20919  -0.26106  18.68963  1.000 19.67293 ?  67  THR A O   1 
ATOM   13   C CB  . THR A 1 2   ? -3.53276  0.14007   20.87447  1.000 21.53725 ?  67  THR A CB  1 
ATOM   14   O OG1 . THR A 1 2   ? -4.16325  -0.35375  19.68854  1.000 25.32817 ?  67  THR A OG1 1 
ATOM   15   C CG2 . THR A 1 2   ? -4.50242  1.02937   21.62367  1.000 31.85677 ?  67  THR A CG2 1 
ATOM   16   N N   . PRO A 1 3   ? -0.40778  -0.62614  20.75160  1.000 17.51295 ?  68  PRO A N   1 
ATOM   17   C CA  . PRO A 1 3   ? 0.62041   -1.55040  20.25857  1.000 17.01913 ?  68  PRO A CA  1 
ATOM   18   C C   . PRO A 1 3   ? 0.01098   -2.73732  19.52230  1.000 16.38506 ?  68  PRO A C   1 
ATOM   19   O O   . PRO A 1 3   ? -0.99732  -3.30951  19.94005  1.000 19.15156 ?  68  PRO A O   1 
ATOM   20   C CB  . PRO A 1 3   ? 1.33928   -1.99060  21.53940  1.000 23.81921 ?  68  PRO A CB  1 
ATOM   21   C CG  . PRO A 1 3   ? 1.12808   -0.83918  22.48976  1.000 19.38448 ?  68  PRO A CG  1 
ATOM   22   C CD  . PRO A 1 3   ? -0.23996  -0.30774  22.18163  1.000 20.11373 ?  68  PRO A CD  1 
ATOM   23   N N   . LEU A 1 4   ? 0.63519   -3.10986  18.41372  1.000 16.19886 ?  69  LEU A N   1 
ATOM   24   C CA  . LEU A 1 4   ? 0.15536   -4.24017  17.63554  1.000 13.15186 ?  69  LEU A CA  1 
ATOM   25   C C   . LEU A 1 4   ? 0.51878   -5.55527  18.31868  1.000 15.17224 ?  69  LEU A C   1 
ATOM   26   O O   . LEU A 1 4   ? 1.67000   -5.75818  18.71942  1.000 20.01239 ?  69  LEU A O   1 
ATOM   27   C CB  . LEU A 1 4   ? 0.75003   -4.19355  16.22975  1.000 14.42628 ?  69  LEU A CB  1 
ATOM   28   C CG  . LEU A 1 4   ? 0.26413   -3.00298  15.40869  1.000 14.16718 ?  69  LEU A CG  1 
ATOM   29   C CD1 . LEU A 1 4   ? 1.08057   -2.83265  14.12239  1.000 16.45845 ?  69  LEU A CD1 1 
ATOM   30   C CD2 . LEU A 1 4   ? -1.22550  -3.19003  15.09420  1.000 15.40127 ?  69  LEU A CD2 1 
ATOM   31   N N   . THR A 1 5   ? -0.46276  -6.45214  18.42791  1.000 13.76077 ?  70  THR A N   1 
ATOM   32   C CA  . THR A 1 5   ? -0.26196  -7.78383  18.97986  1.000 17.07115 ?  70  THR A CA  1 
ATOM   33   C C   . THR A 1 5   ? 0.06926   -8.76749  17.86528  1.000 20.09165 ?  70  THR A C   1 
ATOM   34   O O   . THR A 1 5   ? -0.02597  -8.45435  16.67846  1.000 14.37140 ?  70  THR A O   1 
ATOM   35   C CB  . THR A 1 5   ? -1.51500  -8.26275  19.71194  1.000 19.69638 ?  70  THR A CB  1 
ATOM   36   O OG1 . THR A 1 5   ? -2.57107  -8.43927  18.75759  1.000 17.78300 ?  70  THR A OG1 1 
ATOM   37   C CG2 . THR A 1 5   ? -1.94959  -7.25446  20.77409  1.000 22.07517 ?  70  THR A CG2 1 
ATOM   38   N N   . GLU A 1 6   ? 0.44339   -9.98839  18.25218  1.000 19.99287 ?  71  GLU A N   1 
ATOM   39   C CA  A GLU A 1 6   ? 0.63387   -11.01563 17.23521  0.512 20.61088 ?  71  GLU A CA  1 
ATOM   40   C CA  B GLU A 1 6   ? 0.62502   -11.04503 17.26070  0.488 20.62299 ?  71  GLU A CA  1 
ATOM   41   C C   . GLU A 1 6   ? -0.65907  -11.27844 16.47549  1.000 20.34454 ?  71  GLU A C   1 
ATOM   42   O O   . GLU A 1 6   ? -0.63280  -11.46442 15.25144  1.000 15.13820 ?  71  GLU A O   1 
ATOM   43   C CB  A GLU A 1 6   ? 1.17510   -12.30457 17.85292  0.512 24.23058 ?  71  GLU A CB  1 
ATOM   44   C CB  B GLU A 1 6   ? 1.07977   -12.33672 17.94660  0.488 24.04831 ?  71  GLU A CB  1 
ATOM   45   C CG  A GLU A 1 6   ? 2.59106   -12.63194 17.38578  0.512 23.15096 ?  71  GLU A CG  1 
ATOM   46   C CG  B GLU A 1 6   ? 2.38919   -12.21587 18.71672  0.488 24.77018 ?  71  GLU A CG  1 
ATOM   47   C CD  A GLU A 1 6   ? 2.82542   -12.32106 15.90558  0.512 29.13529 ?  71  GLU A CD  1 
ATOM   48   C CD  B GLU A 1 6   ? 2.22656   -11.50273 20.04769  0.488 28.53566 ?  71  GLU A CD  1 
ATOM   49   O OE1 A GLU A 1 6   ? 2.02219   -12.76073 15.04667  0.512 29.48163 ?  71  GLU A OE1 1 
ATOM   50   O OE1 B GLU A 1 6   ? 1.07378   -11.21572 20.43766  0.488 30.70244 ?  71  GLU A OE1 1 
ATOM   51   O OE2 A GLU A 1 6   ? 3.82188   -11.62745 15.60346  0.512 29.04594 -1 71  GLU A OE2 1 
ATOM   52   O OE2 B GLU A 1 6   ? 3.25403   -11.22813 20.70215  0.488 44.71230 -1 71  GLU A OE2 1 
ATOM   53   N N   . LYS A 1 7   ? -1.80186  -11.27675 17.17131  1.000 16.45421 ?  72  LYS A N   1 
ATOM   54   C CA  . LYS A 1 7   ? -3.07646  -11.44893 16.48444  1.000 16.26228 ?  72  LYS A CA  1 
ATOM   55   C C   . LYS A 1 7   ? -3.33690  -10.29391 15.52601  1.000 19.77455 ?  72  LYS A C   1 
ATOM   56   O O   . LYS A 1 7   ? -3.80626  -10.50299 14.40092  1.000 15.62131 ?  72  LYS A O   1 
ATOM   57   C CB  . LYS A 1 7   ? -4.21247  -11.57726 17.50107  1.000 23.25387 ?  72  LYS A CB  1 
ATOM   58   C CG  . LYS A 1 7   ? -5.54595  -11.96688 16.87461  1.000 33.98752 ?  72  LYS A CG  1 
ATOM   59   C CD  . LYS A 1 7   ? -6.64944  -12.09858 17.92186  1.000 52.25748 ?  72  LYS A CD  1 
ATOM   60   C CE  . LYS A 1 7   ? -7.91211  -12.72584 17.33553  1.000 61.23833 ?  72  LYS A CE  1 
ATOM   61   N NZ  . LYS A 1 7   ? -8.48177  -11.93327 16.20593  1.000 59.36818 1  72  LYS A NZ  1 
ATOM   62   N N   . ASP A 1 8   ? -3.02332  -9.06538  15.94633  1.000 16.89250 ?  73  ASP A N   1 
ATOM   63   C CA  . ASP A 1 8   ? -3.10834  -7.94233  15.01807  1.000 11.97318 ?  73  ASP A CA  1 
ATOM   64   C C   . ASP A 1 8   ? -2.27403  -8.20755  13.77705  1.000 15.58306 ?  73  ASP A C   1 
ATOM   65   O O   . ASP A 1 8   ? -2.68737  -7.87968  12.66096  1.000 11.77712 ?  73  ASP A O   1 
ATOM   66   C CB  . ASP A 1 8   ? -2.62439  -6.64636  15.67426  1.000 14.76372 ?  73  ASP A CB  1 
ATOM   67   C CG  . ASP A 1 8   ? -3.57141  -6.11788  16.71596  1.000 20.82541 ?  73  ASP A CG  1 
ATOM   68   O OD1 . ASP A 1 8   ? -4.79119  -6.34234  16.59661  1.000 16.31331 ?  73  ASP A OD1 1 
ATOM   69   O OD2 . ASP A 1 8   ? -3.08184  -5.43605  17.64374  1.000 19.30898 -1 73  ASP A OD2 1 
ATOM   70   N N   . TYR A 1 9   ? -1.07399  -8.76024  13.95185  1.000 12.81717 ?  74  TYR A N   1 
ATOM   71   C CA  . TYR A 1 9   ? -0.20820  -8.95090  12.79219  1.000 11.48649 ?  74  TYR A CA  1 
ATOM   72   C C   . TYR A 1 9   ? -0.80030  -9.94378  11.80314  1.000 10.22390 ?  74  TYR A C   1 
ATOM   73   O O   . TYR A 1 9   ? -0.58937  -9.80684  10.59582  1.000 12.51301 ?  74  TYR A O   1 
ATOM   74   C CB  . TYR A 1 9   ? 1.18574   -9.38770  13.23037  1.000 15.54481 ?  74  TYR A CB  1 
ATOM   75   C CG  . TYR A 1 9   ? 2.16660   -8.25963  13.11941  1.000 12.46893 ?  74  TYR A CG  1 
ATOM   76   C CD1 . TYR A 1 9   ? 2.87536   -8.05430  11.94252  1.000 13.48265 ?  74  TYR A CD1 1 
ATOM   77   C CD2 . TYR A 1 9   ? 2.35950   -7.37358  14.17065  1.000 15.20740 ?  74  TYR A CD2 1 
ATOM   78   C CE1 . TYR A 1 9   ? 3.75815   -7.00297  11.81960  1.000 12.28745 ?  74  TYR A CE1 1 
ATOM   79   C CE2 . TYR A 1 9   ? 3.24310   -6.32545  14.05992  1.000 12.12605 ?  74  TYR A CE2 1 
ATOM   80   C CZ  . TYR A 1 9   ? 3.94504   -6.15184  12.88023  1.000 12.22354 ?  74  TYR A CZ  1 
ATOM   81   O OH  . TYR A 1 9   ? 4.82660   -5.11186  12.75088  1.000 10.82448 ?  74  TYR A OH  1 
ATOM   82   N N   . GLU A 1 10  ? -1.51468  -10.96219 12.28468  1.000 10.20039 ?  75  GLU A N   1 
ATOM   83   C CA  . GLU A 1 10  ? -2.16988  -11.87467 11.34967  1.000 13.48422 ?  75  GLU A CA  1 
ATOM   84   C C   . GLU A 1 10  ? -3.22647  -11.14536 10.53378  1.000 15.58782 ?  75  GLU A C   1 
ATOM   85   O O   . GLU A 1 10  ? -3.37368  -11.38964 9.32845   1.000 13.42840 ?  75  GLU A O   1 
ATOM   86   C CB  . GLU A 1 10  ? -2.77105  -13.05857 12.10641  1.000 14.67462 ?  75  GLU A CB  1 
ATOM   87   C CG  . GLU A 1 10  ? -1.70442  -13.99675 12.64743  1.000 18.94184 ?  75  GLU A CG  1 
ATOM   88   C CD  . GLU A 1 10  ? -0.66824  -14.38013 11.59233  1.000 23.16561 ?  75  GLU A CD  1 
ATOM   89   O OE1 . GLU A 1 10  ? -1.06652  -14.83828 10.49670  1.000 25.49735 ?  75  GLU A OE1 1 
ATOM   90   O OE2 . GLU A 1 10  ? 0.54720   -14.21592 11.85344  1.000 28.09896 -1 75  GLU A OE2 1 
ATOM   91   N N   . GLY A 1 11  ? -3.95046  -10.22483 11.16823  1.000 12.63712 ?  76  GLY A N   1 
ATOM   92   C CA  . GLY A 1 11  ? -4.90387  -9.40568  10.43711  1.000 12.99277 ?  76  GLY A CA  1 
ATOM   93   C C   . GLY A 1 11  ? -4.24454  -8.48512  9.42804   1.000 13.94192 ?  76  GLY A C   1 
ATOM   94   O O   . GLY A 1 11  ? -4.78676  -8.25608  8.34201   1.000 12.75468 ?  76  GLY A O   1 
ATOM   95   N N   . LEU A 1 12  ? -3.08205  -7.91925  9.77742   1.000 11.59145 ?  77  LEU A N   1 
ATOM   96   C CA  . LEU A 1 12  ? -2.36061  -7.09423  8.80968   1.000 9.43903  ?  77  LEU A CA  1 
ATOM   97   C C   . LEU A 1 12  ? -1.89391  -7.92557  7.62351   1.000 9.78380  ?  77  LEU A C   1 
ATOM   98   O O   . LEU A 1 12  ? -1.93439  -7.46406  6.47709   1.000 10.69774 ?  77  LEU A O   1 
ATOM   99   C CB  . LEU A 1 12  ? -1.16118  -6.41498  9.46711   1.000 11.73635 ?  77  LEU A CB  1 
ATOM   100  C CG  . LEU A 1 12  ? -1.43464  -5.36348  10.54104  1.000 15.49004 ?  77  LEU A CG  1 
ATOM   101  C CD1 . LEU A 1 12  ? -0.11458  -4.80673  11.01730  1.000 16.85968 ?  77  LEU A CD1 1 
ATOM   102  C CD2 . LEU A 1 12  ? -2.32388  -4.27143  9.98455   1.000 17.58481 ?  77  LEU A CD2 1 
ATOM   103  N N   . LYS A 1 13  ? -1.43379  -9.15486  7.88069   1.000 8.14464  ?  78  LYS A N   1 
ATOM   104  C CA  . LYS A 1 13  ? -1.04188  -10.02289 6.77800   1.000 12.11376 ?  78  LYS A CA  1 
ATOM   105  C C   . LYS A 1 13  ? -2.21847  -10.27572 5.85890   1.000 10.66429 ?  78  LYS A C   1 
ATOM   106  O O   . LYS A 1 13  ? -2.06093  -10.29404 4.63278   1.000 10.79185 ?  78  LYS A O   1 
ATOM   107  C CB  . LYS A 1 13  ? -0.49368  -11.34921 7.30182   1.000 10.97505 ?  78  LYS A CB  1 
ATOM   108  C CG  . LYS A 1 13  ? 0.83417   -11.24181 8.01856   1.000 10.65318 ?  78  LYS A CG  1 
ATOM   109  C CD  . LYS A 1 13  ? 1.20197   -12.60691 8.60160   1.000 12.99108 ?  78  LYS A CD  1 
ATOM   110  C CE  . LYS A 1 13  ? 2.43189   -12.53082 9.49535   1.000 17.20922 ?  78  LYS A CE  1 
ATOM   111  N NZ  . LYS A 1 13  ? 2.66056   -13.86890 10.13637  1.000 18.02385 1  78  LYS A NZ  1 
ATOM   112  N N   . ARG A 1 14  ? -3.40477  -10.48789 6.44206   1.000 10.15154 ?  79  ARG A N   1 
ATOM   113  C CA  A ARG A 1 14  ? -4.60294  -10.73178 5.64604   0.586 13.52323 ?  79  ARG A CA  1 
ATOM   114  C CA  B ARG A 1 14  ? -4.60646  -10.72809 5.64917   0.414 13.52373 ?  79  ARG A CA  1 
ATOM   115  C C   . ARG A 1 14  ? -4.93698  -9.52551  4.77696   1.000 13.61508 ?  79  ARG A C   1 
ATOM   116  O O   . ARG A 1 14  ? -5.24708  -9.67021  3.58685   1.000 9.71589  ?  79  ARG A O   1 
ATOM   117  C CB  A ARG A 1 14  ? -5.77297  -11.08427 6.56943   0.586 16.00832 ?  79  ARG A CB  1 
ATOM   118  C CB  B ARG A 1 14  ? -5.78281  -11.05686 6.56979   0.414 16.00528 ?  79  ARG A CB  1 
ATOM   119  C CG  A ARG A 1 14  ? -7.05293  -11.51368 5.86950   0.586 19.50178 ?  79  ARG A CG  1 
ATOM   120  C CG  B ARG A 1 14  ? -7.07349  -11.37808 5.83946   0.414 19.46492 ?  79  ARG A CG  1 
ATOM   121  C CD  A ARG A 1 14  ? -8.15537  -11.86229 6.88808   0.586 17.31272 ?  79  ARG A CD  1 
ATOM   122  C CD  B ARG A 1 14  ? -8.26784  -10.62683 6.43232   0.414 22.74984 ?  79  ARG A CD  1 
ATOM   123  N NE  A ARG A 1 14  ? -7.82647  -13.05606 7.66510   0.586 23.18943 ?  79  ARG A NE  1 
ATOM   124  N NE  B ARG A 1 14  ? -8.37940  -10.77550 7.88219   0.414 20.52284 ?  79  ARG A NE  1 
ATOM   125  C CZ  A ARG A 1 14  ? -7.37223  -13.04918 8.91746   0.586 34.41218 ?  79  ARG A CZ  1 
ATOM   126  C CZ  B ARG A 1 14  ? -8.19686  -9.78817  8.75784   0.414 25.55255 ?  79  ARG A CZ  1 
ATOM   127  N NH1 A ARG A 1 14  ? -7.10406  -14.19695 9.52580   0.586 34.29796 1  79  ARG A NH1 1 
ATOM   128  N NH1 B ARG A 1 14  ? -7.89279  -8.56656  8.33669   0.414 17.42222 1  79  ARG A NH1 1 
ATOM   129  N NH2 A ARG A 1 14  ? -7.20255  -11.90603 9.57096   0.586 27.35566 ?  79  ARG A NH2 1 
ATOM   130  N NH2 B ARG A 1 14  ? -8.32776  -10.01838 10.06082  0.414 29.97777 ?  79  ARG A NH2 1 
ATOM   131  N N   . VAL A 1 15  ? -4.88467  -8.32261  5.35750   1.000 10.28827 ?  80  VAL A N   1 
ATOM   132  C CA  . VAL A 1 15  ? -5.18601  -7.11216  4.58771   1.000 9.98345  ?  80  VAL A CA  1 
ATOM   133  C C   . VAL A 1 15  ? -4.18136  -6.94446  3.45554   1.000 8.91910  ?  80  VAL A C   1 
ATOM   134  O O   . VAL A 1 15  ? -4.54967  -6.65745  2.30877   1.000 9.29974  ?  80  VAL A O   1 
ATOM   135  C CB  . VAL A 1 15  ? -5.20344  -5.87871  5.50783   1.000 13.78060 ?  80  VAL A CB  1 
ATOM   136  C CG1 . VAL A 1 15  ? -5.21367  -4.58354  4.68152   1.000 12.32662 ?  80  VAL A CG1 1 
ATOM   137  C CG2 . VAL A 1 15  ? -6.38891  -5.94299  6.45476   1.000 13.68879 ?  80  VAL A CG2 1 
ATOM   138  N N   . LEU A 1 16  ? -2.89374  -7.12276  3.76070   1.000 7.87989  ?  81  LEU A N   1 
ATOM   139  C CA  A LEU A 1 16  ? -1.87371  -6.95490  2.73201   0.979 8.92306  ?  81  LEU A CA  1 
ATOM   140  C CA  B LEU A 1 16  ? -1.86248  -6.96686  2.74059   0.021 9.03162  ?  81  LEU A CA  1 
ATOM   141  C C   . LEU A 1 16  ? -2.09293  -7.92490  1.57735   1.000 7.56193  ?  81  LEU A C   1 
ATOM   142  O O   . LEU A 1 16  ? -2.01344  -7.53309  0.40839   1.000 11.02852 ?  81  LEU A O   1 
ATOM   143  C CB  A LEU A 1 16  ? -0.48653  -7.12909  3.34100   0.979 11.65481 ?  81  LEU A CB  1 
ATOM   144  C CB  B LEU A 1 16  ? -0.48045  -7.18696  3.35674   0.021 11.57451 ?  81  LEU A CB  1 
ATOM   145  C CG  A LEU A 1 16  ? 0.72350   -6.80800  2.46655   0.979 12.54888 ?  81  LEU A CG  1 
ATOM   146  C CG  B LEU A 1 16  ? 0.61880   -6.21178  2.92942   0.021 11.99846 ?  81  LEU A CG  1 
ATOM   147  C CD1 A LEU A 1 16  ? 0.63595   -5.38785  1.88347   0.979 15.34585 ?  81  LEU A CD1 1 
ATOM   148  C CD1 B LEU A 1 16  ? 1.98357   -6.69410  3.40165   0.021 13.14889 ?  81  LEU A CD1 1 
ATOM   149  C CD2 A LEU A 1 16  ? 1.96911   -6.94630  3.33360   0.979 14.05788 ?  81  LEU A CD2 1 
ATOM   150  C CD2 B LEU A 1 16  ? 0.60627   -6.00211  1.42325   0.021 11.81091 ?  81  LEU A CD2 1 
ATOM   151  N N   . ARG A 1 17  ? -2.39361  -9.19746  1.88134   1.000 7.27151  ?  82  ARG A N   1 
ATOM   152  C CA  A ARG A 1 17  ? -2.59269  -10.17657 0.81352   0.562 9.16841  ?  82  ARG A CA  1 
ATOM   153  C CA  B ARG A 1 17  ? -2.58904  -10.17207 0.81172   0.438 9.18031  ?  82  ARG A CA  1 
ATOM   154  C C   . ARG A 1 17  ? -3.81414  -9.83487  -0.02784  1.000 10.41388 ?  82  ARG A C   1 
ATOM   155  O O   . ARG A 1 17  ? -3.81062  -10.04300 -1.24461  1.000 9.64853  ?  82  ARG A O   1 
ATOM   156  C CB  A ARG A 1 17  ? -2.73111  -11.58661 1.39267   0.562 10.49134 ?  82  ARG A CB  1 
ATOM   157  C CB  B ARG A 1 17  ? -2.70183  -11.57804 1.39972   0.438 10.51145 ?  82  ARG A CB  1 
ATOM   158  C CG  A ARG A 1 17  ? -1.43835  -12.19465 1.91132   0.562 10.11588 ?  82  ARG A CG  1 
ATOM   159  C CG  B ARG A 1 17  ? -1.46768  -11.99179 2.17769   0.438 10.61249 ?  82  ARG A CG  1 
ATOM   160  C CD  A ARG A 1 17  ? -1.65622  -13.67302 2.26515   0.562 13.26353 ?  82  ARG A CD  1 
ATOM   161  C CD  B ARG A 1 17  ? -1.59030  -13.41028 2.71559   0.438 12.64675 ?  82  ARG A CD  1 
ATOM   162  N NE  A ARG A 1 17  ? -2.80573  -13.85960 3.14884   0.562 11.85454 ?  82  ARG A NE  1 
ATOM   163  N NE  B ARG A 1 17  ? -0.30936  -13.88285 3.23012   0.438 18.49557 ?  82  ARG A NE  1 
ATOM   164  C CZ  A ARG A 1 17  ? -2.72590  -14.22833 4.42474   0.562 12.89560 ?  82  ARG A CZ  1 
ATOM   165  C CZ  B ARG A 1 17  ? -0.10200  -14.29439 4.47565   0.438 15.83304 ?  82  ARG A CZ  1 
ATOM   166  N NH1 A ARG A 1 17  ? -1.54137  -14.46722 4.97377   0.562 16.62724 1  82  ARG A NH1 1 
ATOM   167  N NH1 B ARG A 1 17  ? -1.09765  -14.31678 5.35007   0.438 17.39135 1  82  ARG A NH1 1 
ATOM   168  N NH2 A ARG A 1 17  ? -3.82955  -14.35867 5.15115   0.562 11.95363 ?  82  ARG A NH2 1 
ATOM   169  N NH2 B ARG A 1 17  ? 1.10747   -14.69447 4.84251   0.438 19.04825 ?  82  ARG A NH2 1 
ATOM   170  N N   . SER A 1 18  ? -4.87023  -9.32129  0.60666   1.000 6.61416  ?  83  SER A N   1 
ATOM   171  C CA  A SER A 1 18  ? -6.04449  -8.89296  -0.14431  0.160 8.62715  ?  83  SER A CA  1 
ATOM   172  C CA  B SER A 1 18  ? -6.04790  -8.88699  -0.13723  0.840 8.57820  ?  83  SER A CA  1 
ATOM   173  C C   . SER A 1 18  ? -5.68164  -7.79996  -1.13486  1.000 8.31531  ?  83  SER A C   1 
ATOM   174  O O   . SER A 1 18  ? -6.12956  -7.82321  -2.28822  1.000 9.65154  ?  83  SER A O   1 
ATOM   175  C CB  A SER A 1 18  ? -7.13570  -8.40471  0.80901   0.160 8.65422  ?  83  SER A CB  1 
ATOM   176  C CB  B SER A 1 18  ? -7.13147  -8.38391  0.82943   0.840 8.56723  ?  83  SER A CB  1 
ATOM   177  O OG  A SER A 1 18  ? -6.75196  -7.19996  1.44792   0.160 10.23644 ?  83  SER A OG  1 
ATOM   178  O OG  B SER A 1 18  ? -7.78986  -9.45917  1.50415   0.840 11.51042 ?  83  SER A OG  1 
ATOM   179  N N   . LEU A 1 19  ? -4.85902  -6.84381  -0.70839  1.000 8.14320  ?  84  LEU A N   1 
ATOM   180  C CA  A LEU A 1 19  ? -4.42042  -5.78407  -1.60775  0.319 8.45767  ?  84  LEU A CA  1 
ATOM   181  C CA  B LEU A 1 19  ? -4.44207  -5.78934  -1.62246  0.681 8.42544  ?  84  LEU A CA  1 
ATOM   182  C C   . LEU A 1 19  ? -3.58401  -6.35044  -2.74621  1.000 7.88061  ?  84  LEU A C   1 
ATOM   183  O O   . LEU A 1 19  ? -3.78705  -6.00418  -3.91313  1.000 8.99967  ?  84  LEU A O   1 
ATOM   184  C CB  A LEU A 1 19  ? -3.63238  -4.73659  -0.82222  0.319 10.15161 ?  84  LEU A CB  1 
ATOM   185  C CB  B LEU A 1 19  ? -3.70313  -4.69046  -0.86052  0.681 10.18959 ?  84  LEU A CB  1 
ATOM   186  C CG  A LEU A 1 19  ? -4.47364  -3.86011  0.10419   0.319 9.87845  ?  84  LEU A CG  1 
ATOM   187  C CG  B LEU A 1 19  ? -4.60799  -3.51531  -0.47146  0.681 12.21627 ?  84  LEU A CG  1 
ATOM   188  C CD1 A LEU A 1 19  ? -3.63366  -3.31996  1.24465   0.319 8.01649  ?  84  LEU A CD1 1 
ATOM   189  C CD1 B LEU A 1 19  ? -5.67899  -3.95657  0.52183   0.681 9.15021  ?  84  LEU A CD1 1 
ATOM   190  C CD2 A LEU A 1 19  ? -5.09420  -2.72563  -0.69850  0.319 10.63508 ?  84  LEU A CD2 1 
ATOM   191  C CD2 B LEU A 1 19  ? -3.78799  -2.35178  0.05995   0.681 14.57496 ?  84  LEU A CD2 1 
ATOM   192  N N   . GLN A 1 20  ? -2.63799  -7.23338  -2.41773  1.000 8.20851  ?  85  GLN A N   1 
ATOM   193  C CA  . GLN A 1 20  ? -1.75406  -7.78905  -3.43606  1.000 7.20130  ?  85  GLN A CA  1 
ATOM   194  C C   . GLN A 1 20  ? -2.50836  -8.60574  -4.48038  1.000 9.40471  ?  85  GLN A C   1 
ATOM   195  O O   . GLN A 1 20  ? -2.03505  -8.73702  -5.60835  1.000 10.45393 ?  85  GLN A O   1 
ATOM   196  C CB  . GLN A 1 20  ? -0.69210  -8.65262  -2.77353  1.000 7.69834  ?  85  GLN A CB  1 
ATOM   197  C CG  . GLN A 1 20  ? 0.31447   -7.83978  -1.94214  1.000 8.10069  ?  85  GLN A CG  1 
ATOM   198  C CD  . GLN A 1 20  ? 1.21662   -8.70844  -1.08155  1.000 11.89313 ?  85  GLN A CD  1 
ATOM   199  O OE1 . GLN A 1 20  ? 0.75283   -9.63399  -0.41491  1.000 12.10166 ?  85  GLN A OE1 1 
ATOM   200  N NE2 . GLN A 1 20  ? 2.51692   -8.39784  -1.07808  1.000 10.33245 ?  85  GLN A NE2 1 
ATOM   201  N N   . ALA A 1 21  ? -3.64647  -9.20126  -4.10917  1.000 8.00109  ?  86  ALA A N   1 
ATOM   202  C CA  . ALA A 1 21  ? -4.44189  -10.01943 -5.01366  1.000 10.40869 ?  86  ALA A CA  1 
ATOM   203  C C   . ALA A 1 21  ? -5.39758  -9.20087  -5.86364  1.000 12.05609 ?  86  ALA A C   1 
ATOM   204  O O   . ALA A 1 21  ? -5.97446  -9.74013  -6.81213  1.000 13.52018 ?  86  ALA A O   1 
ATOM   205  C CB  . ALA A 1 21  ? -5.24254  -11.05709 -4.21861  1.000 11.72527 ?  86  ALA A CB  1 
ATOM   206  N N   . HIS A 1 22  ? -5.58677  -7.93158  -5.54242  1.000 9.35426  ?  87  HIS A N   1 
ATOM   207  C CA  . HIS A 1 22  ? -6.56684  -7.11753  -6.24358  1.000 8.75951  ?  87  HIS A CA  1 
ATOM   208  C C   . HIS A 1 22  ? -6.12538  -6.87248  -7.68553  1.000 10.72483 ?  87  HIS A C   1 
ATOM   209  O O   . HIS A 1 22  ? -4.93890  -6.67146  -7.96041  1.000 13.37856 ?  87  HIS A O   1 
ATOM   210  C CB  . HIS A 1 22  ? -6.74901  -5.79840  -5.50390  1.000 8.84746  ?  87  HIS A CB  1 
ATOM   211  C CG  . HIS A 1 22  ? -7.94923  -5.02085  -5.93016  1.000 9.14741  ?  87  HIS A CG  1 
ATOM   212  N ND1 . HIS A 1 22  ? -8.03699  -4.39716  -7.15474  1.000 11.88254 ?  87  HIS A ND1 1 
ATOM   213  C CD2 . HIS A 1 22  ? -9.09201  -4.71953  -5.27005  1.000 12.39323 ?  87  HIS A CD2 1 
ATOM   214  C CE1 . HIS A 1 22  ? -9.19313  -3.76122  -7.23924  1.000 13.08655 ?  87  HIS A CE1 1 
ATOM   215  N NE2 . HIS A 1 22  ? -9.85600  -3.94666  -6.11130  1.000 10.76943 ?  87  HIS A NE2 1 
ATOM   216  N N   . LYS A 1 23  ? -7.09745  -6.87811  -8.60538  1.000 11.50715 ?  88  LYS A N   1 
ATOM   217  C CA  . LYS A 1 23  ? -6.79212  -6.78670  -10.02696 1.000 15.00715 ?  88  LYS A CA  1 
ATOM   218  C C   . LYS A 1 23  ? -6.08826  -5.48825  -10.37313 1.000 13.07061 ?  88  LYS A C   1 
ATOM   219  O O   . LYS A 1 23  ? -5.34760  -5.43433  -11.35858 1.000 17.36380 ?  88  LYS A O   1 
ATOM   220  C CB  . LYS A 1 23  ? -8.07839  -6.89339  -10.84262 1.000 15.73122 ?  88  LYS A CB  1 
ATOM   221  C CG  . LYS A 1 23  ? -9.07870  -5.79718  -10.48775 1.000 25.01795 ?  88  LYS A CG  1 
ATOM   222  C CD  . LYS A 1 23  ? -10.41446 -5.97254  -11.21373 1.000 43.83428 ?  88  LYS A CD  1 
ATOM   223  C CE  . LYS A 1 23  ? -11.42033 -4.89865  -10.78824 1.000 44.52575 ?  88  LYS A CE  1 
ATOM   224  N NZ  . LYS A 1 23  ? -12.76435 -5.09027  -11.41368 1.000 46.47312 1  88  LYS A NZ  1 
ATOM   225  N N   . MET A 1 24  ? -6.30008  -4.44330  -9.58869  1.000 11.28331 ?  89  MET A N   1 
ATOM   226  C CA  . MET A 1 24  ? -5.74492  -3.13611  -9.89893  1.000 14.10862 ?  89  MET A CA  1 
ATOM   227  C C   . MET A 1 24  ? -4.52335  -2.80768  -9.04632  1.000 12.55281 ?  89  MET A C   1 
ATOM   228  O O   . MET A 1 24  ? -4.04524  -1.66964  -9.05712  1.000 13.34634 ?  89  MET A O   1 
ATOM   229  C CB  . MET A 1 24  ? -6.84879  -2.09681  -9.75892  1.000 15.35854 ?  89  MET A CB  1 
ATOM   230  C CG  . MET A 1 24  ? -8.10894  -2.60390  -10.44330 1.000 28.94287 ?  89  MET A CG  1 
ATOM   231  S SD  . MET A 1 24  ? -9.11189  -1.32072  -11.17117 1.000 50.68979 ?  89  MET A SD  1 
ATOM   232  C CE  . MET A 1 24  ? -7.86263  -0.26045  -11.88855 1.000 36.18249 ?  89  MET A CE  1 
ATOM   233  N N   . ALA A 1 25  ? -3.97782  -3.78854  -8.34005  1.000 10.59053 ?  90  ALA A N   1 
ATOM   234  C CA  . ALA A 1 25  ? -2.80284  -3.54614  -7.52152  1.000 8.98724  ?  90  ALA A CA  1 
ATOM   235  C C   . ALA A 1 25  ? -1.49148  -3.68467  -8.28568  1.000 10.34311 ?  90  ALA A C   1 
ATOM   236  O O   . ALA A 1 25  ? -0.44197  -3.32565  -7.74205  1.000 10.85336 ?  90  ALA A O   1 
ATOM   237  C CB  . ALA A 1 25  ? -2.79520  -4.50793  -6.32419  1.000 13.04601 ?  90  ALA A CB  1 
ATOM   238  N N   . TRP A 1 26  ? -1.51452  -4.16743  -9.52677  1.000 11.58653 ?  91  TRP A N   1 
ATOM   239  C CA  . TRP A 1 26  ? -0.25925  -4.49550  -10.19333 1.000 10.54024 ?  91  TRP A CA  1 
ATOM   240  C C   . TRP A 1 26  ? 0.72144   -3.32445  -10.30089 1.000 13.82293 ?  91  TRP A C   1 
ATOM   241  O O   . TRP A 1 26  ? 1.93501   -3.58985  -10.26958 1.000 11.93727 ?  91  TRP A O   1 
ATOM   242  C CB  . TRP A 1 26  ? -0.52795  -5.11297  -11.58811 1.000 12.02319 ?  91  TRP A CB  1 
ATOM   243  C CG  . TRP A 1 26  ? -1.23195  -4.22095  -12.54673 1.000 11.89866 ?  91  TRP A CG  1 
ATOM   244  C CD1 . TRP A 1 26  ? -2.57457  -4.14419  -12.75170 1.000 14.17976 ?  91  TRP A CD1 1 
ATOM   245  C CD2 . TRP A 1 26  ? -0.63642  -3.26244  -13.43366 1.000 13.91622 ?  91  TRP A CD2 1 
ATOM   246  N NE1 . TRP A 1 26  ? -2.85931  -3.19850  -13.69806 1.000 18.61549 ?  91  TRP A NE1 1 
ATOM   247  C CE2 . TRP A 1 26  ? -1.68596  -2.64281  -14.13762 1.000 13.42073 ?  91  TRP A CE2 1 
ATOM   248  C CE3 . TRP A 1 26  ? 0.68217   -2.87827  -13.70651 1.000 12.67906 ?  91  TRP A CE3 1 
ATOM   249  C CZ2 . TRP A 1 26  ? -1.46427  -1.65196  -15.08684 1.000 17.34279 ?  91  TRP A CZ2 1 
ATOM   250  C CZ3 . TRP A 1 26  ? 0.90309   -1.89044  -14.64766 1.000 11.51549 ?  91  TRP A CZ3 1 
ATOM   251  C CH2 . TRP A 1 26  ? -0.16700  -1.28443  -15.32417 1.000 14.70418 ?  91  TRP A CH2 1 
ATOM   252  N N   . PRO A 1 27  ? 0.31351   -2.05471  -10.42204 1.000 10.55700 ?  92  PRO A N   1 
ATOM   253  C CA  . PRO A 1 27  ? 1.33021   -0.99373  -10.46998 1.000 11.30520 ?  92  PRO A CA  1 
ATOM   254  C C   . PRO A 1 27  ? 2.05354   -0.81560  -9.15190  1.000 9.95929  ?  92  PRO A C   1 
ATOM   255  O O   . PRO A 1 27  ? 3.09572   -0.14854  -9.12235  1.000 9.76680  ?  92  PRO A O   1 
ATOM   256  C CB  . PRO A 1 27  ? 0.52856   0.26633   -10.84018 1.000 11.52074 ?  92  PRO A CB  1 
ATOM   257  C CG  . PRO A 1 27  ? -0.76532  -0.24465  -11.40326 1.000 11.01757 ?  92  PRO A CG  1 
ATOM   258  C CD  . PRO A 1 27  ? -1.03707  -1.51283  -10.63470 1.000 10.40730 ?  92  PRO A CD  1 
ATOM   259  N N   . PHE A 1 28  ? 1.51532   -1.37374  -8.06493  1.000 8.81202  ?  93  PHE A N   1 
ATOM   260  C CA  . PHE A 1 28  ? 1.97783   -1.11360  -6.70878  1.000 6.79941  ?  93  PHE A CA  1 
ATOM   261  C C   . PHE A 1 28  ? 2.65899   -2.31175  -6.05781  1.000 10.09671 ?  93  PHE A C   1 
ATOM   262  O O   . PHE A 1 28  ? 3.09610   -2.19781  -4.91009  1.000 9.16729  ?  93  PHE A O   1 
ATOM   263  C CB  . PHE A 1 28  ? 0.79884   -0.68815  -5.82115  1.000 8.15528  ?  93  PHE A CB  1 
ATOM   264  C CG  . PHE A 1 28  ? -0.06473  0.36107   -6.44367  1.000 6.27933  ?  93  PHE A CG  1 
ATOM   265  C CD1 . PHE A 1 28  ? 0.43604   1.62177   -6.67671  1.000 6.70469  ?  93  PHE A CD1 1 
ATOM   266  C CD2 . PHE A 1 28  ? -1.35811  0.07334   -6.83894  1.000 11.41467 ?  93  PHE A CD2 1 
ATOM   267  C CE1 . PHE A 1 28  ? -0.35539  2.59181   -7.26696  1.000 8.34246  ?  93  PHE A CE1 1 
ATOM   268  C CE2 . PHE A 1 28  ? -2.15144  1.03113   -7.42820  1.000 11.97385 ?  93  PHE A CE2 1 
ATOM   269  C CZ  . PHE A 1 28  ? -1.64403  2.29960   -7.64465  1.000 12.12906 ?  93  PHE A CZ  1 
ATOM   270  N N   . LEU A 1 29  ? 2.78672   -3.44347  -6.75920  1.000 8.24293  ?  94  LEU A N   1 
ATOM   271  C CA  . LEU A 1 29  ? 3.25517   -4.66264  -6.10371  1.000 7.76990  ?  94  LEU A CA  1 
ATOM   272  C C   . LEU A 1 29  ? 4.73747   -4.60990  -5.76611  1.000 10.46859 ?  94  LEU A C   1 
ATOM   273  O O   . LEU A 1 29  ? 5.15853   -5.18167  -4.75431  1.000 12.75557 ?  94  LEU A O   1 
ATOM   274  C CB  . LEU A 1 29  ? 2.97198   -5.86993  -6.99602  1.000 8.86603  ?  94  LEU A CB  1 
ATOM   275  C CG  . LEU A 1 29  ? 1.50843   -6.21910  -7.20901  1.000 9.63949  ?  94  LEU A CG  1 
ATOM   276  C CD1 . LEU A 1 29  ? 1.40058   -7.29687  -8.30657  1.000 12.08144 ?  94  LEU A CD1 1 
ATOM   277  C CD2 . LEU A 1 29  ? 0.85604   -6.72336  -5.92162  1.000 14.40421 ?  94  LEU A CD2 1 
ATOM   278  N N   . GLU A 1 30  ? 5.53591   -3.94791  -6.58873  1.000 9.64410  ?  95  GLU A N   1 
ATOM   279  C CA  . GLU A 1 30  ? 6.97729   -3.85729  -6.42258  1.000 10.50745 ?  95  GLU A CA  1 
ATOM   280  C C   . GLU A 1 30  ? 7.41417   -2.41486  -6.59500  1.000 11.03198 ?  95  GLU A C   1 
ATOM   281  O O   . GLU A 1 30  ? 6.67868   -1.59316  -7.15977  1.000 11.74779 ?  95  GLU A O   1 
ATOM   282  C CB  . GLU A 1 30  ? 7.71353   -4.74098  -7.44338  1.000 16.42591 ?  95  GLU A CB  1 
ATOM   283  C CG  . GLU A 1 30  ? 7.33664   -6.22104  -7.37798  1.000 21.34958 ?  95  GLU A CG  1 
ATOM   284  C CD  . GLU A 1 30  ? 8.02990   -6.94408  -6.24302  1.000 37.74548 ?  95  GLU A CD  1 
ATOM   285  O OE1 . GLU A 1 30  ? 9.13024   -6.49990  -5.84102  1.000 33.68787 ?  95  GLU A OE1 1 
ATOM   286  O OE2 . GLU A 1 30  ? 7.47241   -7.95327  -5.74983  1.000 43.56966 -1 95  GLU A OE2 1 
ATOM   287  N N   . PRO A 1 31  ? 8.61370   -2.07437  -6.12800  1.000 14.21159 ?  96  PRO A N   1 
ATOM   288  C CA  . PRO A 1 31  ? 9.13375   -0.72453  -6.35603  1.000 10.82946 ?  96  PRO A CA  1 
ATOM   289  C C   . PRO A 1 31  ? 9.08111   -0.35721  -7.82835  1.000 12.78680 ?  96  PRO A C   1 
ATOM   290  O O   . PRO A 1 31  ? 9.35247   -1.17771  -8.71213  1.000 13.05285 ?  96  PRO A O   1 
ATOM   291  C CB  . PRO A 1 31  ? 10.57754  -0.80843  -5.85310  1.000 12.48730 ?  96  PRO A CB  1 
ATOM   292  C CG  . PRO A 1 31  ? 10.57749  -1.93338  -4.88773  1.000 14.90636 ?  96  PRO A CG  1 
ATOM   293  C CD  . PRO A 1 31  ? 9.53828   -2.90838  -5.34109  1.000 13.89777 ?  96  PRO A CD  1 
ATOM   294  N N   . VAL A 1 32  ? 8.72699   0.90234   -8.07549  1.000 13.32852 ?  97  VAL A N   1 
ATOM   295  C CA  . VAL A 1 32  ? 8.67752   1.44075   -9.42372  1.000 13.88638 ?  97  VAL A CA  1 
ATOM   296  C C   . VAL A 1 32  ? 10.02112  1.26747   -10.11673 1.000 17.02112 ?  97  VAL A C   1 
ATOM   297  O O   . VAL A 1 32  ? 11.07355  1.63538   -9.57787  1.000 16.93753 ?  97  VAL A O   1 
ATOM   298  C CB  . VAL A 1 32  ? 8.27018   2.92012   -9.36105  1.000 15.70602 ?  97  VAL A CB  1 
ATOM   299  C CG1 . VAL A 1 32  ? 8.54363   3.61935   -10.67114 1.000 18.96047 ?  97  VAL A CG1 1 
ATOM   300  C CG2 . VAL A 1 32  ? 6.79313   3.02949   -8.97967  1.000 18.04882 ?  97  VAL A CG2 1 
ATOM   301  N N   . ASP A 1 33  ? 9.98307   0.70554   -11.31869 1.000 18.15223 ?  98  ASP A N   1 
ATOM   302  C CA  . ASP A 1 33  ? 11.16507  0.61130   -12.16676 1.000 17.17069 ?  98  ASP A CA  1 
ATOM   303  C C   . ASP A 1 33  ? 11.34264  1.93322   -12.89832 1.000 20.38841 ?  98  ASP A C   1 
ATOM   304  O O   . ASP A 1 33  ? 10.41959  2.37078   -13.59267 1.000 18.86543 ?  98  ASP A O   1 
ATOM   305  C CB  . ASP A 1 33  ? 11.00321  -0.53447  -13.16323 1.000 20.67002 ?  98  ASP A CB  1 
ATOM   306  C CG  . ASP A 1 33  ? 12.26233  -0.80188  -13.97321 1.000 30.69042 ?  98  ASP A CG  1 
ATOM   307  O OD1 . ASP A 1 33  ? 13.01382  0.15170   -14.27624 1.000 21.49682 ?  98  ASP A OD1 1 
ATOM   308  O OD2 . ASP A 1 33  ? 12.48681  -1.98112  -14.31754 1.000 31.02747 -1 98  ASP A OD2 1 
ATOM   309  N N   . PRO A 1 34  ? 12.47683  2.61678   -12.74401 1.000 19.88441 ?  99  PRO A N   1 
ATOM   310  C CA  . PRO A 1 34  ? 12.62263  3.93142   -13.38770 1.000 20.93307 ?  99  PRO A CA  1 
ATOM   311  C C   . PRO A 1 34  ? 12.33463  3.89909   -14.87938 1.000 22.98807 ?  99  PRO A C   1 
ATOM   312  O O   . PRO A 1 34  ? 11.92404  4.91902   -15.44621 1.000 24.21177 ?  99  PRO A O   1 
ATOM   313  C CB  . PRO A 1 34  ? 14.08341  4.29864   -13.10070 1.000 21.50404 ?  99  PRO A CB  1 
ATOM   314  C CG  . PRO A 1 34  ? 14.43816  3.52495   -11.87706 1.000 24.35244 ?  99  PRO A CG  1 
ATOM   315  C CD  . PRO A 1 34  ? 13.64134  2.25516   -11.92061 1.000 22.88036 ?  99  PRO A CD  1 
ATOM   316  N N   . ASN A 1 35  ? 12.53359  2.75085   -15.53471 1.000 21.22524 ?  100 ASN A N   1 
ATOM   317  C CA  . ASN A 1 35  ? 12.28679  2.65419   -16.97087 1.000 23.73798 ?  100 ASN A CA  1 
ATOM   318  C C   . ASN A 1 35  ? 10.80679  2.75079   -17.30936 1.000 29.71739 ?  100 ASN A C   1 
ATOM   319  O O   . ASN A 1 35  ? 10.46402  3.01967   -18.46378 1.000 34.30826 ?  100 ASN A O   1 
ATOM   320  C CB  . ASN A 1 35  ? 12.86012  1.34384   -17.52076 1.000 35.03944 ?  100 ASN A CB  1 
ATOM   321  C CG  . ASN A 1 35  ? 14.31429  1.13117   -17.13096 1.000 39.40496 ?  100 ASN A CG  1 
ATOM   322  O OD1 . ASN A 1 35  ? 15.04234  2.08578   -16.85696 1.000 52.12127 ?  100 ASN A OD1 1 
ATOM   323  N ND2 . ASN A 1 35  ? 14.74440  -0.12802  -17.10467 1.000 47.51952 ?  100 ASN A ND2 1 
ATOM   324  N N   . ASP A 1 36  ? 9.92479   2.54278   -16.33341 1.000 23.80873 ?  101 ASP A N   1 
ATOM   325  C CA  . ASP A 1 36  ? 8.48813   2.59943   -16.56437 1.000 22.39087 ?  101 ASP A CA  1 
ATOM   326  C C   . ASP A 1 36  ? 7.86871   3.93205   -16.17630 1.000 22.88744 ?  101 ASP A C   1 
ATOM   327  O O   . ASP A 1 36  ? 6.67423   4.13517   -16.41948 1.000 25.83106 ?  101 ASP A O   1 
ATOM   328  C CB  . ASP A 1 36  ? 7.77669   1.49414   -15.78141 1.000 22.05908 ?  101 ASP A CB  1 
ATOM   329  C CG  . ASP A 1 36  ? 8.36083   0.13446   -16.03653 1.000 32.17091 ?  101 ASP A CG  1 
ATOM   330  O OD1 . ASP A 1 36  ? 8.69920   -0.16192  -17.20202 1.000 31.91694 -1 101 ASP A OD1 1 
ATOM   331  O OD2 . ASP A 1 36  ? 8.47829   -0.63687  -15.06013 1.000 26.93536 ?  101 ASP A OD2 1 
ATOM   332  N N   . ALA A 1 37  ? 8.63443   4.83352   -15.56491 1.000 24.84121 ?  102 ALA A N   1 
ATOM   333  C CA  . ALA A 1 37  ? 8.07934   6.07472   -15.02886 1.000 20.01971 ?  102 ALA A CA  1 
ATOM   334  C C   . ALA A 1 37  ? 9.16541   7.13410   -15.06660 1.000 23.48157 ?  102 ALA A C   1 
ATOM   335  O O   . ALA A 1 37  ? 9.97579   7.25309   -14.13727 1.000 21.94683 ?  102 ALA A O   1 
ATOM   336  C CB  . ALA A 1 37  ? 7.54419   5.88139   -13.61135 1.000 19.15859 ?  102 ALA A CB  1 
ATOM   337  N N   . PRO A 1 38  ? 9.20966   7.93226   -16.13262 1.000 21.16205 ?  103 PRO A N   1 
ATOM   338  C CA  . PRO A 1 38  ? 10.29903  8.90556   -16.28943 1.000 21.72065 ?  103 PRO A CA  1 
ATOM   339  C C   . PRO A 1 38  ? 10.40771  9.83407   -15.08735 1.000 19.86841 ?  103 PRO A C   1 
ATOM   340  O O   . PRO A 1 38  ? 9.41590   10.40834  -14.63036 1.000 20.26063 ?  103 PRO A O   1 
ATOM   341  C CB  . PRO A 1 38  ? 9.90219   9.67198   -17.55666 1.000 22.42996 ?  103 PRO A CB  1 
ATOM   342  C CG  . PRO A 1 38  ? 9.02171   8.73619   -18.30010 1.000 29.36682 ?  103 PRO A CG  1 
ATOM   343  C CD  . PRO A 1 38  ? 8.26396   7.97207   -17.25784 1.000 28.94074 ?  103 PRO A CD  1 
ATOM   344  N N   . ASP A 1 39  ? 11.63040  9.97457   -14.57755 1.000 21.94901 ?  104 ASP A N   1 
ATOM   345  C CA  . ASP A 1 39  ? 11.96427  10.90791  -13.50618 1.000 20.29815 ?  104 ASP A CA  1 
ATOM   346  C C   . ASP A 1 39  ? 11.28909  10.56338  -12.18841 1.000 18.67709 ?  104 ASP A C   1 
ATOM   347  O O   . ASP A 1 39  ? 11.19825  11.41436  -11.29539 1.000 20.08416 ?  104 ASP A O   1 
ATOM   348  C CB  . ASP A 1 39  ? 11.61251  12.34715  -13.89032 1.000 19.31808 ?  104 ASP A CB  1 
ATOM   349  C CG  . ASP A 1 39  ? 12.29297  13.36099  -12.99695 1.000 38.40998 ?  104 ASP A CG  1 
ATOM   350  O OD1 . ASP A 1 39  ? 13.23630  12.96015  -12.27688 1.000 39.46910 ?  104 ASP A OD1 1 
ATOM   351  O OD2 . ASP A 1 39  ? 11.88798  14.54667  -13.00575 1.000 45.17654 -1 104 ASP A OD2 1 
ATOM   352  N N   . TYR A 1 40  ? 10.81842  9.32535   -12.03712 1.000 20.12356 ?  105 TYR A N   1 
ATOM   353  C CA  . TYR A 1 40  ? 10.01624  8.98751   -10.86662 1.000 14.38961 ?  105 TYR A CA  1 
ATOM   354  C C   . TYR A 1 40  ? 10.74705  9.31216   -9.56863  1.000 14.59935 ?  105 TYR A C   1 
ATOM   355  O O   . TYR A 1 40  ? 10.18174  9.94398   -8.66809  1.000 13.50649 ?  105 TYR A O   1 
ATOM   356  C CB  . TYR A 1 40  ? 9.62569   7.51290   -10.90100 1.000 13.64152 ?  105 TYR A CB  1 
ATOM   357  C CG  . TYR A 1 40  ? 8.70548   7.16622   -9.76500  1.000 11.31494 ?  105 TYR A CG  1 
ATOM   358  C CD1 . TYR A 1 40  ? 7.33694   7.41356   -9.85778  1.000 14.64780 ?  105 TYR A CD1 1 
ATOM   359  C CD2 . TYR A 1 40  ? 9.19801   6.62474   -8.57857  1.000 14.17335 ?  105 TYR A CD2 1 
ATOM   360  C CE1 . TYR A 1 40  ? 6.47883   7.11886   -8.80094  1.000 13.19835 ?  105 TYR A CE1 1 
ATOM   361  C CE2 . TYR A 1 40  ? 8.34269   6.33141   -7.52008  1.000 13.23433 ?  105 TYR A CE2 1 
ATOM   362  C CZ  . TYR A 1 40  ? 6.98699   6.57859   -7.63948  1.000 13.71598 ?  105 TYR A CZ  1 
ATOM   363  O OH  . TYR A 1 40  ? 6.13098   6.28947   -6.59035  1.000 11.76454 ?  105 TYR A OH  1 
ATOM   364  N N   . TYR A 1 41  ? 11.99924  8.86986   -9.44454  1.000 15.80842 ?  106 TYR A N   1 
ATOM   365  C CA  . TYR A 1 41  ? 12.72346  8.99593   -8.18568  1.000 13.99594 ?  106 TYR A CA  1 
ATOM   366  C C   . TYR A 1 41  ? 13.30838  10.38116  -7.99172  1.000 20.16005 ?  106 TYR A C   1 
ATOM   367  O O   . TYR A 1 41  ? 13.81606  10.67321  -6.90439  1.000 17.72645 ?  106 TYR A O   1 
ATOM   368  C CB  . TYR A 1 41  ? 13.80574  7.91130   -8.08916  1.000 13.27359 ?  106 TYR A CB  1 
ATOM   369  C CG  . TYR A 1 41  ? 13.18598  6.55104   -7.89886  1.000 13.74579 ?  106 TYR A CG  1 
ATOM   370  C CD1 . TYR A 1 41  ? 12.91485  6.06825   -6.62700  1.000 12.74487 ?  106 TYR A CD1 1 
ATOM   371  C CD2 . TYR A 1 41  ? 12.81391  5.77243   -8.99701  1.000 11.57816 ?  106 TYR A CD2 1 
ATOM   372  C CE1 . TYR A 1 41  ? 12.31308  4.83426   -6.44549  1.000 14.60344 ?  106 TYR A CE1 1 
ATOM   373  C CE2 . TYR A 1 41  ? 12.20884  4.53329   -8.82183  1.000 13.07355 ?  106 TYR A CE2 1 
ATOM   374  C CZ  . TYR A 1 41  ? 11.96768  4.07132   -7.54281  1.000 12.23743 ?  106 TYR A CZ  1 
ATOM   375  O OH  . TYR A 1 41  ? 11.37278  2.83912   -7.36475  1.000 14.74048 ?  106 TYR A OH  1 
ATOM   376  N N   . GLY A 1 42  ? 13.21930  11.23625  -9.01331  1.000 16.31617 ?  107 GLY A N   1 
ATOM   377  C CA  . GLY A 1 42  ? 13.43042  12.65720  -8.81813  1.000 17.23546 ?  107 GLY A CA  1 
ATOM   378  C C   . GLY A 1 42  ? 12.20181  13.39336  -8.32946  1.000 21.34135 ?  107 GLY A C   1 
ATOM   379  O O   . GLY A 1 42  ? 12.33333  14.48283  -7.76366  1.000 27.65380 ?  107 GLY A O   1 
ATOM   380  N N   . VAL A 1 43  ? 11.01569  12.81540  -8.53901  1.000 17.03197 ?  108 VAL A N   1 
ATOM   381  C CA  . VAL A 1 43  ? 9.74851   13.43005  -8.15769  1.000 16.35822 ?  108 VAL A CA  1 
ATOM   382  C C   . VAL A 1 43  ? 9.32909   13.00147  -6.75616  1.000 14.74636 ?  108 VAL A C   1 
ATOM   383  O O   . VAL A 1 43  ? 8.89975   13.82607  -5.94688  1.000 14.11840 ?  108 VAL A O   1 
ATOM   384  C CB  . VAL A 1 43  ? 8.66752   13.07127  -9.20400  1.000 16.80396 ?  108 VAL A CB  1 
ATOM   385  C CG1 . VAL A 1 43  ? 7.28848   13.54050  -8.74751  1.000 17.50305 ?  108 VAL A CG1 1 
ATOM   386  C CG2 . VAL A 1 43  ? 9.01580   13.66653  -10.56031 1.000 25.94948 ?  108 VAL A CG2 1 
ATOM   387  N N   . ILE A 1 44  ? 9.48505   11.71666  -6.45556  1.000 11.35344 ?  109 ILE A N   1 
ATOM   388  C CA  . ILE A 1 44  ? 8.91643   11.08745  -5.27145  1.000 11.97782 ?  109 ILE A CA  1 
ATOM   389  C C   . ILE A 1 44  ? 10.04504  10.86460  -4.27405  1.000 14.94078 ?  109 ILE A C   1 
ATOM   390  O O   . ILE A 1 44  ? 10.91539  10.01538  -4.48697  1.000 16.71093 ?  109 ILE A O   1 
ATOM   391  C CB  . ILE A 1 44  ? 8.23334   9.76215   -5.63809  1.000 11.15952 ?  109 ILE A CB  1 
ATOM   392  C CG1 . ILE A 1 44  ? 7.05287   10.00554  -6.57831  1.000 8.80970  ?  109 ILE A CG1 1 
ATOM   393  C CG2 . ILE A 1 44  ? 7.78751   9.00397   -4.39556  1.000 15.88671 ?  109 ILE A CG2 1 
ATOM   394  C CD1 . ILE A 1 44  ? 5.93021   10.82207  -5.97128  1.000 10.56962 ?  109 ILE A CD1 1 
ATOM   395  N N   . LYS A 1 45  ? 10.01656  11.59141  -3.16093  1.000 17.03643 ?  110 LYS A N   1 
ATOM   396  C CA  . LYS A 1 45  ? 11.13030  11.49054  -2.23082  1.000 24.56048 ?  110 LYS A CA  1 
ATOM   397  C C   . LYS A 1 45  ? 11.03053  10.28894  -1.31153  1.000 20.04672 ?  110 LYS A C   1 
ATOM   398  O O   . LYS A 1 45  ? 12.06310  9.83954   -0.80817  1.000 19.66322 ?  110 LYS A O   1 
ATOM   399  C CB  . LYS A 1 45  ? 11.22651  12.73758  -1.37349  1.000 30.75534 ?  110 LYS A CB  1 
ATOM   400  C CG  . LYS A 1 45  ? 9.99852   12.97019  -0.53867  1.000 28.01399 ?  110 LYS A CG  1 
ATOM   401  C CD  . LYS A 1 45  ? 9.83071   14.45046  -0.42183  1.000 48.36541 ?  110 LYS A CD  1 
ATOM   402  C CE  . LYS A 1 45  ? 10.44442  15.08930  -1.66425  1.000 43.63080 ?  110 LYS A CE  1 
ATOM   403  N NZ  . LYS A 1 45  ? 9.54495   15.05385  -2.84574  1.000 45.38128 1  110 LYS A NZ  1 
ATOM   404  N N   . GLU A 1 46  ? 9.82535   9.76888   -1.06851  1.000 12.21158 ?  111 GLU A N   1 
ATOM   405  C CA  . GLU A 1 46  ? 9.62848   8.63254   -0.16365  1.000 10.92731 ?  111 GLU A CA  1 
ATOM   406  C C   . GLU A 1 46  ? 8.81198   7.56250   -0.86806  1.000 8.29613  ?  111 GLU A C   1 
ATOM   407  O O   . GLU A 1 46  ? 7.62186   7.39804   -0.57757  1.000 10.95913 ?  111 GLU A O   1 
ATOM   408  C CB  . GLU A 1 46  ? 8.91147   9.04440   1.12002   1.000 15.12257 ?  111 GLU A CB  1 
ATOM   409  C CG  . GLU A 1 46  ? 9.76317   9.72817   2.15829   1.000 24.00906 ?  111 GLU A CG  1 
ATOM   410  C CD  . GLU A 1 46  ? 9.00606   9.89447   3.45676   1.000 32.08843 ?  111 GLU A CD  1 
ATOM   411  O OE1 . GLU A 1 46  ? 8.09151   10.74469  3.50652   1.000 35.83160 ?  111 GLU A OE1 1 
ATOM   412  O OE2 . GLU A 1 46  ? 9.29811   9.14790   4.41381   1.000 38.43992 -1 111 GLU A OE2 1 
ATOM   413  N N   . PRO A 1 47  ? 9.41975   6.80672   -1.78022  1.000 8.03112  ?  112 PRO A N   1 
ATOM   414  C CA  . PRO A 1 47  ? 8.68509   5.74091   -2.46927  1.000 8.47374  ?  112 PRO A CA  1 
ATOM   415  C C   . PRO A 1 47  ? 8.20751   4.67350   -1.50168  1.000 9.90043  ?  112 PRO A C   1 
ATOM   416  O O   . PRO A 1 47  ? 8.76955   4.47627   -0.42143  1.000 9.52880  ?  112 PRO A O   1 
ATOM   417  C CB  . PRO A 1 47  ? 9.71472   5.16324   -3.44385  1.000 8.77411  ?  112 PRO A CB  1 
ATOM   418  C CG  . PRO A 1 47  ? 10.74688  6.21086   -3.58530  1.000 19.02218 ?  112 PRO A CG  1 
ATOM   419  C CD  . PRO A 1 47  ? 10.80373  6.92895   -2.27861  1.000 11.76134 ?  112 PRO A CD  1 
ATOM   420  N N   . MET A 1 48  ? 7.14727   3.97850   -1.91021  1.000 8.45965  ?  113 MET A N   1 
ATOM   421  C CA  . MET A 1 48  ? 6.63778   2.87483   -1.11285  1.000 6.47235  ?  113 MET A CA  1 
ATOM   422  C C   . MET A 1 48  ? 5.86596   1.94969   -2.04526  1.000 8.26509  ?  113 MET A C   1 
ATOM   423  O O   . MET A 1 48  ? 5.32921   2.38334   -3.06459  1.000 8.40380  ?  113 MET A O   1 
ATOM   424  C CB  . MET A 1 48  ? 5.75273   3.36987   0.04253   1.000 8.10991  ?  113 MET A CB  1 
ATOM   425  C CG  . MET A 1 48  ? 5.24195   2.28227   0.99579   1.000 7.85837  ?  113 MET A CG  1 
ATOM   426  S SD  . MET A 1 48  ? 6.57697   1.27056   1.66401   1.000 8.94280  ?  113 MET A SD  1 
ATOM   427  C CE  . MET A 1 48  ? 7.66846   2.53349   2.30123   1.000 10.19339 ?  113 MET A CE  1 
ATOM   428  N N   . ASP A 1 49  ? 5.82620   0.67533   -1.68738  1.000 6.53221  ?  114 ASP A N   1 
ATOM   429  C CA  . ASP A 1 49  ? 5.19453   -0.33329  -2.52562  1.000 7.42958  ?  114 ASP A CA  1 
ATOM   430  C C   . ASP A 1 49  ? 4.80090   -1.49211  -1.62354  1.000 8.44739  ?  114 ASP A C   1 
ATOM   431  O O   . ASP A 1 49  ? 5.20448   -1.55541  -0.46210  1.000 7.04218  ?  114 ASP A O   1 
ATOM   432  C CB  . ASP A 1 49  ? 6.13524   -0.80421  -3.62431  1.000 8.23299  ?  114 ASP A CB  1 
ATOM   433  C CG  . ASP A 1 49  ? 7.33681   -1.52435  -3.04948  1.000 10.42788 ?  114 ASP A CG  1 
ATOM   434  O OD1 . ASP A 1 49  ? 7.27211   -2.77181  -2.94297  1.000 10.22261 ?  114 ASP A OD1 1 
ATOM   435  O OD2 . ASP A 1 49  ? 8.29076   -0.82194  -2.62878  1.000 10.98772 -1 114 ASP A OD2 1 
ATOM   436  N N   . LEU A 1 50  ? 4.00786   -2.40846  -2.17234  1.000 7.49285  ?  115 LEU A N   1 
ATOM   437  C CA  . LEU A 1 50  ? 3.43133   -3.46206  -1.33623  1.000 4.58586  ?  115 LEU A CA  1 
ATOM   438  C C   . LEU A 1 50  ? 4.45048   -4.53111  -0.95738  1.000 8.79634  ?  115 LEU A C   1 
ATOM   439  O O   . LEU A 1 50  ? 4.29438   -5.17299  0.08211   1.000 8.93491  ?  115 LEU A O   1 
ATOM   440  C CB  . LEU A 1 50  ? 2.22660   -4.10232  -2.03519  1.000 6.37476  ?  115 LEU A CB  1 
ATOM   441  C CG  . LEU A 1 50  ? 1.01263   -3.18353  -2.23514  1.000 6.39882  ?  115 LEU A CG  1 
ATOM   442  C CD1 . LEU A 1 50  ? 0.00096   -3.78917  -3.20307  1.000 7.16480  ?  115 LEU A CD1 1 
ATOM   443  C CD2 . LEU A 1 50  ? 0.33312   -2.82834  -0.91272  1.000 8.07996  ?  115 LEU A CD2 1 
ATOM   444  N N   . ALA A 1 51  ? 5.47707   -4.76349  -1.78897  1.000 8.24304  ?  116 ALA A N   1 
ATOM   445  C CA  . ALA A 1 51  ? 6.51877   -5.72118  -1.41615  1.000 8.22616  ?  116 ALA A CA  1 
ATOM   446  C C   . ALA A 1 51  ? 7.36667   -5.19383  -0.26835  1.000 9.53421  ?  116 ALA A C   1 
ATOM   447  O O   . ALA A 1 51  ? 7.77221   -5.95275  0.62733   1.000 9.22787  ?  116 ALA A O   1 
ATOM   448  C CB  . ALA A 1 51  ? 7.41229   -6.02475  -2.61822  1.000 11.53102 ?  116 ALA A CB  1 
ATOM   449  N N   . THR A 1 52  ? 7.68700   -3.90409  -0.29916  1.000 9.50444  ?  117 THR A N   1 
ATOM   450  C CA  . THR A 1 52  ? 8.37249   -3.29461  0.83276   1.000 6.92877  ?  117 THR A CA  1 
ATOM   451  C C   . THR A 1 52  ? 7.52576   -3.40290  2.09785   1.000 5.79301  ?  117 THR A C   1 
ATOM   452  O O   . THR A 1 52  ? 8.04792   -3.66700  3.18582   1.000 8.27126  ?  117 THR A O   1 
ATOM   453  C CB  . THR A 1 52  ? 8.68800   -1.83357  0.50375   1.000 8.71512  ?  117 THR A CB  1 
ATOM   454  O OG1 . THR A 1 52  ? 9.60203   -1.79099  -0.60370  1.000 11.02455 ?  117 THR A OG1 1 
ATOM   455  C CG2 . THR A 1 52  ? 9.29765   -1.11468  1.70840   1.000 10.19342 ?  117 THR A CG2 1 
ATOM   456  N N   . MET A 1 53  ? 6.21289   -3.19266  1.97942   1.000 6.10268  ?  118 MET A N   1 
ATOM   457  C CA  . MET A 1 53  ? 5.35849   -3.33566  3.15584   1.000 5.09184  ?  118 MET A CA  1 
ATOM   458  C C   . MET A 1 53  ? 5.31867   -4.78314  3.63164   1.000 7.96485  ?  118 MET A C   1 
ATOM   459  O O   . MET A 1 53  ? 5.32225   -5.03911  4.83871   1.000 8.67402  ?  118 MET A O   1 
ATOM   460  C CB  . MET A 1 53  ? 3.94300   -2.82636  2.86670   1.000 6.83638  ?  118 MET A CB  1 
ATOM   461  C CG  . MET A 1 53  ? 3.90037   -1.31234  2.69424   1.000 8.18306  ?  118 MET A CG  1 
ATOM   462  S SD  . MET A 1 53  ? 2.21832   -0.66872  2.66436   1.000 9.53210  ?  118 MET A SD  1 
ATOM   463  C CE  . MET A 1 53  ? 1.72261   -0.92368  4.35530   1.000 10.31943 ?  118 MET A CE  1 
ATOM   464  N N   . GLU A 1 54  ? 5.29201   -5.73617  2.69865   1.000 8.84550  ?  119 GLU A N   1 
ATOM   465  C CA  . GLU A 1 54  ? 5.29777   -7.14660  3.08091   1.000 11.24110 ?  119 GLU A CA  1 
ATOM   466  C C   . GLU A 1 54  ? 6.55811   -7.48492  3.85239   1.000 9.26805  ?  119 GLU A C   1 
ATOM   467  O O   . GLU A 1 54  ? 6.50441   -8.15329  4.89021   1.000 10.04708 ?  119 GLU A O   1 
ATOM   468  C CB  . GLU A 1 54  ? 5.18347   -8.04194  1.84438   1.000 9.54402  ?  119 GLU A CB  1 
ATOM   469  C CG  . GLU A 1 54  ? 5.24475   -9.54748  2.17325   1.000 7.35455  ?  119 GLU A CG  1 
ATOM   470  C CD  . GLU A 1 54  ? 4.53627   -10.37313 1.11572   1.000 15.80759 ?  119 GLU A CD  1 
ATOM   471  O OE1 . GLU A 1 54  ? 4.71953   -10.08630 -0.07621  1.000 21.66116 ?  119 GLU A OE1 1 
ATOM   472  O OE2 . GLU A 1 54  ? 3.77879   -11.29546 1.48303   1.000 44.83119 -1 119 GLU A OE2 1 
ATOM   473  N N   . GLU A 1 55  ? 7.70698   -7.02091  3.35510   1.000 9.03122  ?  120 GLU A N   1 
ATOM   474  C CA  . GLU A 1 55  ? 8.96537   -7.21531  4.06694   1.000 8.38227  ?  120 GLU A CA  1 
ATOM   475  C C   . GLU A 1 55  ? 8.87584   -6.63182  5.46503   1.000 9.35888  ?  120 GLU A C   1 
ATOM   476  O O   . GLU A 1 55  ? 9.27384   -7.26748  6.44581   1.000 10.09357 ?  120 GLU A O   1 
ATOM   477  C CB  . GLU A 1 55  ? 10.11217  -6.57090  3.28688   1.000 8.54778  ?  120 GLU A CB  1 
ATOM   478  C CG  . GLU A 1 55  ? 11.44313  -6.57627  4.01623   1.000 11.07782 ?  120 GLU A CG  1 
ATOM   479  C CD  . GLU A 1 55  ? 12.49601  -5.72920  3.33561   1.000 17.59472 ?  120 GLU A CD  1 
ATOM   480  O OE1 . GLU A 1 55  ? 12.28071  -5.31857  2.17505   1.000 19.10118 ?  120 GLU A OE1 1 
ATOM   481  O OE2 . GLU A 1 55  ? 13.54195  -5.48245  3.97477   1.000 23.20089 -1 120 GLU A OE2 1 
ATOM   482  N N   . ARG A 1 56  ? 8.32481   -5.42861  5.57812   1.000 8.16420  ?  121 ARG A N   1 
ATOM   483  C CA  . ARG A 1 56  ? 8.21066   -4.79761  6.89133   1.000 6.23961  ?  121 ARG A CA  1 
ATOM   484  C C   . ARG A 1 56  ? 7.26437   -5.56742  7.81255   1.000 9.71668  ?  121 ARG A C   1 
ATOM   485  O O   . ARG A 1 56  ? 7.51903   -5.69115  9.01644   1.000 10.85898 ?  121 ARG A O   1 
ATOM   486  C CB  . ARG A 1 56  ? 7.76353   -3.35267  6.69804   1.000 8.73527  ?  121 ARG A CB  1 
ATOM   487  C CG  . ARG A 1 56  ? 8.91680   -2.49541  6.23838   1.000 6.83287  ?  121 ARG A CG  1 
ATOM   488  C CD  . ARG A 1 56  ? 8.47384   -1.09174  5.83723   1.000 8.17630  ?  121 ARG A CD  1 
ATOM   489  N NE  . ARG A 1 56  ? 9.64650   -0.29496  5.48791   1.000 8.66554  ?  121 ARG A NE  1 
ATOM   490  C CZ  . ARG A 1 56  ? 9.67281   1.03190   5.41701   1.000 10.67774 ?  121 ARG A CZ  1 
ATOM   491  N NH1 . ARG A 1 56  ? 10.81709  1.65052   5.11543   1.000 10.70526 1  121 ARG A NH1 1 
ATOM   492  N NH2 . ARG A 1 56  ? 8.58460   1.74979   5.67655   1.000 8.58246  ?  121 ARG A NH2 1 
ATOM   493  N N   . VAL A 1 57  ? 6.17421   -6.10647  7.26976   1.000 9.24378  ?  122 VAL A N   1 
ATOM   494  C CA  . VAL A 1 57  ? 5.26774   -6.90855  8.09132   1.000 8.25319  ?  122 VAL A CA  1 
ATOM   495  C C   . VAL A 1 57  ? 5.98308   -8.15996  8.58461   1.000 10.21009 ?  122 VAL A C   1 
ATOM   496  O O   . VAL A 1 57  ? 5.93871   -8.50085  9.77369   1.000 10.02823 ?  122 VAL A O   1 
ATOM   497  C CB  . VAL A 1 57  ? 3.99626   -7.25835  7.29360   1.000 7.86926  ?  122 VAL A CB  1 
ATOM   498  C CG1 . VAL A 1 57  ? 3.22462   -8.39277  7.96307   1.000 13.48595 ?  122 VAL A CG1 1 
ATOM   499  C CG2 . VAL A 1 57  ? 3.08645   -6.04002  7.17655   1.000 8.44045  ?  122 VAL A CG2 1 
ATOM   500  N N   . GLN A 1 58  ? 6.67585   -8.84988  7.67859   1.000 7.78340  ?  123 GLN A N   1 
ATOM   501  C CA  . GLN A 1 58  ? 7.36219   -10.07895 8.07074   1.000 10.47117 ?  123 GLN A CA  1 
ATOM   502  C C   . GLN A 1 58  ? 8.43856   -9.81273  9.11069   1.000 12.24084 ?  123 GLN A C   1 
ATOM   503  O O   . GLN A 1 58  ? 8.71777   -10.68271 9.94601   1.000 16.88308 ?  123 GLN A O   1 
ATOM   504  C CB  . GLN A 1 58  ? 7.96073   -10.76925 6.84446   1.000 9.78785  ?  123 GLN A CB  1 
ATOM   505  C CG  . GLN A 1 58  ? 6.90720   -11.33826 5.90031   1.000 8.29226  ?  123 GLN A CG  1 
ATOM   506  C CD  . GLN A 1 58  ? 7.50459   -12.07341 4.70564   1.000 14.21888 ?  123 GLN A CD  1 
ATOM   507  O OE1 . GLN A 1 58  ? 8.09585   -11.46139 3.81778   1.000 19.57547 ?  123 GLN A OE1 1 
ATOM   508  N NE2 . GLN A 1 58  ? 7.35570   -13.38947 4.68547   1.000 13.87362 ?  123 GLN A NE2 1 
ATOM   509  N N   . ARG A 1 59  ? 9.05242   -8.62652  9.08156   1.000 10.58797 ?  124 ARG A N   1 
ATOM   510  C CA  . ARG A 1 59  ? 10.08345  -8.23796  10.04071  1.000 8.90009  ?  124 ARG A CA  1 
ATOM   511  C C   . ARG A 1 59  ? 9.52445   -7.60685  11.31271  1.000 13.52736 ?  124 ARG A C   1 
ATOM   512  O O   . ARG A 1 59  ? 10.30909  -7.22453  12.19319  1.000 15.03932 ?  124 ARG A O   1 
ATOM   513  C CB  . ARG A 1 59  ? 11.06478  -7.25972  9.40164   1.000 13.90699 ?  124 ARG A CB  1 
ATOM   514  C CG  . ARG A 1 59  ? 11.73643  -7.76127  8.13757   1.000 20.33299 ?  124 ARG A CG  1 
ATOM   515  C CD  . ARG A 1 59  ? 12.71688  -8.85686  8.43757   1.000 28.86829 ?  124 ARG A CD  1 
ATOM   516  N NE  . ARG A 1 59  ? 13.68101  -9.03880  7.35503   1.000 30.79454 ?  124 ARG A NE  1 
ATOM   517  C CZ  . ARG A 1 59  ? 14.29576  -10.19087 7.10409   1.000 36.13354 ?  124 ARG A CZ  1 
ATOM   518  N NH1 . ARG A 1 59  ? 14.03099  -11.26761 7.85378   1.000 16.17410 1  124 ARG A NH1 1 
ATOM   519  N NH2 . ARG A 1 59  ? 15.16360  -10.26939 6.09904   1.000 35.71144 ?  124 ARG A NH2 1 
ATOM   520  N N   . ARG A 1 60  ? 8.20214   -7.48896  11.42639  1.000 11.19495 ?  125 ARG A N   1 
ATOM   521  C CA  . ARG A 1 60  ? 7.54836   -6.84152  12.56816  1.000 11.10753 ?  125 ARG A CA  1 
ATOM   522  C C   . ARG A 1 60  ? 8.02321   -5.39780  12.73902  1.000 12.99906 ?  125 ARG A C   1 
ATOM   523  O O   . ARG A 1 60  ? 8.21405   -4.90331  13.85556  1.000 13.63199 ?  125 ARG A O   1 
ATOM   524  C CB  . ARG A 1 60  ? 7.74142   -7.64449  13.85726  1.000 16.14413 ?  125 ARG A CB  1 
ATOM   525  C CG  . ARG A 1 60  ? 7.29289   -9.10418  13.76271  1.000 22.07875 ?  125 ARG A CG  1 
ATOM   526  C CD  . ARG A 1 60  ? 5.90073   -9.23912  13.15457  1.000 29.52367 ?  125 ARG A CD  1 
ATOM   527  N NE  . ARG A 1 60  ? 5.33377   -10.58036 13.33071  1.000 30.33915 ?  125 ARG A NE  1 
ATOM   528  C CZ  . ARG A 1 60  ? 5.21126   -11.48855 12.36329  1.000 38.62641 ?  125 ARG A CZ  1 
ATOM   529  N NH1 . ARG A 1 60  ? 5.61002   -11.21928 11.12258  1.000 28.22330 1  125 ARG A NH1 1 
ATOM   530  N NH2 . ARG A 1 60  ? 4.67890   -12.67305 12.63772  1.000 35.22895 ?  125 ARG A NH2 1 
ATOM   531  N N   . TYR A 1 61  ? 8.17529   -4.70816  11.60809  1.000 9.32147  ?  126 TYR A N   1 
ATOM   532  C CA  . TYR A 1 61  ? 8.57715   -3.30409  11.59970  1.000 8.68422  ?  126 TYR A CA  1 
ATOM   533  C C   . TYR A 1 61  ? 7.54712   -2.41003  12.28076  1.000 12.02963 ?  126 TYR A C   1 
ATOM   534  O O   . TYR A 1 61  ? 7.90687   -1.43588  12.95514  1.000 13.13318 ?  126 TYR A O   1 
ATOM   535  C CB  . TYR A 1 61  ? 8.77218   -2.87906  10.14889  1.000 9.97101  ?  126 TYR A CB  1 
ATOM   536  C CG  . TYR A 1 61  ? 8.96020   -1.40337  9.87248   1.000 9.49782  ?  126 TYR A CG  1 
ATOM   537  C CD1 . TYR A 1 61  ? 10.22654  -0.84082  9.86621   1.000 12.27736 ?  126 TYR A CD1 1 
ATOM   538  C CD2 . TYR A 1 61  ? 7.89000   -0.59894  9.54136   1.000 10.05611 ?  126 TYR A CD2 1 
ATOM   539  C CE1 . TYR A 1 61  ? 10.41053  0.49721   9.57234   1.000 14.44693 ?  126 TYR A CE1 1 
ATOM   540  C CE2 . TYR A 1 61  ? 8.06046   0.73548   9.25164   1.000 12.94866 ?  126 TYR A CE2 1 
ATOM   541  C CZ  . TYR A 1 61  ? 9.32216   1.28176   9.26796   1.000 17.01888 ?  126 TYR A CZ  1 
ATOM   542  O OH  . TYR A 1 61  ? 9.50015   2.62244   8.96895   1.000 18.40200 ?  126 TYR A OH  1 
ATOM   543  N N   . TYR A 1 62  ? 6.26134   -2.70332  12.08656  1.000 10.12341 ?  127 TYR A N   1 
ATOM   544  C CA  . TYR A 1 62  ? 5.20395   -1.81132  12.54737  1.000 9.97989  ?  127 TYR A CA  1 
ATOM   545  C C   . TYR A 1 62  ? 4.93847   -1.99908  14.03525  1.000 10.58854 ?  127 TYR A C   1 
ATOM   546  O O   . TYR A 1 62  ? 4.76086   -3.12609  14.50891  1.000 14.87286 ?  127 TYR A O   1 
ATOM   547  C CB  . TYR A 1 62  ? 3.93126   -2.04112  11.72890  1.000 9.90929  ?  127 TYR A CB  1 
ATOM   548  C CG  . TYR A 1 62  ? 4.16543   -1.77883  10.25311  1.000 10.15007 ?  127 TYR A CG  1 
ATOM   549  C CD1 . TYR A 1 62  ? 4.29670   -0.47479  9.77422   1.000 11.64037 ?  127 TYR A CD1 1 
ATOM   550  C CD2 . TYR A 1 62  ? 4.27239   -2.82912  9.34820   1.000 6.93401  ?  127 TYR A CD2 1 
ATOM   551  C CE1 . TYR A 1 62  ? 4.52464   -0.22955  8.43003   1.000 9.76925  ?  127 TYR A CE1 1 
ATOM   552  C CE2 . TYR A 1 62  ? 4.49592   -2.59681  8.00252   1.000 8.31517  ?  127 TYR A CE2 1 
ATOM   553  C CZ  . TYR A 1 62  ? 4.61743   -1.29437  7.55139   1.000 7.76525  ?  127 TYR A CZ  1 
ATOM   554  O OH  . TYR A 1 62  ? 4.85781   -1.06826  6.20882   1.000 8.24909  ?  127 TYR A OH  1 
ATOM   555  N N   . GLU A 1 63  ? 4.94978   -0.88533  14.76710  1.000 12.79234 ?  128 GLU A N   1 
ATOM   556  C CA  . GLU A 1 63  ? 4.61585   -0.85268  16.18461  1.000 14.61129 ?  128 GLU A CA  1 
ATOM   557  C C   . GLU A 1 63  ? 3.16151   -0.50185  16.43828  1.000 14.70856 ?  128 GLU A C   1 
ATOM   558  O O   . GLU A 1 63  ? 2.59118   -0.96227  17.42948  1.000 16.30606 ?  128 GLU A O   1 
ATOM   559  C CB  . GLU A 1 63  ? 5.49012   0.16751   16.91616  1.000 22.36857 ?  128 GLU A CB  1 
ATOM   560  C CG  . GLU A 1 63  ? 6.97636   -0.11936  16.83557  1.000 28.57848 ?  128 GLU A CG  1 
ATOM   561  C CD  . GLU A 1 63  ? 7.37615   -1.32948  17.65271  1.000 44.36924 ?  128 GLU A CD  1 
ATOM   562  O OE1 . GLU A 1 63  ? 6.79480   -1.53034  18.74291  1.000 44.07796 ?  128 GLU A OE1 1 
ATOM   563  O OE2 . GLU A 1 63  ? 8.26678   -2.08205  17.20333  1.000 47.65678 -1 128 GLU A OE2 1 
ATOM   564  N N   . LYS A 1 64  ? 2.55490   0.31499   15.58133  1.000 10.91640 ?  129 LYS A N   1 
ATOM   565  C CA  . LYS A 1 64  ? 1.16030   0.69612   15.74307  1.000 13.19106 ?  129 LYS A CA  1 
ATOM   566  C C   . LYS A 1 64  ? 0.49454   0.76188   14.37787  1.000 10.10359 ?  129 LYS A C   1 
ATOM   567  O O   . LYS A 1 64  ? 1.15612   0.89911   13.34217  1.000 11.83320 ?  129 LYS A O   1 
ATOM   568  C CB  . LYS A 1 64  ? 1.02140   2.03979   16.46961  1.000 15.05857 ?  129 LYS A CB  1 
ATOM   569  C CG  . LYS A 1 64  ? 1.98913   3.11069   15.99369  1.000 20.88470 ?  129 LYS A CG  1 
ATOM   570  C CD  . LYS A 1 64  ? 1.86736   4.36171   16.86023  1.000 25.26839 ?  129 LYS A CD  1 
ATOM   571  C CE  . LYS A 1 64  ? 2.78238   5.47633   16.38291  1.000 28.31922 ?  129 LYS A CE  1 
ATOM   572  N NZ  . LYS A 1 64  ? 4.21159   5.14275   16.62021  1.000 31.19783 1  129 LYS A NZ  1 
ATOM   573  N N   . LEU A 1 65  ? -0.83627  0.64886   14.38365  1.000 9.72408  ?  130 LEU A N   1 
ATOM   574  C CA  . LEU A 1 65  ? -1.56704  0.61606   13.11561  1.000 10.56813 ?  130 LEU A CA  1 
ATOM   575  C C   . LEU A 1 65  ? -1.31669  1.87256   12.28796  1.000 11.80582 ?  130 LEU A C   1 
ATOM   576  O O   . LEU A 1 65  ? -1.24511  1.80613   11.05357  1.000 10.67130 ?  130 LEU A O   1 
ATOM   577  C CB  . LEU A 1 65  ? -3.06070  0.43978   13.38248  1.000 12.73987 ?  130 LEU A CB  1 
ATOM   578  C CG  . LEU A 1 65  ? -3.96917  0.32460   12.16165  1.000 12.37258 ?  130 LEU A CG  1 
ATOM   579  C CD1 . LEU A 1 65  ? -3.56211  -0.84335  11.25889  1.000 12.07730 ?  130 LEU A CD1 1 
ATOM   580  C CD2 . LEU A 1 65  ? -5.40138  0.15437   12.63612  1.000 10.63188 ?  130 LEU A CD2 1 
ATOM   581  N N   . THR A 1 66  ? -1.16590  3.03331   12.93773  1.000 11.52772 ?  131 THR A N   1 
ATOM   582  C CA  . THR A 1 66  ? -0.94439  4.26198   12.17447  1.000 11.73856 ?  131 THR A CA  1 
ATOM   583  C C   . THR A 1 66  ? 0.26097   4.16025   11.24401  1.000 10.51605 ?  131 THR A C   1 
ATOM   584  O O   . THR A 1 66  ? 0.27465   4.78645   10.17619  1.000 12.86513 ?  131 THR A O   1 
ATOM   585  C CB  . THR A 1 66  ? -0.77512  5.46835   13.10324  1.000 19.48761 ?  131 THR A CB  1 
ATOM   586  O OG1 . THR A 1 66  ? 0.24756   5.19834   14.06793  1.000 21.70417 ?  131 THR A OG1 1 
ATOM   587  C CG2 . THR A 1 66  ? -2.08534  5.79329   13.79905  1.000 24.28357 ?  131 THR A CG2 1 
ATOM   588  N N   . GLU A 1 67  ? 1.29065   3.40740   11.63344  1.000 9.40560  ?  132 GLU A N   1 
ATOM   589  C CA  . GLU A 1 67  ? 2.49424   3.31989   10.81419  1.000 9.17253  ?  132 GLU A CA  1 
ATOM   590  C C   . GLU A 1 67  ? 2.23489   2.50216   9.55519   1.000 9.14223  ?  132 GLU A C   1 
ATOM   591  O O   . GLU A 1 67  ? 2.78010   2.80510   8.48186   1.000 10.22419 ?  132 GLU A O   1 
ATOM   592  C CB  . GLU A 1 67  ? 3.62846   2.70654   11.63008  1.000 13.13921 ?  132 GLU A CB  1 
ATOM   593  C CG  . GLU A 1 67  ? 4.00082   3.53439   12.85232  1.000 15.69708 ?  132 GLU A CG  1 
ATOM   594  C CD  . GLU A 1 67  ? 4.91976   2.80717   13.81593  1.000 24.18078 ?  132 GLU A CD  1 
ATOM   595  O OE1 . GLU A 1 67  ? 5.18396   1.59962   13.62434  1.000 17.28413 ?  132 GLU A OE1 1 
ATOM   596  O OE2 . GLU A 1 67  ? 5.37746   3.45735   14.77924  1.000 33.48199 -1 132 GLU A OE2 1 
ATOM   597  N N   . PHE A 1 68  ? 1.45533   1.42437   9.69433   1.000 9.54535  ?  133 PHE A N   1 
ATOM   598  C CA  . PHE A 1 68  ? 1.03949   0.60811   8.55074   1.000 8.87052  ?  133 PHE A CA  1 
ATOM   599  C C   . PHE A 1 68  ? 0.14254   1.40825   7.61166   1.000 11.13596 ?  133 PHE A C   1 
ATOM   600  O O   . PHE A 1 68  ? 0.34137   1.42037   6.38860   1.000 7.88158  ?  133 PHE A O   1 
ATOM   601  C CB  . PHE A 1 68  ? 0.33626   -0.64720  9.07855   1.000 8.79743  ?  133 PHE A CB  1 
ATOM   602  C CG  . PHE A 1 68  ? -0.18904  -1.57367  8.01120   1.000 10.97401 ?  133 PHE A CG  1 
ATOM   603  C CD1 . PHE A 1 68  ? 0.59788   -2.60618  7.51568   1.000 9.45066  ?  133 PHE A CD1 1 
ATOM   604  C CD2 . PHE A 1 68  ? -1.48452  -1.44341  7.53535   1.000 11.99358 ?  133 PHE A CD2 1 
ATOM   605  C CE1 . PHE A 1 68  ? 0.11979   -3.46417  6.55321   1.000 7.83681  ?  133 PHE A CE1 1 
ATOM   606  C CE2 . PHE A 1 68  ? -1.96960  -2.31114  6.56931   1.000 12.86306 ?  133 PHE A CE2 1 
ATOM   607  C CZ  . PHE A 1 68  ? -1.16303  -3.31165  6.06771   1.000 10.21724 ?  133 PHE A CZ  1 
ATOM   608  N N   . VAL A 1 69  ? -0.83573  2.11731   8.17228   1.000 6.93726  ?  134 VAL A N   1 
ATOM   609  C CA  . VAL A 1 69  ? -1.69849  2.96744   7.35240   1.000 7.64109  ?  134 VAL A CA  1 
ATOM   610  C C   . VAL A 1 69  ? -0.89130  4.05464   6.65170   1.000 8.13959  ?  134 VAL A C   1 
ATOM   611  O O   . VAL A 1 69  ? -1.16592  4.40504   5.49312   1.000 9.55946  ?  134 VAL A O   1 
ATOM   612  C CB  . VAL A 1 69  ? -2.81774  3.55968   8.22747   1.000 7.98922  ?  134 VAL A CB  1 
ATOM   613  C CG1 . VAL A 1 69  ? -3.64523  4.56362   7.42227   1.000 8.94421  ?  134 VAL A CG1 1 
ATOM   614  C CG2 . VAL A 1 69  ? -3.67439  2.44852   8.79191   1.000 10.23207 ?  134 VAL A CG2 1 
ATOM   615  N N   . ALA A 1 70  ? 0.12334   4.59916   7.32978   1.000 7.62995  ?  135 ALA A N   1 
ATOM   616  C CA  . ALA A 1 70  ? 0.94155   5.64491   6.72141   1.000 9.69757  ?  135 ALA A CA  1 
ATOM   617  C C   . ALA A 1 70  ? 1.69607   5.12975   5.49893   1.000 10.33477 ?  135 ALA A C   1 
ATOM   618  O O   . ALA A 1 70  ? 1.76947   5.81164   4.47294   1.000 8.22109  ?  135 ALA A O   1 
ATOM   619  C CB  . ALA A 1 70  ? 1.92575   6.20513   7.74794   1.000 9.96901  ?  135 ALA A CB  1 
ATOM   620  N N   . ASP A 1 71  ? 2.29836   3.94349   5.59765   1.000 7.83592  ?  136 ASP A N   1 
ATOM   621  C CA  . ASP A 1 71  ? 2.99364   3.39897   4.43531   1.000 7.16212  ?  136 ASP A CA  1 
ATOM   622  C C   . ASP A 1 71  ? 2.01743   3.10919   3.30512   1.000 7.61652  ?  136 ASP A C   1 
ATOM   623  O O   . ASP A 1 71  ? 2.32966   3.34746   2.13177   1.000 8.58757  ?  136 ASP A O   1 
ATOM   624  C CB  . ASP A 1 71  ? 3.75038   2.11800   4.79979   1.000 7.41429  ?  136 ASP A CB  1 
ATOM   625  C CG  . ASP A 1 71  ? 5.12547   2.38404   5.39650   1.000 8.90151  ?  136 ASP A CG  1 
ATOM   626  O OD1 . ASP A 1 71  ? 5.58525   3.55241   5.42632   1.000 11.63349 ?  136 ASP A OD1 1 
ATOM   627  O OD2 . ASP A 1 71  ? 5.74234   1.39114   5.84484   1.000 10.56720 -1 136 ASP A OD2 1 
ATOM   628  N N   . MET A 1 72  ? 0.84371   2.56052   3.63034   1.000 7.24345  ?  137 MET A N   1 
ATOM   629  C CA  . MET A 1 72  ? -0.13987  2.29281   2.57993   1.000 8.14509  ?  137 MET A CA  1 
ATOM   630  C C   . MET A 1 72  ? -0.58393  3.59120   1.92693   1.000 7.96319  ?  137 MET A C   1 
ATOM   631  O O   . MET A 1 72  ? -0.68952  3.67294   0.70025   1.000 9.77307  ?  137 MET A O   1 
ATOM   632  C CB  . MET A 1 72  ? -1.33896  1.54072   3.15968   1.000 9.29077  ?  137 MET A CB  1 
ATOM   633  C CG  . MET A 1 72  ? -2.30399  0.97736   2.11251   1.000 10.06071 ?  137 MET A CG  1 
ATOM   634  S SD  . MET A 1 72  ? -1.55188  -0.29227  1.08158   1.000 11.67025 ?  137 MET A SD  1 
ATOM   635  C CE  . MET A 1 72  ? -1.35520  -1.60412  2.27697   1.000 11.43949 ?  137 MET A CE  1 
ATOM   636  N N   . THR A 1 73  ? -0.81161  4.63287   2.73353   1.000 7.20682  ?  138 THR A N   1 
ATOM   637  C CA  . THR A 1 73  ? -1.25269  5.91330   2.17690   1.000 9.62766  ?  138 THR A CA  1 
ATOM   638  C C   . THR A 1 73  ? -0.17521  6.53918   1.29426   1.000 12.50276 ?  138 THR A C   1 
ATOM   639  O O   . THR A 1 73  ? -0.49195  7.15148   0.26853   1.000 14.18968 ?  138 THR A O   1 
ATOM   640  C CB  . THR A 1 73  ? -1.66520  6.84899   3.31111   1.000 14.48241 ?  138 THR A CB  1 
ATOM   641  O OG1 . THR A 1 73  ? -2.67765  6.19667   4.07570   1.000 14.09166 ?  138 THR A OG1 1 
ATOM   642  C CG2 . THR A 1 73  ? -2.25097  8.12967   2.75445   1.000 16.36414 ?  138 THR A CG2 1 
ATOM   643  N N   . LYS A 1 74  ? 1.10537   6.35644   1.64518   1.000 9.71318  ?  139 LYS A N   1 
ATOM   644  C CA  . LYS A 1 74  ? 2.19166   6.81271   0.77389   1.000 8.57886  ?  139 LYS A CA  1 
ATOM   645  C C   . LYS A 1 74  ? 2.06755   6.23905   -0.63170  1.000 9.55427  ?  139 LYS A C   1 
ATOM   646  O O   . LYS A 1 74  ? 2.31063   6.93713   -1.62537  1.000 8.27279  ?  139 LYS A O   1 
ATOM   647  C CB  . LYS A 1 74  ? 3.54849   6.40348   1.34455   1.000 11.96798 ?  139 LYS A CB  1 
ATOM   648  C CG  . LYS A 1 74  ? 4.11067   7.24058   2.45486   1.000 21.44869 ?  139 LYS A CG  1 
ATOM   649  C CD  . LYS A 1 74  ? 5.60125   6.92480   2.55841   1.000 23.65811 ?  139 LYS A CD  1 
ATOM   650  C CE  . LYS A 1 74  ? 6.14180   7.08721   3.97377   1.000 44.38335 ?  139 LYS A CE  1 
ATOM   651  N NZ  . LYS A 1 74  ? 5.47654   6.16385   4.95133   1.000 34.57146 1  139 LYS A NZ  1 
ATOM   652  N N   . ILE A 1 75  ? 1.75293   4.94689   -0.73304  1.000 6.25562  ?  140 ILE A N   1 
ATOM   653  C CA  . ILE A 1 75  ? 1.59219   4.32643   -2.04821  1.000 5.46653  ?  140 ILE A CA  1 
ATOM   654  C C   . ILE A 1 75  ? 0.59347   5.12318   -2.86878  1.000 6.82002  ?  140 ILE A C   1 
ATOM   655  O O   . ILE A 1 75  ? 0.85087   5.47005   -4.02468  1.000 9.66080  ?  140 ILE A O   1 
ATOM   656  C CB  . ILE A 1 75  ? 1.14669   2.85942   -1.89465  1.000 7.24781  ?  140 ILE A CB  1 
ATOM   657  C CG1 . ILE A 1 75  ? 2.24170   2.05456   -1.18889  1.000 8.42443  ?  140 ILE A CG1 1 
ATOM   658  C CG2 . ILE A 1 75  ? 0.80842   2.24126   -3.27062  1.000 9.66148  ?  140 ILE A CG2 1 
ATOM   659  C CD1 . ILE A 1 75  ? 1.84840   0.61670   -0.88924  1.000 6.98138  ?  140 ILE A CD1 1 
ATOM   660  N N   . PHE A 1 76  ? -0.56812  5.41389   -2.27999  1.000 6.46615  ?  141 PHE A N   1 
ATOM   661  C CA  . PHE A 1 76  ? -1.62185  6.08953   -3.02741  1.000 7.77187  ?  141 PHE A CA  1 
ATOM   662  C C   . PHE A 1 76  ? -1.27007  7.55117   -3.26051  1.000 11.31985 ?  141 PHE A C   1 
ATOM   663  O O   . PHE A 1 76  ? -1.43182  8.05636   -4.37678  1.000 9.43962  ?  141 PHE A O   1 
ATOM   664  C CB  . PHE A 1 76  ? -2.96581  5.93701   -2.30765  1.000 10.66124 ?  141 PHE A CB  1 
ATOM   665  C CG  . PHE A 1 76  ? -3.33800  4.49499   -2.04859  1.000 10.88625 ?  141 PHE A CG  1 
ATOM   666  C CD1 . PHE A 1 76  ? -3.17320  3.54989   -3.04275  1.000 13.29003 ?  141 PHE A CD1 1 
ATOM   667  C CD2 . PHE A 1 76  ? -3.81783  4.09234   -0.80870  1.000 15.26179 ?  141 PHE A CD2 1 
ATOM   668  C CE1 . PHE A 1 76  ? -3.49278  2.20925   -2.81514  1.000 17.98658 ?  141 PHE A CE1 1 
ATOM   669  C CE2 . PHE A 1 76  ? -4.13990  2.76538   -0.57836  1.000 14.16153 ?  141 PHE A CE2 1 
ATOM   670  C CZ  . PHE A 1 76  ? -3.97405  1.82969   -1.57886  1.000 14.60332 ?  141 PHE A CZ  1 
ATOM   671  N N   . ASP A 1 77  ? -0.76549  8.24008   -2.23173  1.000 6.90637  ?  142 ASP A N   1 
ATOM   672  C CA  . ASP A 1 77  ? -0.40550  9.64936   -2.39912  1.000 8.38051  ?  142 ASP A CA  1 
ATOM   673  C C   . ASP A 1 77  ? 0.69847   9.82410   -3.44106  1.000 9.25911  ?  142 ASP A C   1 
ATOM   674  O O   . ASP A 1 77  ? 0.66901   10.77570  -4.23474  1.000 8.63197  ?  142 ASP A O   1 
ATOM   675  C CB  . ASP A 1 77  ? 0.02760   10.25568  -1.05839  1.000 9.18015  ?  142 ASP A CB  1 
ATOM   676  C CG  . ASP A 1 77  ? -1.13701  10.44943  -0.08319  1.000 12.22041 ?  142 ASP A CG  1 
ATOM   677  O OD1 . ASP A 1 77  ? -2.30801  10.22468  -0.46027  1.000 18.09607 ?  142 ASP A OD1 1 
ATOM   678  O OD2 . ASP A 1 77  ? -0.85624  10.82641  1.07252   1.000 20.67393 -1 142 ASP A OD2 1 
ATOM   679  N N   . ASN A 1 78  ? 1.70110   8.93802   -3.44168  1.000 7.44635  ?  143 ASN A N   1 
ATOM   680  C CA  . ASN A 1 78  ? 2.75747   9.04676   -4.44882  1.000 9.19100  ?  143 ASN A CA  1 
ATOM   681  C C   . ASN A 1 78  ? 2.18124   8.92779   -5.84370  1.000 7.77186  ?  143 ASN A C   1 
ATOM   682  O O   . ASN A 1 78  ? 2.55599   9.68090   -6.75093  1.000 10.21645 ?  143 ASN A O   1 
ATOM   683  C CB  . ASN A 1 78  ? 3.82293   7.96371   -4.25507  1.000 7.76536  ?  143 ASN A CB  1 
ATOM   684  C CG  . ASN A 1 78  ? 4.64127   8.16714   -3.00842  1.000 6.04386  ?  143 ASN A CG  1 
ATOM   685  O OD1 . ASN A 1 78  ? 4.60615   9.23063   -2.39665  1.000 9.52589  ?  143 ASN A OD1 1 
ATOM   686  N ND2 . ASN A 1 78  ? 5.41559   7.13952   -2.62798  1.000 6.74497  ?  143 ASN A ND2 1 
ATOM   687  N N   . CYS A 1 79  ? 1.27035   7.97810   -6.02952  1.000 7.47495  ?  144 CYS A N   1 
ATOM   688  C CA  . CYS A 1 79  ? 0.68328   7.74306   -7.33913  1.000 8.01290  ?  144 CYS A CA  1 
ATOM   689  C C   . CYS A 1 79  ? -0.10815  8.95401   -7.81218  1.000 7.94712  ?  144 CYS A C   1 
ATOM   690  O O   . CYS A 1 79  ? -0.02083  9.34581   -8.97663  1.000 10.90189 ?  144 CYS A O   1 
ATOM   691  C CB  . CYS A 1 79  ? -0.20902  6.50479   -7.25882  1.000 8.56876  ?  144 CYS A CB  1 
ATOM   692  S SG  . CYS A 1 79  ? -1.23715  6.20951   -8.69810  1.000 11.68592 ?  144 CYS A SG  1 
ATOM   693  N N   . ARG A 1 80  ? -0.89461  9.54860   -6.92894  1.000 8.18516  ?  145 ARG A N   1 
ATOM   694  C CA  . ARG A 1 80  ? -1.73835  10.65651  -7.36092  1.000 7.56961  ?  145 ARG A CA  1 
ATOM   695  C C   . ARG A 1 80  ? -0.94470  11.93576  -7.57083  1.000 11.22771 ?  145 ARG A C   1 
ATOM   696  O O   . ARG A 1 80  ? -1.37088  12.79285  -8.35365  1.000 13.36586 ?  145 ARG A O   1 
ATOM   697  C CB  . ARG A 1 80  ? -2.86080  10.85822  -6.35424  1.000 12.86377 ?  145 ARG A CB  1 
ATOM   698  C CG  . ARG A 1 80  ? -3.90405  9.74427   -6.45022  1.000 16.15404 ?  145 ARG A CG  1 
ATOM   699  C CD  . ARG A 1 80  ? -5.09461  10.05609  -5.58200  1.000 20.69891 ?  145 ARG A CD  1 
ATOM   700  N NE  . ARG A 1 80  ? -4.71146  9.96740   -4.18655  1.000 20.21782 ?  145 ARG A NE  1 
ATOM   701  C CZ  . ARG A 1 80  ? -5.05824  8.97426   -3.37851  1.000 18.56908 ?  145 ARG A CZ  1 
ATOM   702  N NH1 . ARG A 1 80  ? -4.63708  8.97707   -2.11616  1.000 24.18158 1  145 ARG A NH1 1 
ATOM   703  N NH2 . ARG A 1 80  ? -5.83900  7.99185   -3.82215  1.000 26.60743 ?  145 ARG A NH2 1 
ATOM   704  N N   . TYR A 1 81  ? 0.20763   12.07003  -6.91556  1.000 8.78882  ?  146 TYR A N   1 
ATOM   705  C CA  . TYR A 1 81  ? 1.08380   13.21692  -7.14796  1.000 7.92860  ?  146 TYR A CA  1 
ATOM   706  C C   . TYR A 1 81  ? 1.86926   13.06799  -8.44449  1.000 11.67004 ?  146 TYR A C   1 
ATOM   707  O O   . TYR A 1 81  ? 1.98678   14.02517  -9.22127  1.000 11.87808 ?  146 TYR A O   1 
ATOM   708  C CB  . TYR A 1 81  ? 2.02290   13.35874  -5.95181  1.000 10.60400 ?  146 TYR A CB  1 
ATOM   709  C CG  . TYR A 1 81  ? 3.04200   14.46610  -6.01961  1.000 8.51387  ?  146 TYR A CG  1 
ATOM   710  C CD1 . TYR A 1 81  ? 2.64698   15.79641  -6.08707  1.000 9.25045  ?  146 TYR A CD1 1 
ATOM   711  C CD2 . TYR A 1 81  ? 4.40287   14.17740  -5.95498  1.000 13.54706 ?  146 TYR A CD2 1 
ATOM   712  C CE1 . TYR A 1 81  ? 3.60570   16.81370  -6.12068  1.000 11.37369 ?  146 TYR A CE1 1 
ATOM   713  C CE2 . TYR A 1 81  ? 5.35934   15.18255  -5.99043  1.000 15.19382 ?  146 TYR A CE2 1 
ATOM   714  C CZ  . TYR A 1 81  ? 4.95581   16.49332  -6.06966  1.000 13.72255 ?  146 TYR A CZ  1 
ATOM   715  O OH  . TYR A 1 81  ? 5.92731   17.48011  -6.08398  1.000 15.22471 ?  146 TYR A OH  1 
ATOM   716  N N   . TYR A 1 82  ? 2.40699   11.87910  -8.69767  1.000 8.55992  ?  147 TYR A N   1 
ATOM   717  C CA  . TYR A 1 82  ? 3.25112   11.67381  -9.87272  1.000 7.08136  ?  147 TYR A CA  1 
ATOM   718  C C   . TYR A 1 82  ? 2.42746   11.65554  -11.15640 1.000 9.87707  ?  147 TYR A C   1 
ATOM   719  O O   . TYR A 1 82  ? 2.89054   12.13288  -12.20165 1.000 13.84947 ?  147 TYR A O   1 
ATOM   720  C CB  . TYR A 1 82  ? 4.04178   10.37419  -9.72230  1.000 10.50956 ?  147 TYR A CB  1 
ATOM   721  C CG  . TYR A 1 82  ? 4.85201   10.01012  -10.95047 1.000 11.07995 ?  147 TYR A CG  1 
ATOM   722  C CD1 . TYR A 1 82  ? 6.01992   10.69083  -11.26151 1.000 13.40331 ?  147 TYR A CD1 1 
ATOM   723  C CD2 . TYR A 1 82  ? 4.44380   8.98159   -11.79100 1.000 11.35220 ?  147 TYR A CD2 1 
ATOM   724  C CE1 . TYR A 1 82  ? 6.76673   10.36029  -12.38330 1.000 13.76186 ?  147 TYR A CE1 1 
ATOM   725  C CE2 . TYR A 1 82  ? 5.17981   8.64167   -12.91317 1.000 13.54583 ?  147 TYR A CE2 1 
ATOM   726  C CZ  . TYR A 1 82  ? 6.33767   9.34058   -13.20715 1.000 14.02960 ?  147 TYR A CZ  1 
ATOM   727  O OH  . TYR A 1 82  ? 7.06836   9.00194   -14.32510 1.000 18.21343 ?  147 TYR A OH  1 
ATOM   728  N N   . ASN A 1 83  ? 1.21674   11.09657  -11.10480 1.000 9.86343  ?  148 ASN A N   1 
ATOM   729  C CA  . ASN A 1 83  ? 0.38812   10.90299  -12.28884 1.000 8.84997  ?  148 ASN A CA  1 
ATOM   730  C C   . ASN A 1 83  ? -0.75618  11.90624  -12.34563 1.000 11.97047 ?  148 ASN A C   1 
ATOM   731  O O   . ASN A 1 83  ? -1.29601  12.30293  -11.31245 1.000 11.18057 ?  148 ASN A O   1 
ATOM   732  C CB  . ASN A 1 83  ? -0.20411  9.48882   -12.30617 1.000 8.95396  ?  148 ASN A CB  1 
ATOM   733  C CG  . ASN A 1 83  ? 0.84769   8.42814   -12.49967 1.000 9.88524  ?  148 ASN A CG  1 
ATOM   734  O OD1 . ASN A 1 83  ? 1.47935   8.34317   -13.55783 1.000 15.08193 ?  148 ASN A OD1 1 
ATOM   735  N ND2 . ASN A 1 83  ? 1.03184   7.58946   -11.49058 1.000 9.46393  ?  148 ASN A ND2 1 
ATOM   736  N N   . PRO A 1 84  ? -1.18727  12.29855  -13.54269 1.000 14.12949 ?  149 PRO A N   1 
ATOM   737  C CA  . PRO A 1 84  ? -2.36489  13.16798  -13.64779 1.000 19.48365 ?  149 PRO A CA  1 
ATOM   738  C C   . PRO A 1 84  ? -3.64428  12.41224  -13.31109 1.000 16.56936 ?  149 PRO A C   1 
ATOM   739  O O   . PRO A 1 84  ? -3.69159  11.18123  -13.30551 1.000 14.63663 ?  149 PRO A O   1 
ATOM   740  C CB  . PRO A 1 84  ? -2.34581  13.61098  -15.11403 1.000 24.93591 ?  149 PRO A CB  1 
ATOM   741  C CG  . PRO A 1 84  ? -1.69077  12.48437  -15.82069 1.000 19.87912 ?  149 PRO A CG  1 
ATOM   742  C CD  . PRO A 1 84  ? -0.66914  11.90565  -14.86418 1.000 15.94422 ?  149 PRO A CD  1 
ATOM   743  N N   . SER A 1 85  ? -4.70243  13.17564  -13.02249 1.000 18.63682 ?  150 SER A N   1 
ATOM   744  C CA  . SER A 1 85  ? -5.93961  12.58268  -12.52309 1.000 16.02435 ?  150 SER A CA  1 
ATOM   745  C C   . SER A 1 85  ? -6.69182  11.77452  -13.57170 1.000 15.89163 ?  150 SER A C   1 
ATOM   746  O O   . SER A 1 85  ? -7.60237  11.02007  -13.20554 1.000 18.55562 ?  150 SER A O   1 
ATOM   747  C CB  . SER A 1 85  ? -6.85977  13.67086  -11.96551 1.000 20.93706 ?  150 SER A CB  1 
ATOM   748  O OG  . SER A 1 85  ? -7.19530  14.60912  -12.97346 1.000 23.29198 ?  150 SER A OG  1 
ATOM   749  N N   . ASP A 1 86  ? -6.35139  11.90926  -14.85120 1.000 15.74925 ?  151 ASP A N   1 
ATOM   750  C CA  . ASP A 1 86  ? -6.97458  11.09185  -15.88511 1.000 22.31211 ?  151 ASP A CA  1 
ATOM   751  C C   . ASP A 1 86  ? -6.09882  9.92113   -16.30210 1.000 24.57651 ?  151 ASP A C   1 
ATOM   752  O O   . ASP A 1 86  ? -6.38811  9.26225   -17.30810 1.000 26.68594 ?  151 ASP A O   1 
ATOM   753  C CB  . ASP A 1 86  ? -7.34489  11.95137  -17.09931 1.000 23.44872 ?  151 ASP A CB  1 
ATOM   754  C CG  . ASP A 1 86  ? -6.15865  12.68744  -17.68867 1.000 29.32224 ?  151 ASP A CG  1 
ATOM   755  O OD1 . ASP A 1 86  ? -5.01704  12.48126  -17.22564 1.000 32.42517 ?  151 ASP A OD1 1 
ATOM   756  O OD2 . ASP A 1 86  ? -6.37165  13.47775  -18.63087 1.000 40.24343 -1 151 ASP A OD2 1 
ATOM   757  N N   . SER A 1 87  ? -5.05069  9.64145   -15.55283 1.000 17.76488 ?  152 SER A N   1 
ATOM   758  C CA  A SER A 1 87  ? -4.18143  8.51800   -15.87847 0.981 15.33380 ?  152 SER A CA  1 
ATOM   759  C CA  B SER A 1 87  ? -4.18955  8.52024   -15.88827 0.019 15.47605 ?  152 SER A CA  1 
ATOM   760  C C   . SER A 1 87  ? -4.80140  7.21692   -15.38047 1.000 14.74342 ?  152 SER A C   1 
ATOM   761  O O   . SER A 1 87  ? -5.40177  7.19070   -14.30499 1.000 16.61098 ?  152 SER A O   1 
ATOM   762  C CB  A SER A 1 87  ? -2.80154  8.69239   -15.24604 0.981 16.46248 ?  152 SER A CB  1 
ATOM   763  C CB  B SER A 1 87  ? -2.80012  8.70751   -15.28426 0.019 16.37195 ?  152 SER A CB  1 
ATOM   764  O OG  A SER A 1 87  ? -2.09757  7.45776   -15.24428 0.981 15.31163 ?  152 SER A OG  1 
ATOM   765  O OG  B SER A 1 87  ? -2.00403  7.55103   -15.47452 0.019 15.32863 ?  152 SER A OG  1 
ATOM   766  N N   . PRO A 1 88  ? -4.67639  6.13235   -16.14143 1.000 12.88475 ?  153 PRO A N   1 
ATOM   767  C CA  . PRO A 1 88  ? -5.09400  4.83068   -15.60668 1.000 15.31918 ?  153 PRO A CA  1 
ATOM   768  C C   . PRO A 1 88  ? -4.40116  4.48938   -14.30410 1.000 12.49693 ?  153 PRO A C   1 
ATOM   769  O O   . PRO A 1 88  ? -4.98372  3.78516   -13.46813 1.000 13.57376 ?  153 PRO A O   1 
ATOM   770  C CB  . PRO A 1 88  ? -4.70435  3.84992   -16.72019 1.000 18.96238 ?  153 PRO A CB  1 
ATOM   771  C CG  . PRO A 1 88  ? -4.64373  4.67097   -17.95439 1.000 22.94672 ?  153 PRO A CG  1 
ATOM   772  C CD  . PRO A 1 88  ? -4.17563  6.03725   -17.52505 1.000 15.18486 ?  153 PRO A CD  1 
ATOM   773  N N   . PHE A 1 89  ? -3.15934  4.94894   -14.10857 1.000 11.87299 ?  154 PHE A N   1 
ATOM   774  C CA  . PHE A 1 89  ? -2.47160  4.64587   -12.85726 1.000 9.93120  ?  154 PHE A CA  1 
ATOM   775  C C   . PHE A 1 89  ? -3.12499  5.37621   -11.70103 1.000 9.27821  ?  154 PHE A C   1 
ATOM   776  O O   . PHE A 1 89  ? -3.26280  4.81841   -10.60914 1.000 11.07183 ?  154 PHE A O   1 
ATOM   777  C CB  . PHE A 1 89  ? -0.98866  4.99305   -12.97076 1.000 10.82627 ?  154 PHE A CB  1 
ATOM   778  C CG  . PHE A 1 89  ? -0.27513  4.13340   -13.96020 1.000 11.09959 ?  154 PHE A CG  1 
ATOM   779  C CD1 . PHE A 1 89  ? 0.06696   2.82711   -13.63584 1.000 11.54492 ?  154 PHE A CD1 1 
ATOM   780  C CD2 . PHE A 1 89  ? -0.00561  4.59720   -15.23198 1.000 13.87795 ?  154 PHE A CD2 1 
ATOM   781  C CE1 . PHE A 1 89  ? 0.69580   2.01561   -14.55629 1.000 12.28012 ?  154 PHE A CE1 1 
ATOM   782  C CE2 . PHE A 1 89  ? 0.63153   3.78755   -16.15337 1.000 15.79905 ?  154 PHE A CE2 1 
ATOM   783  C CZ  . PHE A 1 89  ? 0.97542   2.49649   -15.81268 1.000 15.85332 ?  154 PHE A CZ  1 
ATOM   784  N N   . TYR A 1 90  ? -3.53921  6.62377   -11.93124 1.000 9.44678  ?  155 TYR A N   1 
ATOM   785  C CA  . TYR A 1 90  ? -4.29405  7.35775   -10.92158 1.000 9.17347  ?  155 TYR A CA  1 
ATOM   786  C C   . TYR A 1 90  ? -5.58920  6.63212   -10.56841 1.000 9.75314  ?  155 TYR A C   1 
ATOM   787  O O   . TYR A 1 90  ? -5.96005  6.53120   -9.39238  1.000 11.03027 ?  155 TYR A O   1 
ATOM   788  C CB  . TYR A 1 90  ? -4.57022  8.77046   -11.44543 1.000 10.86634 ?  155 TYR A CB  1 
ATOM   789  C CG  . TYR A 1 90  ? -5.09429  9.76261   -10.42471 1.000 9.08592  ?  155 TYR A CG  1 
ATOM   790  C CD1 . TYR A 1 90  ? -4.30837  10.83372  -9.99903  1.000 13.51921 ?  155 TYR A CD1 1 
ATOM   791  C CD2 . TYR A 1 90  ? -6.38659  9.65801   -9.92042  1.000 10.61153 ?  155 TYR A CD2 1 
ATOM   792  C CE1 . TYR A 1 90  ? -4.79540  11.76069  -9.08419  1.000 15.33399 ?  155 TYR A CE1 1 
ATOM   793  C CE2 . TYR A 1 90  ? -6.87936  10.58677  -9.00986  1.000 16.18083 ?  155 TYR A CE2 1 
ATOM   794  C CZ  . TYR A 1 90  ? -6.07815  11.63133  -8.59208  1.000 14.11928 ?  155 TYR A CZ  1 
ATOM   795  O OH  . TYR A 1 90  ? -6.57069  12.55028  -7.67581  1.000 16.00743 ?  155 TYR A OH  1 
ATOM   796  N N   . GLN A 1 91  ? -6.29589  6.11633   -11.57329 1.000 11.25837 ?  156 GLN A N   1 
ATOM   797  C CA  . GLN A 1 91  ? -7.52268  5.37704   -11.29700 1.000 11.95508 ?  156 GLN A CA  1 
ATOM   798  C C   . GLN A 1 91  ? -7.24574  4.13034   -10.46118 1.000 10.79464 ?  156 GLN A C   1 
ATOM   799  O O   . GLN A 1 91  ? -8.04049  3.78310   -9.57984  1.000 11.92540 ?  156 GLN A O   1 
ATOM   800  C CB  . GLN A 1 91  ? -8.22133  4.99998   -12.60696 1.000 19.14000 ?  156 GLN A CB  1 
ATOM   801  C CG  . GLN A 1 91  ? -9.47094  4.14102   -12.40058 1.000 19.99895 ?  156 GLN A CG  1 
ATOM   802  C CD  . GLN A 1 91  ? -10.10737 3.68873   -13.70858 1.000 38.47957 ?  156 GLN A CD  1 
ATOM   803  O OE1 . GLN A 1 91  ? -9.77259  2.62810   -14.24340 1.000 42.12341 ?  156 GLN A OE1 1 
ATOM   804  N NE2 . GLN A 1 91  ? -11.03844 4.48824   -14.22293 1.000 37.09472 ?  156 GLN A NE2 1 
ATOM   805  N N   . CYS A 1 92  ? -6.12977  3.44049   -10.71641 1.000 11.30199 ?  157 CYS A N   1 
ATOM   806  C CA  . CYS A 1 92  ? -5.81172  2.27460   -9.89060  1.000 10.99571 ?  157 CYS A CA  1 
ATOM   807  C C   . CYS A 1 92  ? -5.68701  2.67015   -8.42879  1.000 9.29673  ?  157 CYS A C   1 
ATOM   808  O O   . CYS A 1 92  ? -6.13596  1.94047   -7.53589  1.000 11.28263 ?  157 CYS A O   1 
ATOM   809  C CB  . CYS A 1 92  ? -4.51418  1.60492   -10.35196 1.000 14.40813 ?  157 CYS A CB  1 
ATOM   810  S SG  . CYS A 1 92  ? -4.61928  0.75542   -11.93446 1.000 15.87184 ?  157 CYS A SG  1 
ATOM   811  N N   . ALA A 1 93  ? -5.05377  3.81247   -8.16187  1.000 10.64991 ?  158 ALA A N   1 
ATOM   812  C CA  . ALA A 1 93  ? -4.94787  4.28757   -6.78890  1.000 8.37580  ?  158 ALA A CA  1 
ATOM   813  C C   . ALA A 1 93  ? -6.32231  4.57961   -6.20126  1.000 9.13072  ?  158 ALA A C   1 
ATOM   814  O O   . ALA A 1 93  ? -6.58047  4.26401   -5.03687  1.000 11.96809 ?  158 ALA A O   1 
ATOM   815  C CB  . ALA A 1 93  ? -4.05473  5.52179   -6.71622  1.000 12.80985 ?  158 ALA A CB  1 
ATOM   816  N N   . GLU A 1 94  ? -7.20933  5.20819   -6.98203  1.000 8.19731  ?  159 GLU A N   1 
ATOM   817  C CA  . GLU A 1 94  ? -8.56081  5.46888   -6.49961  1.000 10.40948 ?  159 GLU A CA  1 
ATOM   818  C C   . GLU A 1 94  ? -9.25968  4.17844   -6.10017  1.000 9.82185  ?  159 GLU A C   1 
ATOM   819  O O   . GLU A 1 94  ? -9.85517  4.08655   -5.01759  1.000 13.63415 ?  159 GLU A O   1 
ATOM   820  C CB  . GLU A 1 94  ? -9.37124  6.19878   -7.57072  1.000 12.14354 ?  159 GLU A CB  1 
ATOM   821  C CG  . GLU A 1 94  ? -8.93833  7.62520   -7.81629  1.000 13.03384 ?  159 GLU A CG  1 
ATOM   822  C CD  . GLU A 1 94  ? -9.74558  8.27152   -8.93264  1.000 25.50534 ?  159 GLU A CD  1 
ATOM   823  O OE1 . GLU A 1 94  ? -9.95681  7.60831   -9.97714  1.000 26.09748 ?  159 GLU A OE1 1 
ATOM   824  O OE2 . GLU A 1 94  ? -10.17934 9.43292   -8.75829  1.000 30.64410 -1 159 GLU A OE2 1 
ATOM   825  N N   . VAL A 1 95  ? -9.22100  3.17467   -6.97635  1.000 9.08974  ?  160 VAL A N   1 
ATOM   826  C CA  . VAL A 1 95  ? -9.91305  1.92305   -6.69832  1.000 12.20203 ?  160 VAL A CA  1 
ATOM   827  C C   . VAL A 1 95  ? -9.27823  1.21195   -5.51438  1.000 10.41104 ?  160 VAL A C   1 
ATOM   828  O O   . VAL A 1 95  ? -9.96667  0.79560   -4.57411  1.000 9.49354  ?  160 VAL A O   1 
ATOM   829  C CB  . VAL A 1 95  ? -9.91908  1.02157   -7.94154  1.000 10.35162 ?  160 VAL A CB  1 
ATOM   830  C CG1 . VAL A 1 95  ? -10.62658 -0.28529  -7.60512  1.000 13.23596 ?  160 VAL A CG1 1 
ATOM   831  C CG2 . VAL A 1 95  ? -10.61249 1.72581   -9.10743  1.000 15.88041 ?  160 VAL A CG2 1 
ATOM   832  N N   . LEU A 1 96  ? -7.95587  1.04489   -5.54482  1.000 8.95118  ?  161 LEU A N   1 
ATOM   833  C CA  . LEU A 1 96  ? -7.31574  0.28442   -4.47621  1.000 7.75312  ?  161 LEU A CA  1 
ATOM   834  C C   . LEU A 1 96  ? -7.39157  1.00242   -3.12703  1.000 8.18861  ?  161 LEU A C   1 
ATOM   835  O O   . LEU A 1 96  ? -7.51007  0.33922   -2.08952  1.000 8.76847  ?  161 LEU A O   1 
ATOM   836  C CB  . LEU A 1 96  ? -5.86674  -0.02540  -4.84887  1.000 8.87033  ?  161 LEU A CB  1 
ATOM   837  C CG  . LEU A 1 96  ? -5.27424  -1.22894  -4.10535  1.000 12.27695 ?  161 LEU A CG  1 
ATOM   838  C CD1 . LEU A 1 96  ? -6.01395  -2.52764  -4.47507  1.000 12.20991 ?  161 LEU A CD1 1 
ATOM   839  C CD2 . LEU A 1 96  ? -3.78372  -1.35079  -4.39969  1.000 16.43357 ?  161 LEU A CD2 1 
ATOM   840  N N   . GLU A 1 97  ? -7.35816  2.34114   -3.09135  1.000 8.13640  ?  162 GLU A N   1 
ATOM   841  C CA  . GLU A 1 97  ? -7.48582  2.98128   -1.78048  1.000 7.26366  ?  162 GLU A CA  1 
ATOM   842  C C   . GLU A 1 97  ? -8.87521  2.75066   -1.20153  1.000 8.63458  ?  162 GLU A C   1 
ATOM   843  O O   . GLU A 1 97  ? -9.02421  2.55379   0.01122   1.000 8.57735  ?  162 GLU A O   1 
ATOM   844  C CB  . GLU A 1 97  ? -7.16860  4.48387   -1.84045  1.000 10.09440 ?  162 GLU A CB  1 
ATOM   845  C CG  . GLU A 1 97  ? -7.22744  5.14002   -0.44332  1.000 12.73979 ?  162 GLU A CG  1 
ATOM   846  C CD  . GLU A 1 97  ? -6.57458  6.51655   -0.39839  1.000 24.44036 ?  162 GLU A CD  1 
ATOM   847  O OE1 . GLU A 1 97  ? -6.60449  7.22280   -1.42040  1.000 21.18732 ?  162 GLU A OE1 1 
ATOM   848  O OE2 . GLU A 1 97  ? -6.02822  6.88956   0.66522   1.000 28.31421 -1 162 GLU A OE2 1 
ATOM   849  N N   . SER A 1 98  ? -9.91429  2.78110   -2.04427  1.000 10.29688 ?  163 SER A N   1 
ATOM   850  C CA  A SER A 1 98  ? -11.26486 2.52273   -1.54636  0.761 11.24162 ?  163 SER A CA  1 
ATOM   851  C CA  B SER A 1 98  ? -11.25845 2.52637   -1.53617  0.239 11.26073 ?  163 SER A CA  1 
ATOM   852  C C   . SER A 1 98  ? -11.37433 1.10696   -1.00131  1.000 10.08277 ?  163 SER A C   1 
ATOM   853  O O   . SER A 1 98  ? -12.05086 0.86793   0.00313   1.000 9.30464  ?  163 SER A O   1 
ATOM   854  C CB  A SER A 1 98  ? -12.29097 2.74763   -2.65685  0.761 11.66686 ?  163 SER A CB  1 
ATOM   855  C CB  B SER A 1 98  ? -12.29450 2.77403   -2.62880  0.239 11.71700 ?  163 SER A CB  1 
ATOM   856  O OG  A SER A 1 98  ? -12.36726 1.62885   -3.53616  0.761 15.22488 ?  163 SER A OG  1 
ATOM   857  O OG  B SER A 1 98  ? -13.56950 2.31286   -2.21920  0.239 15.31339 ?  163 SER A OG  1 
ATOM   858  N N   . PHE A 1 99  ? -10.71534 0.16021   -1.66131  1.000 8.47554  ?  164 PHE A N   1 
ATOM   859  C CA  . PHE A 1 99  ? -10.67628 -1.22073  -1.20057  1.000 8.37922  ?  164 PHE A CA  1 
ATOM   860  C C   . PHE A 1 99  ? -9.90685  -1.32346  0.11009   1.000 7.29539  ?  164 PHE A C   1 
ATOM   861  O O   . PHE A 1 99  ? -10.36326 -1.97197  1.05991   1.000 10.37384 ?  164 PHE A O   1 
ATOM   862  C CB  . PHE A 1 99  ? -10.03924 -2.06467  -2.29832  1.000 9.69131  ?  164 PHE A CB  1 
ATOM   863  C CG  . PHE A 1 99  ? -9.97688  -3.53220  -2.00195  1.000 11.56947 ?  164 PHE A CG  1 
ATOM   864  C CD1 . PHE A 1 99  ? -11.12206 -4.30640  -1.99727  1.000 11.30729 ?  164 PHE A CD1 1 
ATOM   865  C CD2 . PHE A 1 99  ? -8.75243  -4.14782  -1.80329  1.000 10.92039 ?  164 PHE A CD2 1 
ATOM   866  C CE1 . PHE A 1 99  ? -11.05253 -5.67761  -1.76080  1.000 11.77429 ?  164 PHE A CE1 1 
ATOM   867  C CE2 . PHE A 1 99  ? -8.67194  -5.52447  -1.56718  1.000 11.79820 ?  164 PHE A CE2 1 
ATOM   868  C CZ  . PHE A 1 99  ? -9.82248  -6.28455  -1.54794  1.000 14.58410 ?  164 PHE A CZ  1 
ATOM   869  N N   . PHE A 1 100 ? -8.74932  -0.65869  0.19209   1.000 7.46580  ?  165 PHE A N   1 
ATOM   870  C CA  . PHE A 1 100 ? -7.99738  -0.63951  1.44202   1.000 7.01506  ?  165 PHE A CA  1 
ATOM   871  C C   . PHE A 1 100 ? -8.85929  -0.12457  2.59096   1.000 6.64786  ?  165 PHE A C   1 
ATOM   872  O O   . PHE A 1 100 ? -8.85940  -0.69999  3.68773   1.000 9.33699  ?  165 PHE A O   1 
ATOM   873  C CB  . PHE A 1 100 ? -6.74291  0.22348   1.28898   1.000 8.95060  ?  165 PHE A CB  1 
ATOM   874  C CG  . PHE A 1 100 ? -5.99572  0.42032   2.57739   1.000 7.27985  ?  165 PHE A CG  1 
ATOM   875  C CD1 . PHE A 1 100 ? -5.43350  -0.66661  3.23349   1.000 9.06655  ?  165 PHE A CD1 1 
ATOM   876  C CD2 . PHE A 1 100 ? -5.84720  1.67999   3.11829   1.000 10.46134 ?  165 PHE A CD2 1 
ATOM   877  C CE1 . PHE A 1 100 ? -4.74451  -0.50476  4.42156   1.000 10.84037 ?  165 PHE A CE1 1 
ATOM   878  C CE2 . PHE A 1 100 ? -5.16021  1.86046   4.30717   1.000 12.85879 ?  165 PHE A CE2 1 
ATOM   879  C CZ  . PHE A 1 100 ? -4.60034  0.76216   4.96085   1.000 11.45928 ?  165 PHE A CZ  1 
ATOM   880  N N   . VAL A 1 101 ? -9.60065  0.96331   2.36222   1.000 6.80930  ?  166 VAL A N   1 
ATOM   881  C CA  . VAL A 1 101 ? -10.45073 1.51046   3.42430   1.000 7.20944  ?  166 VAL A CA  1 
ATOM   882  C C   . VAL A 1 101 ? -11.46709 0.46823   3.88681   1.000 7.88196  ?  166 VAL A C   1 
ATOM   883  O O   . VAL A 1 101 ? -11.67551 0.26821   5.09148   1.000 10.36356 ?  166 VAL A O   1 
ATOM   884  C CB  . VAL A 1 101 ? -11.13828 2.80562   2.95865   1.000 10.51837 ?  166 VAL A CB  1 
ATOM   885  C CG1 . VAL A 1 101 ? -12.23785 3.18857   3.93899   1.000 13.68120 ?  166 VAL A CG1 1 
ATOM   886  C CG2 . VAL A 1 101 ? -10.12171 3.92097   2.86505   1.000 13.51814 ?  166 VAL A CG2 1 
ATOM   887  N N   . GLN A 1 102 ? -12.12518 -0.20571  2.93701   1.000 7.90798  ?  167 GLN A N   1 
ATOM   888  C CA  . GLN A 1 102 ? -13.07398 -1.25485  3.29952   1.000 7.96709  ?  167 GLN A CA  1 
ATOM   889  C C   . GLN A 1 102 ? -12.40972 -2.31734  4.15892   1.000 7.76101  ?  167 GLN A C   1 
ATOM   890  O O   . GLN A 1 102 ? -12.96853 -2.75867  5.16894   1.000 10.90628 ?  167 GLN A O   1 
ATOM   891  C CB  . GLN A 1 102 ? -13.65911 -1.88434  2.03357   1.000 9.95500  ?  167 GLN A CB  1 
ATOM   892  C CG  . GLN A 1 102 ? -14.59065 -0.95107  1.27973   1.000 9.01212  ?  167 GLN A CG  1 
ATOM   893  C CD  . GLN A 1 102 ? -15.00842 -1.52679  -0.04974  1.000 11.59299 ?  167 GLN A CD  1 
ATOM   894  O OE1 . GLN A 1 102 ? -14.24976 -2.28145  -0.66497  1.000 11.96729 ?  167 GLN A OE1 1 
ATOM   895  N NE2 . GLN A 1 102 ? -16.21055 -1.17945  -0.50873  1.000 10.03840 ?  167 GLN A NE2 1 
ATOM   896  N N   . LYS A 1 103 ? -11.21565 -2.75620  3.75266   1.000 7.26513  ?  168 LYS A N   1 
ATOM   897  C CA  . LYS A 1 103 ? -10.52132 -3.82031  4.47996   1.000 6.92050  ?  168 LYS A CA  1 
ATOM   898  C C   . LYS A 1 103 ? -10.01058 -3.32279  5.82328   1.000 9.84571  ?  168 LYS A C   1 
ATOM   899  O O   . LYS A 1 103 ? -10.00075 -4.06607  6.81364   1.000 12.23976 ?  168 LYS A O   1 
ATOM   900  C CB  . LYS A 1 103 ? -9.35973  -4.34364  3.63822   1.000 6.99858  ?  168 LYS A CB  1 
ATOM   901  C CG  . LYS A 1 103 ? -9.79975  -5.20034  2.43981   1.000 8.74826  ?  168 LYS A CG  1 
ATOM   902  C CD  . LYS A 1 103 ? -10.46589 -6.50173  2.89776   1.000 11.67260 ?  168 LYS A CD  1 
ATOM   903  C CE  . LYS A 1 103 ? -11.06996 -7.26353  1.71564   1.000 16.01623 ?  168 LYS A CE  1 
ATOM   904  N NZ  . LYS A 1 103 ? -11.53922 -8.62598  2.12936   1.000 16.80027 1  168 LYS A NZ  1 
ATOM   905  N N   . LEU A 1 104 ? -9.55587  -2.07475  5.86872   1.000 10.51144 ?  169 LEU A N   1 
ATOM   906  C CA  . LEU A 1 104 ? -9.04441  -1.52611  7.12003   1.000 7.43518  ?  169 LEU A CA  1 
ATOM   907  C C   . LEU A 1 104 ? -10.15072 -1.39988  8.15386   1.000 15.07009 ?  169 LEU A C   1 
ATOM   908  O O   . LEU A 1 104 ? -9.93687  -1.67604  9.33928   1.000 12.90179 ?  169 LEU A O   1 
ATOM   909  C CB  . LEU A 1 104 ? -8.38591  -0.16955  6.86558   1.000 12.31197 ?  169 LEU A CB  1 
ATOM   910  C CG  . LEU A 1 104 ? -7.81002  0.56901   8.08780   1.000 12.89068 ?  169 LEU A CG  1 
ATOM   911  C CD1 . LEU A 1 104 ? -6.63802  -0.21016  8.66444   1.000 12.91676 ?  169 LEU A CD1 1 
ATOM   912  C CD2 . LEU A 1 104 ? -7.36796  1.98131   7.70500   1.000 16.28038 ?  169 LEU A CD2 1 
ATOM   913  N N   . LYS A 1 105 ? -11.33778 -0.96729  7.72668   1.000 14.44274 ?  170 LYS A N   1 
ATOM   914  C CA  . LYS A 1 105 ? -12.46441 -0.90763  8.64800   1.000 12.22192 ?  170 LYS A CA  1 
ATOM   915  C C   . LYS A 1 105 ? -12.80990 -2.29178  9.17356   1.000 12.86329 ?  170 LYS A C   1 
ATOM   916  O O   . LYS A 1 105 ? -13.12882 -2.45383  10.35672  1.000 15.10634 ?  170 LYS A O   1 
ATOM   917  C CB  . LYS A 1 105 ? -13.67291 -0.28068  7.95937   1.000 13.78715 ?  170 LYS A CB  1 
ATOM   918  C CG  . LYS A 1 105 ? -13.54741 1.20692   7.73565   1.000 17.66085 ?  170 LYS A CG  1 
ATOM   919  C CD  . LYS A 1 105 ? -14.84578 1.76198   7.17780   1.000 26.00022 ?  170 LYS A CD  1 
ATOM   920  C CE  . LYS A 1 105 ? -14.75319 3.26372   6.95599   1.000 39.06835 ?  170 LYS A CE  1 
ATOM   921  N NZ  . LYS A 1 105 ? -15.95318 3.77927   6.24076   1.000 37.70703 1  170 LYS A NZ  1 
ATOM   922  N N   . GLY A 1 106 ? -12.76422 -3.30214  8.30699   1.000 12.09880 ?  171 GLY A N   1 
ATOM   923  C CA  . GLY A 1 106 ? -12.96251 -4.66380  8.77916   1.000 12.63677 ?  171 GLY A CA  1 
ATOM   924  C C   . GLY A 1 106 ? -11.91160 -5.06809  9.79286   1.000 14.04528 ?  171 GLY A C   1 
ATOM   925  O O   . GLY A 1 106 ? -12.21996 -5.69138  10.81107  1.000 15.80739 ?  171 GLY A O   1 
ATOM   926  N N   . PHE A 1 107 ? -10.65777 -4.70760  9.53725   1.000 13.66265 ?  172 PHE A N   1 
ATOM   927  C CA  . PHE A 1 107 ? -9.59075  -5.04084  10.46817  1.000 12.52416 ?  172 PHE A CA  1 
ATOM   928  C C   . PHE A 1 107 ? -9.79585  -4.34529  11.81348  1.000 12.62465 ?  172 PHE A C   1 
ATOM   929  O O   . PHE A 1 107 ? -10.11064 -3.15114  11.87489  1.000 19.17437 ?  172 PHE A O   1 
ATOM   930  C CB  . PHE A 1 107 ? -8.22936  -4.66148  9.87903   1.000 12.78234 ?  172 PHE A CB  1 
ATOM   931  C CG  . PHE A 1 107 ? -7.10371  -4.79853  10.86180  1.000 16.25434 ?  172 PHE A CG  1 
ATOM   932  C CD1 . PHE A 1 107 ? -6.53171  -6.02981  11.11081  1.000 18.60620 ?  172 PHE A CD1 1 
ATOM   933  C CD2 . PHE A 1 107 ? -6.66160  -3.70548  11.57719  1.000 16.28146 ?  172 PHE A CD2 1 
ATOM   934  C CE1 . PHE A 1 107 ? -5.51268  -6.16077  12.03530  1.000 17.24760 ?  172 PHE A CE1 1 
ATOM   935  C CE2 . PHE A 1 107 ? -5.64126  -3.82443  12.49604  1.000 18.91668 ?  172 PHE A CE2 1 
ATOM   936  C CZ  . PHE A 1 107 ? -5.06610  -5.05972  12.72408  1.000 15.92866 ?  172 PHE A CZ  1 
ATOM   937  N N   . LYS A 1 108 ? -9.60861  -5.10714  12.88438  1.000 11.68351 ?  173 LYS A N   1 
ATOM   938  C CA  . LYS A 1 108 ? -9.83274  -4.66322  14.26620  1.000 45.69492 ?  173 LYS A CA  1 
ATOM   939  C C   . LYS A 1 108 ? -9.09190  -5.52623  15.29136  1.000 50.98285 ?  173 LYS A C   1 
ATOM   940  O O   . LYS A 1 108 ? -9.71738  -6.11628  16.18371  1.000 40.36362 ?  173 LYS A O   1 
ATOM   941  C CB  . LYS A 1 108 ? -11.32057 -4.67757  14.61220  1.000 53.18262 ?  173 LYS A CB  1 
ATOM   942  C CG  . LYS A 1 108 ? -12.09845 -5.91425  14.13803  1.000 20.44650 ?  173 LYS A CG  1 
ATOM   943  C CD  . LYS A 1 108 ? -13.41454 -6.00157  14.89238  1.000 33.77708 ?  173 LYS A CD  1 
ATOM   944  C CE  . LYS A 1 108 ? -13.97904 -4.62176  15.11984  1.000 36.67914 ?  173 LYS A CE  1 
ATOM   945  N NZ  . LYS A 1 108 ? -14.03580 -3.86322  13.84141  1.000 29.24665 1  173 LYS A NZ  1 
HETATM 946  C C13 . EUU B 2 .   ? 3.19510   3.14574   -9.00152  1.000 10.99531 ?  201 EUU A C13 1 
HETATM 947  C C15 . EUU B 2 .   ? 4.10334   0.29190   -12.82282 1.000 13.58389 ?  201 EUU A C15 1 
HETATM 948  C C17 . EUU B 2 .   ? 4.54196   -1.30066  -14.59217 1.000 19.70144 ?  201 EUU A C17 1 
HETATM 949  C C20 . EUU B 2 .   ? 4.49213   -2.30049  -12.59971 1.000 26.58071 ?  201 EUU A C20 1 
HETATM 950  C C21 . EUU B 2 .   ? 4.74778   -3.23886  -13.60888 1.000 22.36865 ?  201 EUU A C21 1 
HETATM 951  C C24 . EUU B 2 .   ? 6.36961   -3.90708  -16.22928 1.000 34.42651 ?  201 EUU A C24 1 
HETATM 952  C C28 . EUU B 2 .   ? 9.14072   -3.57830  -14.97340 1.000 37.81564 ?  201 EUU A C28 1 
HETATM 953  C C01 . EUU B 2 .   ? 2.90056   4.13345   -11.74255 1.000 13.87435 ?  201 EUU A C01 1 
HETATM 954  C C03 . EUU B 2 .   ? 3.25565   5.04453   -13.77400 1.000 17.17381 ?  201 EUU A C03 1 
HETATM 955  C C04 . EUU B 2 .   ? 3.67894   3.80864   -14.24411 1.000 13.64408 ?  201 EUU A C04 1 
HETATM 956  C C05 . EUU B 2 .   ? 3.72386   2.74848   -13.34317 1.000 12.61885 ?  201 EUU A C05 1 
HETATM 957  C C08 . EUU B 2 .   ? 3.51489   6.07074   -16.05286 1.000 15.48256 ?  201 EUU A C08 1 
HETATM 958  C C09 . EUU B 2 .   ? 4.00685   7.38669   -16.64204 1.000 27.26386 ?  201 EUU A C09 1 
HETATM 959  C C14 . EUU B 2 .   ? 4.07919   1.33396   -13.75855 1.000 12.22090 ?  201 EUU A C14 1 
HETATM 960  C C16 . EUU B 2 .   ? 4.36079   -1.03699  -13.25534 1.000 16.36556 ?  201 EUU A C16 1 
HETATM 961  C C18 . EUU B 2 .   ? 4.47537   -0.25111  -15.53784 1.000 17.15487 ?  201 EUU A C18 1 
HETATM 962  C C19 . EUU B 2 .   ? 4.23564   1.04843   -15.12374 1.000 15.02254 ?  201 EUU A C19 1 
HETATM 963  C C23 . EUU B 2 .   ? 4.99299   -3.26550  -16.07621 1.000 28.87384 ?  201 EUU A C23 1 
HETATM 964  C C25 . EUU B 2 .   ? 7.39948   -2.83270  -16.51598 1.000 38.84531 ?  201 EUU A C25 1 
HETATM 965  C C27 . EUU B 2 .   ? 9.12010   -4.32429  -17.26380 1.000 46.80422 ?  201 EUU A C27 1 
HETATM 966  C C29 . EUU B 2 .   ? 4.47538   7.18670   -18.08128 1.000 23.38805 ?  201 EUU A C29 1 
HETATM 967  N N02 . EUU B 2 .   ? 2.86215   5.18191   -12.53030 1.000 11.74603 ?  201 EUU A N02 1 
HETATM 968  N N06 . EUU B 2 .   ? 3.28785   2.94704   -12.11124 1.000 14.22808 ?  201 EUU A N06 1 
HETATM 969  N N07 . EUU B 2 .   ? 3.22226   6.21064   -14.63330 1.000 15.23505 ?  201 EUU A N07 1 
HETATM 970  N N22 . EUU B 2 .   ? 4.77525   -2.62755  -14.77775 1.000 21.02444 ?  201 EUU A N22 1 
HETATM 971  N N26 . EUU B 2 .   ? 8.78479   -3.24702  -16.34802 1.000 36.99188 ?  201 EUU A N26 1 
HETATM 972  O O11 . EUU B 2 .   ? 0.92386   4.03332   -10.04512 1.000 13.02386 ?  201 EUU A O11 1 
HETATM 973  O O12 . EUU B 2 .   ? 2.49326   5.72702   -9.61942  1.000 12.71316 ?  201 EUU A O12 1 
HETATM 974  S S10 . EUU B 2 .   ? 2.33965   4.33890   -10.05277 1.000 13.02075 ?  201 EUU A S10 1 
HETATM 975  H H1  . EUU B 2 .   ? 3.03600   3.36331   -8.06973  1.000 13.25291 ?  201 EUU A H1  1 
HETATM 976  H H2  . EUU B 2 .   ? 2.86150   2.25396   -9.18685  1.000 13.25291 ?  201 EUU A H2  1 
HETATM 977  H H3  . EUU B 2 .   ? 4.14733   3.17897   -9.18328  1.000 13.25291 ?  201 EUU A H3  1 
HETATM 978  H H4  . EUU B 2 .   ? 3.97990   0.47305   -11.91902 1.000 16.35921 ?  201 EUU A H4  1 
HETATM 979  H H5  . EUU B 2 .   ? 4.42340   -2.46626  -11.68719 1.000 31.95539 ?  201 EUU A H5  1 
HETATM 980  H H6  . EUU B 2 .   ? 4.87854   -4.14988  -13.47536 1.000 26.90092 ?  201 EUU A H6  1 
HETATM 981  H H7  . EUU B 2 .   ? 6.35089   -4.54086  -16.96336 1.000 41.37035 ?  201 EUU A H7  1 
HETATM 982  H H8  . EUU B 2 .   ? 6.60389   -4.36883  -15.40903 1.000 41.37035 ?  201 EUU A H8  1 
HETATM 983  H H9  . EUU B 2 .   ? 9.15706   -2.76860  -14.43952 1.000 45.43730 ?  201 EUU A H9  1 
HETATM 984  H H10 . EUU B 2 .   ? 8.48482   -4.19286  -14.60870 1.000 45.43730 ?  201 EUU A H10 1 
HETATM 985  H H11 . EUU B 2 .   ? 10.01707  -3.99382  -14.95748 1.000 45.43730 ?  201 EUU A H11 1 
HETATM 986  H H12 . EUU B 2 .   ? 3.95808   3.70109   -15.12468 1.000 16.43143 ?  201 EUU A H12 1 
HETATM 987  H H13 . EUU B 2 .   ? 2.70966   5.79501   -16.51813 1.000 18.63761 ?  201 EUU A H13 1 
HETATM 988  H H14 . EUU B 2 .   ? 4.19903   5.39341   -16.17153 1.000 18.63761 ?  201 EUU A H14 1 
HETATM 989  H H15 . EUU B 2 .   ? 4.74523   7.71995   -16.10854 1.000 32.77517 ?  201 EUU A H15 1 
HETATM 990  H H16 . EUU B 2 .   ? 3.28408   8.03345   -16.62795 1.000 32.77517 ?  201 EUU A H16 1 
HETATM 991  H H17 . EUU B 2 .   ? 4.59766   -0.43384  -16.44148 1.000 20.64438 ?  201 EUU A H17 1 
HETATM 992  H H18 . EUU B 2 .   ? 4.18051   1.73303   -15.75078 1.000 18.08558 ?  201 EUU A H18 1 
HETATM 993  H H19 . EUU B 2 .   ? 4.31786   -3.95087  -16.20014 1.000 34.70714 ?  201 EUU A H19 1 
HETATM 994  H H20 . EUU B 2 .   ? 4.88569   -2.59649  -16.77035 1.000 34.70714 ?  201 EUU A H20 1 
HETATM 995  H H21 . EUU B 2 .   ? 7.27999   -2.53229  -17.43051 1.000 46.67291 ?  201 EUU A H21 1 
HETATM 996  H H22 . EUU B 2 .   ? 7.23146   -2.08354  -15.92317 1.000 46.67291 ?  201 EUU A H22 1 
HETATM 997  H H23 . EUU B 2 .   ? 9.00426   -4.01979  -18.17746 1.000 56.22361 ?  201 EUU A H23 1 
HETATM 998  H H24 . EUU B 2 .   ? 8.53716   -5.08188  -17.09912 1.000 56.22361 ?  201 EUU A H24 1 
HETATM 999  H H25 . EUU B 2 .   ? 10.04270  -4.59028  -17.12615 1.000 56.22361 ?  201 EUU A H25 1 
HETATM 1000 H H26 . EUU B 2 .   ? 4.06953   6.38422   -18.44488 1.000 28.12419 ?  201 EUU A H26 1 
HETATM 1001 H H27 . EUU B 2 .   ? 5.44104   7.09644   -18.09736 1.000 28.12419 ?  201 EUU A H27 1 
HETATM 1002 H H28 . EUU B 2 .   ? 4.21325   7.95238   -18.61599 1.000 28.12419 ?  201 EUU A H28 1 
HETATM 1003 H H29 . EUU B 2 .   ? 3.03035   6.98250   -14.30619 1.000 18.34059 ?  201 EUU A H29 1 
HETATM 1004 O O   . HOH C 3 .   ? 8.36137   13.89469  -3.28493  1.000 23.80536 ?  301 HOH A O   1 
HETATM 1005 O O   . HOH C 3 .   ? -14.72638 -4.08192  12.21987  1.000 39.63806 ?  302 HOH A O   1 
HETATM 1006 O O   . HOH C 3 .   ? -12.56196 -3.25694  12.93616  1.000 22.75504 ?  303 HOH A O   1 
HETATM 1007 O O   . HOH C 3 .   ? -10.64589 -1.31224  12.84043  1.000 24.07063 ?  304 HOH A O   1 
HETATM 1008 O O   . HOH C 3 .   ? -10.30917 -6.40162  18.33039  1.000 36.42027 ?  305 HOH A O   1 
HETATM 1009 O O   . HOH C 3 .   ? 9.49552   -1.62619  15.33784  1.000 34.57640 ?  306 HOH A O   1 
HETATM 1010 O O   . HOH C 3 .   ? -11.61191 7.05913   -11.61536 1.000 38.02797 ?  307 HOH A O   1 
HETATM 1011 O O   . HOH C 3 .   ? -9.74736  -14.39281 8.47591   1.000 31.26408 ?  308 HOH A O   1 
HETATM 1012 O O   . HOH C 3 .   ? 5.96047   4.83362   -4.58095  1.000 16.31595 ?  309 HOH A O   1 
HETATM 1013 O O   . HOH C 3 .   ? 10.83226  -1.05567  -18.15072 1.000 39.06236 ?  310 HOH A O   1 
HETATM 1014 O O   . HOH C 3 .   ? 13.68117  8.79724   0.81643   1.000 18.35051 ?  311 HOH A O   1 
HETATM 1015 O O   . HOH C 3 .   ? -2.48589  0.24599   16.55836  1.000 16.19160 ?  312 HOH A O   1 
HETATM 1016 O O   . HOH C 3 .   ? -9.16007  -9.83457  3.61295   1.000 23.29531 ?  313 HOH A O   1 
HETATM 1017 O O   . HOH C 3 .   ? 11.03728  -3.05030  -9.09372  1.000 28.00296 ?  314 HOH A O   1 
HETATM 1018 O O   . HOH C 3 .   ? 7.54517   -4.90827  16.32373  1.000 35.85347 ?  315 HOH A O   1 
HETATM 1019 O O   . HOH C 3 .   ? 5.28419   -15.07281 11.93415  1.000 29.36279 ?  316 HOH A O   1 
HETATM 1020 O O   . HOH C 3 .   ? 3.62551   6.29181   -7.17630  1.000 10.97402 ?  317 HOH A O   1 
HETATM 1021 O O   . HOH C 3 .   ? 6.88120   0.32451   -18.96950 1.000 35.65723 ?  318 HOH A O   1 
HETATM 1022 O O   . HOH C 3 .   ? 5.58423   19.58184  -7.56651  1.000 15.13583 ?  319 HOH A O   1 
HETATM 1023 O O   . HOH C 3 .   ? 14.75354  -7.19932  5.79643   1.000 27.79433 ?  320 HOH A O   1 
HETATM 1024 O O   . HOH C 3 .   ? -3.49925  12.03690  -3.07971  1.000 24.68120 ?  321 HOH A O   1 
HETATM 1025 O O   . HOH C 3 .   ? 9.37892   1.55190   -3.07960  1.000 13.71161 ?  322 HOH A O   1 
HETATM 1026 O O   . HOH C 3 .   ? 2.53382   4.38022   -5.77258  1.000 12.67485 ?  323 HOH A O   1 
HETATM 1027 O O   . HOH C 3 .   ? 13.41137  9.10834   -4.67292  1.000 21.58047 ?  324 HOH A O   1 
HETATM 1028 O O   . HOH C 3 .   ? -4.55943  9.37597   0.69000   1.000 32.82010 ?  325 HOH A O   1 
HETATM 1029 O O   . HOH C 3 .   ? 4.98390   2.83207   -18.02331 1.000 29.90535 ?  326 HOH A O   1 
HETATM 1030 O O   . HOH C 3 .   ? -5.37312  14.93767  -7.69497  1.000 30.65125 ?  327 HOH A O   1 
HETATM 1031 O O   . HOH C 3 .   ? -0.25238  15.04745  -10.26960 1.000 14.01993 ?  328 HOH A O   1 
HETATM 1032 O O   . HOH C 3 .   ? -10.76129 6.06383   -3.45488  1.000 22.80045 ?  329 HOH A O   1 
HETATM 1033 O O   . HOH C 3 .   ? 13.25674  -2.49481  -16.83119 1.000 42.27415 ?  330 HOH A O   1 
HETATM 1034 O O   . HOH C 3 .   ? -5.00235  -8.52522  19.88904  1.000 35.20553 ?  331 HOH A O   1 
HETATM 1035 O O   . HOH C 3 .   ? 0.39892   8.55163   -16.12849 1.000 26.40966 ?  332 HOH A O   1 
HETATM 1036 O O   . HOH C 3 .   ? -4.82994  -5.36423  19.68400  1.000 41.97552 ?  333 HOH A O   1 
HETATM 1037 O O   . HOH C 3 .   ? 4.41503   8.60655   5.36717   1.000 34.17866 ?  334 HOH A O   1 
HETATM 1038 O O   . HOH C 3 .   ? 4.02161   2.13586   -5.41224  1.000 14.12335 ?  335 HOH A O   1 
HETATM 1039 O O   . HOH C 3 .   ? -3.92756  -16.39668 6.92837   1.000 24.78095 ?  336 HOH A O   1 
HETATM 1040 O O   . HOH C 3 .   ? 13.27066  -3.64599  5.95519   1.000 23.84784 ?  337 HOH A O   1 
HETATM 1041 O O   . HOH C 3 .   ? 5.09284   0.61600   -7.30198  1.000 10.02993 ?  338 HOH A O   1 
HETATM 1042 O O   . HOH C 3 .   ? 10.28669  5.50167   1.60087   1.000 14.77067 ?  339 HOH A O   1 
HETATM 1043 O O   . HOH C 3 .   ? -10.55810 -6.73963  6.66762   1.000 19.35274 ?  340 HOH A O   1 
HETATM 1044 O O   . HOH C 3 .   ? 9.73143   -11.09872 12.45787  1.000 22.01838 ?  341 HOH A O   1 
HETATM 1045 O O   . HOH C 3 .   ? 4.38973   -13.24045 3.32601   1.000 31.92664 ?  342 HOH A O   1 
HETATM 1046 O O   . HOH C 3 .   ? -2.32201  -12.11461 -2.27057  1.000 11.38567 ?  343 HOH A O   1 
HETATM 1047 O O   . HOH C 3 .   ? 11.28203  -6.16715  -0.24645  1.000 24.81516 ?  344 HOH A O   1 
HETATM 1048 O O   . HOH C 3 .   ? -5.32941  -12.31359 -7.57102  1.000 26.37302 ?  345 HOH A O   1 
HETATM 1049 O O   . HOH C 3 .   ? 4.97426   13.93314  -12.40074 1.000 24.47372 ?  346 HOH A O   1 
HETATM 1050 O O   . HOH C 3 .   ? -2.42659  -7.93516  -8.22466  1.000 28.94492 ?  347 HOH A O   1 
HETATM 1051 O O   . HOH C 3 .   ? -14.04330 2.63805   0.77297   1.000 10.62505 ?  348 HOH A O   1 
HETATM 1052 O O   . HOH C 3 .   ? 12.36339  -1.54748  -0.48800  1.000 15.05592 ?  349 HOH A O   1 
HETATM 1053 O O   . HOH C 3 .   ? -6.56992  -8.32007  15.79781  1.000 29.81025 ?  350 HOH A O   1 
HETATM 1054 O O   . HOH C 3 .   ? 14.17189  11.51801  -1.51764  1.000 39.11365 ?  351 HOH A O   1 
HETATM 1055 O O   . HOH C 3 .   ? 1.61261   9.93126   2.04971   1.000 23.99877 ?  352 HOH A O   1 
HETATM 1056 O O   . HOH C 3 .   ? 1.52364   8.60192   4.56854   1.000 18.65420 ?  353 HOH A O   1 
HETATM 1057 O O   . HOH C 3 .   ? 7.24702   3.91444   7.91380   1.000 26.89226 ?  354 HOH A O   1 
HETATM 1058 O O   . HOH C 3 .   ? 3.84945   -7.21716  -3.33264  1.000 13.53971 ?  355 HOH A O   1 
HETATM 1059 O O   . HOH C 3 .   ? -14.48811 -7.34789  10.64213  1.000 27.34472 ?  356 HOH A O   1 
HETATM 1060 O O   . HOH C 3 .   ? -1.56964  6.84041   9.62825   1.000 21.80958 ?  357 HOH A O   1 
HETATM 1061 O O   . HOH C 3 .   ? -3.03204  -7.04157  -9.99746  1.000 29.77139 ?  358 HOH A O   1 
HETATM 1062 O O   . HOH C 3 .   ? -14.15156 -0.27709  11.82571  1.000 22.87471 ?  359 HOH A O   1 
HETATM 1063 O O   . HOH C 3 .   ? -8.37950  -9.12588  -3.38410  1.000 16.36099 ?  360 HOH A O   1 
HETATM 1064 O O   . HOH C 3 .   ? 13.03468  7.52374   -14.45213 1.000 31.01473 ?  361 HOH A O   1 
HETATM 1065 O O   . HOH C 3 .   ? 5.00244   -9.02733  -6.63128  1.000 34.47121 ?  362 HOH A O   1 
HETATM 1066 O O   . HOH C 3 .   ? 3.09779   -5.89812  -11.44455 1.000 25.16072 ?  363 HOH A O   1 
HETATM 1067 O O   . HOH C 3 .   ? 12.11926  -1.48342  4.74140   1.000 13.75552 ?  364 HOH A O   1 
HETATM 1068 O O   . HOH C 3 .   ? -4.18451  15.97130  -12.81213 1.000 25.76571 ?  365 HOH A O   1 
HETATM 1069 O O   . HOH C 3 .   ? -0.79001  13.10575  -3.46232  1.000 11.09448 ?  366 HOH A O   1 
HETATM 1070 O O   . HOH C 3 .   ? -13.46854 -1.36196  -3.25829  1.000 28.42391 ?  367 HOH A O   1 
HETATM 1071 O O   . HOH C 3 .   ? 7.51596   -0.27749  -12.38148 1.000 23.35845 ?  368 HOH A O   1 
HETATM 1072 O O   . HOH C 3 .   ? 11.65558  -4.79777  12.89451  1.000 26.17169 ?  369 HOH A O   1 
HETATM 1073 O O   . HOH C 3 .   ? 3.48085   0.79742   19.50636  1.000 36.82350 ?  370 HOH A O   1 
HETATM 1074 O O   . HOH C 3 .   ? -9.73241  -7.65416  -7.77422  1.000 19.78025 ?  371 HOH A O   1 
HETATM 1075 O O   . HOH C 3 .   ? 10.39249  4.33914   4.18957   1.000 20.47154 ?  372 HOH A O   1 
HETATM 1076 O O   . HOH C 3 .   ? -12.42963 3.98677   -16.68925 1.000 43.57966 ?  373 HOH A O   1 
HETATM 1077 O O   . HOH C 3 .   ? 8.35829   1.38695   13.35102  1.000 22.60551 ?  374 HOH A O   1 
HETATM 1078 O O   . HOH C 3 .   ? 12.92172  -2.50076  2.19582   1.000 16.13055 ?  375 HOH A O   1 
HETATM 1079 O O   . HOH C 3 .   ? 13.74936  8.08488   -11.61370 1.000 23.88115 ?  376 HOH A O   1 
HETATM 1080 O O   . HOH C 3 .   ? -7.78357  -16.50539 11.14060  1.000 40.45516 ?  377 HOH A O   1 
HETATM 1081 O O   . HOH C 3 .   ? 8.32447   4.64436   5.74949   1.000 21.21102 ?  378 HOH A O   1 
HETATM 1082 O O   . HOH C 3 .   ? -6.32927  17.20813  -11.99328 1.000 32.34791 ?  379 HOH A O   1 
HETATM 1083 O O   . HOH C 3 .   ? 4.72343   -3.34882  -9.44354  1.000 15.80759 ?  380 HOH A O   1 
HETATM 1084 O O   . HOH C 3 .   ? -12.60138 -3.24753  -5.40566  1.000 16.50145 ?  381 HOH A O   1 
HETATM 1085 O O   . HOH C 3 .   ? -2.95455  12.86368  1.21938   1.000 14.83799 ?  382 HOH A O   1 
HETATM 1086 O O   . HOH C 3 .   ? 0.31523   -10.44541 -6.04015  1.000 28.16281 ?  383 HOH A O   1 
HETATM 1087 O O   . HOH C 3 .   ? -5.17220  5.08859   2.83249   1.000 22.72354 ?  384 HOH A O   1 
HETATM 1088 O O   . HOH C 3 .   ? 4.49505   -1.13950  20.55931  1.000 37.76644 ?  385 HOH A O   1 
HETATM 1089 O O   . HOH C 3 .   ? -6.93099  10.32520  -0.81930  1.000 34.52179 ?  386 HOH A O   1 
HETATM 1090 O O   . HOH C 3 .   ? 7.03751   -2.01568  -10.38864 1.000 23.89686 ?  387 HOH A O   1 
HETATM 1091 O O   . HOH C 3 .   ? -1.98958  -11.66340 20.15880  1.000 27.46916 ?  388 HOH A O   1 
HETATM 1092 O O   . HOH C 3 .   ? 8.27471   2.42597   -5.50734  1.000 20.28829 ?  389 HOH A O   1 
HETATM 1093 O O   . HOH C 3 .   ? 5.89210   11.37064  1.37676   1.000 26.11286 ?  390 HOH A O   1 
HETATM 1094 O O   . HOH C 3 .   ? 13.58994  0.26354   -8.26773  1.000 20.88564 ?  391 HOH A O   1 
HETATM 1095 O O   . HOH C 3 .   ? 14.06003  12.86293  -4.63650  1.000 36.06405 ?  392 HOH A O   1 
HETATM 1096 O O   . HOH C 3 .   ? 3.36176   -12.48762 5.22239   1.000 34.23678 ?  393 HOH A O   1 
HETATM 1097 O O   . HOH C 3 .   ? 4.31850   16.02836  -10.05385 1.000 29.26230 ?  394 HOH A O   1 
HETATM 1098 O O   . HOH C 3 .   ? -5.85230  -2.16228  -14.16769 1.000 34.08391 ?  395 HOH A O   1 
HETATM 1099 O O   . HOH C 3 .   ? 1.06948   -10.79897 4.14289   1.000 18.82093 ?  396 HOH A O   1 
HETATM 1100 O O   . HOH C 3 .   ? 3.93762   -7.74019  17.61025  1.000 38.99143 ?  397 HOH A O   1 
HETATM 1101 O O   . HOH C 3 .   ? -9.25105  -0.08613  12.37893  1.000 21.03616 ?  398 HOH A O   1 
HETATM 1102 O O   . HOH C 3 .   ? 0.43059   15.26598  -13.20921 1.000 26.15084 ?  399 HOH A O   1 
HETATM 1103 O O   . HOH C 3 .   ? -1.91236  7.80051   7.01171   1.000 24.17963 ?  400 HOH A O   1 
HETATM 1104 O O   . HOH C 3 .   ? -10.70591 5.93472   -0.75356  1.000 23.45713 ?  401 HOH A O   1 
HETATM 1105 O O   . HOH C 3 .   ? -0.00701  -17.85601 8.90744   1.000 42.97403 ?  402 HOH A O   1 
HETATM 1106 O O   . HOH C 3 .   ? -5.09379  13.57074  -4.33807  0.50  27.34140 ?  403 HOH A O   1 
HETATM 1107 O O   . HOH C 3 .   ? -5.70772  4.12193   19.69299  1.000 35.44722 ?  404 HOH A O   1 
HETATM 1108 O O   . HOH C 3 .   ? 5.11614   -6.15847  17.15653  1.000 36.56405 ?  405 HOH A O   1 
HETATM 1109 O O   . HOH C 3 .   ? -12.11239 -9.42981  9.95363   1.000 31.34227 ?  406 HOH A O   1 
HETATM 1110 O O   . HOH C 3 .   ? 2.91307   -9.52554  -4.76482  1.000 31.33695 ?  407 HOH A O   1 
HETATM 1111 O O   . HOH C 3 .   ? -1.25589  -12.48093 -4.78431  1.000 24.64542 ?  408 HOH A O   1 
HETATM 1112 O O   . HOH C 3 .   ? -12.71716 -6.29682  -4.81189  1.000 22.93389 ?  409 HOH A O   1 
HETATM 1113 O O   . HOH C 3 .   ? 5.17570   -5.98047  -10.40631 1.000 28.48062 ?  410 HOH A O   1 
HETATM 1114 O O   . HOH C 3 .   ? 12.82244  -3.64931  -2.23301  1.000 34.50501 ?  411 HOH A O   1 
HETATM 1115 O O   . HOH C 3 .   ? 16.40076  12.39348  -4.27615  1.000 37.28563 ?  412 HOH A O   1 
HETATM 1116 O O   . HOH C 3 .   ? -10.47756 -7.91633  -5.05411  1.000 22.54787 ?  413 HOH A O   1 
HETATM 1117 O O   . HOH C 3 .   ? 4.96486   -8.35503  -9.11510  1.000 36.20310 ?  414 HOH A O   1 
HETATM 1118 O O   . HOH C 3 .   ? -6.78435  5.73379   5.00206   1.000 30.45401 ?  415 HOH A O   1 
HETATM 1119 O O   . HOH C 3 .   ? -0.16251  9.29975   5.90617   1.000 29.70602 ?  416 HOH A O   1 
HETATM 1120 O O   . HOH C 3 .   ? -5.75456  0.09677   -15.58596 1.000 25.20104 ?  417 HOH A O   1 
HETATM 1121 O O   . HOH C 3 .   ? 11.74118  -4.01202  7.86756   1.000 27.21934 ?  418 HOH A O   1 
HETATM 1122 O O   . HOH C 3 .   ? -10.75965 3.08353   9.21917   1.000 37.69654 ?  419 HOH A O   1 
HETATM 1123 O O   . HOH C 3 .   ? 13.75089  10.39034  3.24534   1.000 31.96796 ?  420 HOH A O   1 
HETATM 1124 O O   . HOH C 3 .   ? 15.31964  13.06274  -0.41902  1.000 36.46329 ?  421 HOH A O   1 
HETATM 1125 O O   . HOH C 3 .   ? -1.74219  -8.86841  -10.51014 1.000 35.40781 ?  422 HOH A O   1 
HETATM 1126 O O   . HOH C 3 .   ? -4.18128  6.17074   10.86751  1.000 26.00704 ?  423 HOH A O   1 
HETATM 1127 O O   . HOH C 3 .   ? -7.06980  3.37781   18.49024  1.000 49.50163 ?  424 HOH A O   1 
HETATM 1128 O O   . HOH C 3 .   ? -13.21933 2.37380   11.23714  1.000 35.26415 ?  425 HOH A O   1 
HETATM 1129 O O   . HOH C 3 .   ? -10.16711 -1.02480  16.55351  1.000 32.25357 ?  426 HOH A O   1 
HETATM 1130 O O   . HOH C 3 .   ? 15.14583  -0.84592  -22.25766 1.000 35.78612 ?  427 HOH A O   1 
HETATM 1131 O O   . HOH C 3 .   ? -8.68211  2.99201   11.39076  1.000 37.28243 ?  428 HOH A O   1 
HETATM 1132 O O   . HOH C 3 .   ? -8.00077  -0.17111  15.72863  1.000 38.78048 ?  429 HOH A O   1 
HETATM 1133 O O   . HOH C 3 .   ? -6.83651  6.71516   18.68835  1.000 32.27192 ?  430 HOH A O   1 
HETATM 1134 O O   . HOH C 3 .   ? -6.69444  4.69415   9.76238   1.000 29.17922 ?  431 HOH A O   1 
HETATM 1135 O O   . HOH C 3 .   ? -8.61520  6.72753   16.87056  1.000 55.86586 ?  432 HOH A O   1 
# 
loop_
_pdbx_poly_seq_scheme.asym_id 
_pdbx_poly_seq_scheme.entity_id 
_pdbx_poly_seq_scheme.seq_id 
_pdbx_poly_seq_scheme.mon_id 
_pdbx_poly_seq_scheme.ndb_seq_num 
_pdbx_poly_seq_scheme.pdb_seq_num 
_pdbx_poly_seq_scheme.auth_seq_num 
_pdbx_poly_seq_scheme.pdb_mon_id 
_pdbx_poly_seq_scheme.auth_mon_id 
_pdbx_poly_seq_scheme.pdb_strand_id 
_pdbx_poly_seq_scheme.pdb_ins_code 
_pdbx_poly_seq_scheme.hetero 
A 1 1   LEU 1   66  66  LEU LEU A . n 
A 1 2   THR 2   67  67  THR THR A . n 
A 1 3   PRO 3   68  68  PRO PRO A . n 
A 1 4   LEU 4   69  69  LEU LEU A . n 
A 1 5   THR 5   70  70  THR THR A . n 
A 1 6   GLU 6   71  71  GLU GLU A . n 
A 1 7   LYS 7   72  72  LYS LYS A . n 
A 1 8   ASP 8   73  73  ASP ASP A . n 
A 1 9   TYR 9   74  74  TYR TYR A . n 
A 1 10  GLU 10  75  75  GLU GLU A . n 
A 1 11  GLY 11  76  76  GLY GLY A . n 
A 1 12  LEU 12  77  77  LEU LEU A . n 
A 1 13  LYS 13  78  78  LYS LYS A . n 
A 1 14  ARG 14  79  79  ARG ARG A . n 
A 1 15  VAL 15  80  80  VAL VAL A . n 
A 1 16  LEU 16  81  81  LEU LEU A . n 
A 1 17  ARG 17  82  82  ARG ARG A . n 
A 1 18  SER 18  83  83  SER SER A . n 
A 1 19  LEU 19  84  84  LEU LEU A . n 
A 1 20  GLN 20  85  85  GLN GLN A . n 
A 1 21  ALA 21  86  86  ALA ALA A . n 
A 1 22  HIS 22  87  87  HIS HIS A . n 
A 1 23  LYS 23  88  88  LYS LYS A . n 
A 1 24  MET 24  89  89  MET MET A . n 
A 1 25  ALA 25  90  90  ALA ALA A . n 
A 1 26  TRP 26  91  91  TRP TRP A . n 
A 1 27  PRO 27  92  92  PRO PRO A . n 
A 1 28  PHE 28  93  93  PHE PHE A . n 
A 1 29  LEU 29  94  94  LEU LEU A . n 
A 1 30  GLU 30  95  95  GLU GLU A . n 
A 1 31  PRO 31  96  96  PRO PRO A . n 
A 1 32  VAL 32  97  97  VAL VAL A . n 
A 1 33  ASP 33  98  98  ASP ASP A . n 
A 1 34  PRO 34  99  99  PRO PRO A . n 
A 1 35  ASN 35  100 100 ASN ASN A . n 
A 1 36  ASP 36  101 101 ASP ASP A . n 
A 1 37  ALA 37  102 102 ALA ALA A . n 
A 1 38  PRO 38  103 103 PRO PRO A . n 
A 1 39  ASP 39  104 104 ASP ASP A . n 
A 1 40  TYR 40  105 105 TYR TYR A . n 
A 1 41  TYR 41  106 106 TYR TYR A . n 
A 1 42  GLY 42  107 107 GLY GLY A . n 
A 1 43  VAL 43  108 108 VAL VAL A . n 
A 1 44  ILE 44  109 109 ILE ILE A . n 
A 1 45  LYS 45  110 110 LYS LYS A . n 
A 1 46  GLU 46  111 111 GLU GLU A . n 
A 1 47  PRO 47  112 112 PRO PRO A . n 
A 1 48  MET 48  113 113 MET MET A . n 
A 1 49  ASP 49  114 114 ASP ASP A . n 
A 1 50  LEU 50  115 115 LEU LEU A . n 
A 1 51  ALA 51  116 116 ALA ALA A . n 
A 1 52  THR 52  117 117 THR THR A . n 
A 1 53  MET 53  118 118 MET MET A . n 
A 1 54  GLU 54  119 119 GLU GLU A . n 
A 1 55  GLU 55  120 120 GLU GLU A . n 
A 1 56  ARG 56  121 121 ARG ARG A . n 
A 1 57  VAL 57  122 122 VAL VAL A . n 
A 1 58  GLN 58  123 123 GLN GLN A . n 
A 1 59  ARG 59  124 124 ARG ARG A . n 
A 1 60  ARG 60  125 125 ARG ARG A . n 
A 1 61  TYR 61  126 126 TYR TYR A . n 
A 1 62  TYR 62  127 127 TYR TYR A . n 
A 1 63  GLU 63  128 128 GLU GLU A . n 
A 1 64  LYS 64  129 129 LYS LYS A . n 
A 1 65  LEU 65  130 130 LEU LEU A . n 
A 1 66  THR 66  131 131 THR THR A . n 
A 1 67  GLU 67  132 132 GLU GLU A . n 
A 1 68  PHE 68  133 133 PHE PHE A . n 
A 1 69  VAL 69  134 134 VAL VAL A . n 
A 1 70  ALA 70  135 135 ALA ALA A . n 
A 1 71  ASP 71  136 136 ASP ASP A . n 
A 1 72  MET 72  137 137 MET MET A . n 
A 1 73  THR 73  138 138 THR THR A . n 
A 1 74  LYS 74  139 139 LYS LYS A . n 
A 1 75  ILE 75  140 140 ILE ILE A . n 
A 1 76  PHE 76  141 141 PHE PHE A . n 
A 1 77  ASP 77  142 142 ASP ASP A . n 
A 1 78  ASN 78  143 143 ASN ASN A . n 
A 1 79  CYS 79  144 144 CYS CYS A . n 
A 1 80  ARG 80  145 145 ARG ARG A . n 
A 1 81  TYR 81  146 146 TYR TYR A . n 
A 1 82  TYR 82  147 147 TYR TYR A . n 
A 1 83  ASN 83  148 148 ASN ASN A . n 
A 1 84  PRO 84  149 149 PRO PRO A . n 
A 1 85  SER 85  150 150 SER SER A . n 
A 1 86  ASP 86  151 151 ASP ASP A . n 
A 1 87  SER 87  152 152 SER SER A . n 
A 1 88  PRO 88  153 153 PRO PRO A . n 
A 1 89  PHE 89  154 154 PHE PHE A . n 
A 1 90  TYR 90  155 155 TYR TYR A . n 
A 1 91  GLN 91  156 156 GLN GLN A . n 
A 1 92  CYS 92  157 157 CYS CYS A . n 
A 1 93  ALA 93  158 158 ALA ALA A . n 
A 1 94  GLU 94  159 159 GLU GLU A . n 
A 1 95  VAL 95  160 160 VAL VAL A . n 
A 1 96  LEU 96  161 161 LEU LEU A . n 
A 1 97  GLU 97  162 162 GLU GLU A . n 
A 1 98  SER 98  163 163 SER SER A . n 
A 1 99  PHE 99  164 164 PHE PHE A . n 
A 1 100 PHE 100 165 165 PHE PHE A . n 
A 1 101 VAL 101 166 166 VAL VAL A . n 
A 1 102 GLN 102 167 167 GLN GLN A . n 
A 1 103 LYS 103 168 168 LYS LYS A . n 
A 1 104 LEU 104 169 169 LEU LEU A . n 
A 1 105 LYS 105 170 170 LYS LYS A . n 
A 1 106 GLY 106 171 171 GLY GLY A . n 
A 1 107 PHE 107 172 172 PHE PHE A . n 
A 1 108 LYS 108 173 173 LYS LYS A . n 
# 
loop_
_pdbx_nonpoly_scheme.asym_id 
_pdbx_nonpoly_scheme.entity_id 
_pdbx_nonpoly_scheme.mon_id 
_pdbx_nonpoly_scheme.ndb_seq_num 
_pdbx_nonpoly_scheme.pdb_seq_num 
_pdbx_nonpoly_scheme.auth_seq_num 
_pdbx_nonpoly_scheme.pdb_mon_id 
_pdbx_nonpoly_scheme.auth_mon_id 
_pdbx_nonpoly_scheme.pdb_strand_id 
_pdbx_nonpoly_scheme.pdb_ins_code 
B 2 EUU 1   201 1   EUU LIG A . 
C 3 HOH 1   301 51  HOH HOH A . 
C 3 HOH 2   302 93  HOH HOH A . 
C 3 HOH 3   303 91  HOH HOH A . 
C 3 HOH 4   304 34  HOH HOH A . 
C 3 HOH 5   305 99  HOH HOH A . 
C 3 HOH 6   306 124 HOH HOH A . 
C 3 HOH 7   307 85  HOH HOH A . 
C 3 HOH 8   308 31  HOH HOH A . 
C 3 HOH 9   309 18  HOH HOH A . 
C 3 HOH 10  310 126 HOH HOH A . 
C 3 HOH 11  311 30  HOH HOH A . 
C 3 HOH 12  312 10  HOH HOH A . 
C 3 HOH 13  313 50  HOH HOH A . 
C 3 HOH 14  314 55  HOH HOH A . 
C 3 HOH 15  315 117 HOH HOH A . 
C 3 HOH 16  316 82  HOH HOH A . 
C 3 HOH 17  317 2   HOH HOH A . 
C 3 HOH 18  318 102 HOH HOH A . 
C 3 HOH 19  319 7   HOH HOH A . 
C 3 HOH 20  320 107 HOH HOH A . 
C 3 HOH 21  321 54  HOH HOH A . 
C 3 HOH 22  322 1   HOH HOH A . 
C 3 HOH 23  323 4   HOH HOH A . 
C 3 HOH 24  324 32  HOH HOH A . 
C 3 HOH 25  325 110 HOH HOH A . 
C 3 HOH 26  326 69  HOH HOH A . 
C 3 HOH 27  327 52  HOH HOH A . 
C 3 HOH 28  328 13  HOH HOH A . 
C 3 HOH 29  329 33  HOH HOH A . 
C 3 HOH 30  330 79  HOH HOH A . 
C 3 HOH 31  331 88  HOH HOH A . 
C 3 HOH 32  332 104 HOH HOH A . 
C 3 HOH 33  333 121 HOH HOH A . 
C 3 HOH 34  334 60  HOH HOH A . 
C 3 HOH 35  335 21  HOH HOH A . 
C 3 HOH 36  336 47  HOH HOH A . 
C 3 HOH 37  337 40  HOH HOH A . 
C 3 HOH 38  338 3   HOH HOH A . 
C 3 HOH 39  339 5   HOH HOH A . 
C 3 HOH 40  340 38  HOH HOH A . 
C 3 HOH 41  341 58  HOH HOH A . 
C 3 HOH 42  342 123 HOH HOH A . 
C 3 HOH 43  343 9   HOH HOH A . 
C 3 HOH 44  344 68  HOH HOH A . 
C 3 HOH 45  345 46  HOH HOH A . 
C 3 HOH 46  346 63  HOH HOH A . 
C 3 HOH 47  347 98  HOH HOH A . 
C 3 HOH 48  348 12  HOH HOH A . 
C 3 HOH 49  349 6   HOH HOH A . 
C 3 HOH 50  350 61  HOH HOH A . 
C 3 HOH 51  351 125 HOH HOH A . 
C 3 HOH 52  352 65  HOH HOH A . 
C 3 HOH 53  353 37  HOH HOH A . 
C 3 HOH 54  354 106 HOH HOH A . 
C 3 HOH 55  355 14  HOH HOH A . 
C 3 HOH 56  356 45  HOH HOH A . 
C 3 HOH 57  357 41  HOH HOH A . 
C 3 HOH 58  358 73  HOH HOH A . 
C 3 HOH 59  359 49  HOH HOH A . 
C 3 HOH 60  360 23  HOH HOH A . 
C 3 HOH 61  361 53  HOH HOH A . 
C 3 HOH 62  362 62  HOH HOH A . 
C 3 HOH 63  363 64  HOH HOH A . 
C 3 HOH 64  364 16  HOH HOH A . 
C 3 HOH 65  365 77  HOH HOH A . 
C 3 HOH 66  366 8   HOH HOH A . 
C 3 HOH 67  367 108 HOH HOH A . 
C 3 HOH 68  368 36  HOH HOH A . 
C 3 HOH 69  369 89  HOH HOH A . 
C 3 HOH 70  370 115 HOH HOH A . 
C 3 HOH 71  371 15  HOH HOH A . 
C 3 HOH 72  372 39  HOH HOH A . 
C 3 HOH 73  373 116 HOH HOH A . 
C 3 HOH 74  374 29  HOH HOH A . 
C 3 HOH 75  375 19  HOH HOH A . 
C 3 HOH 76  376 56  HOH HOH A . 
C 3 HOH 77  377 132 HOH HOH A . 
C 3 HOH 78  378 22  HOH HOH A . 
C 3 HOH 79  379 75  HOH HOH A . 
C 3 HOH 80  380 20  HOH HOH A . 
C 3 HOH 81  381 11  HOH HOH A . 
C 3 HOH 82  382 26  HOH HOH A . 
C 3 HOH 83  383 48  HOH HOH A . 
C 3 HOH 84  384 28  HOH HOH A . 
C 3 HOH 85  385 80  HOH HOH A . 
C 3 HOH 86  386 129 HOH HOH A . 
C 3 HOH 87  387 83  HOH HOH A . 
C 3 HOH 88  388 70  HOH HOH A . 
C 3 HOH 89  389 17  HOH HOH A . 
C 3 HOH 90  390 57  HOH HOH A . 
C 3 HOH 91  391 92  HOH HOH A . 
C 3 HOH 92  392 84  HOH HOH A . 
C 3 HOH 93  393 118 HOH HOH A . 
C 3 HOH 94  394 100 HOH HOH A . 
C 3 HOH 95  395 59  HOH HOH A . 
C 3 HOH 96  396 94  HOH HOH A . 
C 3 HOH 97  397 105 HOH HOH A . 
C 3 HOH 98  398 24  HOH HOH A . 
C 3 HOH 99  399 97  HOH HOH A . 
C 3 HOH 100 400 42  HOH HOH A . 
C 3 HOH 101 401 44  HOH HOH A . 
C 3 HOH 102 402 120 HOH HOH A . 
C 3 HOH 103 403 27  HOH HOH A . 
C 3 HOH 104 404 96  HOH HOH A . 
C 3 HOH 105 405 130 HOH HOH A . 
C 3 HOH 106 406 71  HOH HOH A . 
C 3 HOH 107 407 103 HOH HOH A . 
C 3 HOH 108 408 87  HOH HOH A . 
C 3 HOH 109 409 43  HOH HOH A . 
C 3 HOH 110 410 81  HOH HOH A . 
C 3 HOH 111 411 101 HOH HOH A . 
C 3 HOH 112 412 122 HOH HOH A . 
C 3 HOH 113 413 35  HOH HOH A . 
C 3 HOH 114 414 66  HOH HOH A . 
C 3 HOH 115 415 74  HOH HOH A . 
C 3 HOH 116 416 67  HOH HOH A . 
C 3 HOH 117 417 25  HOH HOH A . 
C 3 HOH 118 418 109 HOH HOH A . 
C 3 HOH 119 419 111 HOH HOH A . 
C 3 HOH 120 420 127 HOH HOH A . 
C 3 HOH 121 421 112 HOH HOH A . 
C 3 HOH 122 422 90  HOH HOH A . 
C 3 HOH 123 423 76  HOH HOH A . 
C 3 HOH 124 424 119 HOH HOH A . 
C 3 HOH 125 425 72  HOH HOH A . 
C 3 HOH 126 426 113 HOH HOH A . 
C 3 HOH 127 427 128 HOH HOH A . 
C 3 HOH 128 428 78  HOH HOH A . 
C 3 HOH 129 429 114 HOH HOH A . 
C 3 HOH 130 430 95  HOH HOH A . 
C 3 HOH 131 431 86  HOH HOH A . 
C 3 HOH 132 432 131 HOH HOH A . 
# 
_pdbx_struct_assembly.id                   1 
_pdbx_struct_assembly.details              author_defined_assembly 
_pdbx_struct_assembly.method_details       ? 
_pdbx_struct_assembly.oligomeric_details   monomeric 
_pdbx_struct_assembly.oligomeric_count     1 
# 
_pdbx_struct_assembly_gen.assembly_id       1 
_pdbx_struct_assembly_gen.oper_expression   1 
_pdbx_struct_assembly_gen.asym_id_list      A,B,C 
# 
loop_
_pdbx_struct_assembly_prop.biol_id 
_pdbx_struct_assembly_prop.type 
_pdbx_struct_assembly_prop.value 
_pdbx_struct_assembly_prop.details 
1 'ABSA (A^2)' 0    ? 
1 MORE         0    ? 
1 'SSA (A^2)'  6590 ? 
# 
_pdbx_struct_oper_list.id                   1 
_pdbx_struct_oper_list.type                 'identity operation' 
_pdbx_struct_oper_list.name                 1_555 
_pdbx_struct_oper_list.symmetry_operation   x,y,z 
_pdbx_struct_oper_list.matrix[1][1]         1.0000000000 
_pdbx_struct_oper_list.matrix[1][2]         0.0000000000 
_pdbx_struct_oper_list.matrix[1][3]         0.0000000000 
_pdbx_struct_oper_list.vector[1]            0.0000000000 
_pdbx_struct_oper_list.matrix[2][1]         0.0000000000 
_pdbx_struct_oper_list.matrix[2][2]         1.0000000000 
_pdbx_struct_oper_list.matrix[2][3]         0.0000000000 
_pdbx_struct_oper_list.vector[2]            0.0000000000 
_pdbx_struct_oper_list.matrix[3][1]         0.0000000000 
_pdbx_struct_oper_list.matrix[3][2]         0.0000000000 
_pdbx_struct_oper_list.matrix[3][3]         1.0000000000 
_pdbx_struct_oper_list.vector[3]            0.0000000000 
# 
_pdbx_struct_special_symmetry.id              1 
_pdbx_struct_special_symmetry.PDB_model_num   1 
_pdbx_struct_special_symmetry.auth_asym_id    A 
_pdbx_struct_special_symmetry.auth_comp_id    HOH 
_pdbx_struct_special_symmetry.auth_seq_id     403 
_pdbx_struct_special_symmetry.PDB_ins_code    ? 
_pdbx_struct_special_symmetry.label_asym_id   C 
_pdbx_struct_special_symmetry.label_comp_id   HOH 
_pdbx_struct_special_symmetry.label_seq_id    . 
# 
loop_
_pdbx_audit_revision_history.ordinal 
_pdbx_audit_revision_history.data_content_type 
_pdbx_audit_revision_history.major_revision 
_pdbx_audit_revision_history.minor_revision 
_pdbx_audit_revision_history.revision_date 
1 'Structure model' 1 0 2022-06-29 
2 'Structure model' 1 1 2023-11-29 
# 
_pdbx_audit_revision_details.ordinal             1 
_pdbx_audit_revision_details.revision_ordinal    1 
_pdbx_audit_revision_details.data_content_type   'Structure model' 
_pdbx_audit_revision_details.provider            repository 
_pdbx_audit_revision_details.type                'Initial release' 
_pdbx_audit_revision_details.description         ? 
_pdbx_audit_revision_details.details             ? 
# 
loop_
_pdbx_audit_revision_group.ordinal 
_pdbx_audit_revision_group.revision_ordinal 
_pdbx_audit_revision_group.data_content_type 
_pdbx_audit_revision_group.group 
1 2 'Structure model' 'Data collection'        
2 2 'Structure model' 'Refinement description' 
# 
loop_
_pdbx_audit_revision_category.ordinal 
_pdbx_audit_revision_category.revision_ordinal 
_pdbx_audit_revision_category.data_content_type 
_pdbx_audit_revision_category.category 
1 2 'Structure model' chem_comp_atom                
2 2 'Structure model' chem_comp_bond                
3 2 'Structure model' pdbx_initial_refinement_model 
# 
loop_
_space_group_symop.id 
_space_group_symop.operation_xyz 
1 x,y,z           
2 -x,y,-z         
3 x+1/2,y+1/2,z   
4 -x+1/2,y+1/2,-z 
# 
loop_
_software.citation_id 
_software.classification 
_software.compiler_name 
_software.compiler_version 
_software.contact_author 
_software.contact_author_email 
_software.date 
_software.description 
_software.dependencies 
_software.hardware 
_software.language 
_software.location 
_software.mods 
_software.name 
_software.os 
_software.os_version 
_software.type 
_software.version 
_software.pdbx_ordinal 
? refinement       ? ? ? ? ? ? ? ? ? ? ? PHENIX   ? ? ? 1.12_2829 1 
? 'data reduction' ? ? ? ? ? ? ? ? ? ? ? HKL-3000 ? ? ? .         2 
? 'data scaling'   ? ? ? ? ? ? ? ? ? ? ? Aimless  ? ? ? .         3 
? phasing          ? ? ? ? ? ? ? ? ? ? ? PHASES   ? ? ? .         4 
# 
_pdbx_entry_details.entry_id                 7F5C 
_pdbx_entry_details.has_ligand_of_interest   Y 
_pdbx_entry_details.compound_details         ? 
_pdbx_entry_details.source_details           ? 
_pdbx_entry_details.nonpolymer_details       ? 
_pdbx_entry_details.sequence_details         ? 
# 
loop_
_pdbx_validate_close_contact.id 
_pdbx_validate_close_contact.PDB_model_num 
_pdbx_validate_close_contact.auth_atom_id_1 
_pdbx_validate_close_contact.auth_asym_id_1 
_pdbx_validate_close_contact.auth_comp_id_1 
_pdbx_validate_close_contact.auth_seq_id_1 
_pdbx_validate_close_contact.PDB_ins_code_1 
_pdbx_validate_close_contact.label_alt_id_1 
_pdbx_validate_close_contact.auth_atom_id_2 
_pdbx_validate_close_contact.auth_asym_id_2 
_pdbx_validate_close_contact.auth_comp_id_2 
_pdbx_validate_close_contact.auth_seq_id_2 
_pdbx_validate_close_contact.PDB_ins_code_2 
_pdbx_validate_close_contact.label_alt_id_2 
_pdbx_validate_close_contact.dist 
1 1 NZ A LYS 110 ? ? O A HOH 301 ? ? 1.71 
2 1 NZ A LYS 173 ? ? O A HOH 302 ? ? 1.78 
3 1 NZ A LYS 173 ? ? O A HOH 303 ? ? 1.83 
4 1 O  A HOH 304 ? ? O A HOH 398 ? ? 1.91 
5 1 O  A HOH 404 ? ? O A HOH 424 ? ? 1.96 
6 1 O  A HOH 397 ? ? O A HOH 405 ? ? 2.02 
7 1 O  A HOH 347 ? ? O A HOH 358 ? ? 2.08 
8 1 O  A PHE 172 ? ? O A HOH 304 ? ? 2.14 
# 
loop_
_pdbx_validate_symm_contact.id 
_pdbx_validate_symm_contact.PDB_model_num 
_pdbx_validate_symm_contact.auth_atom_id_1 
_pdbx_validate_symm_contact.auth_asym_id_1 
_pdbx_validate_symm_contact.auth_comp_id_1 
_pdbx_validate_symm_contact.auth_seq_id_1 
_pdbx_validate_symm_contact.PDB_ins_code_1 
_pdbx_validate_symm_contact.label_alt_id_1 
_pdbx_validate_symm_contact.site_symmetry_1 
_pdbx_validate_symm_contact.auth_atom_id_2 
_pdbx_validate_symm_contact.auth_asym_id_2 
_pdbx_validate_symm_contact.auth_comp_id_2 
_pdbx_validate_symm_contact.auth_seq_id_2 
_pdbx_validate_symm_contact.PDB_ins_code_2 
_pdbx_validate_symm_contact.label_alt_id_2 
_pdbx_validate_symm_contact.site_symmetry_2 
_pdbx_validate_symm_contact.dist 
1 1 O A HOH 377 ? ? 1_555 O  A HOH 407 ? ? 4_556 2.06 
2 1 O A VAL 108 ? ? 1_555 NZ A LYS 110 ? ? 2_556 2.14 
3 1 O A HOH 362 ? ? 1_555 O  A HOH 377 ? ? 4_546 2.15 
# 
loop_
_pdbx_distant_solvent_atoms.id 
_pdbx_distant_solvent_atoms.PDB_model_num 
_pdbx_distant_solvent_atoms.auth_atom_id 
_pdbx_distant_solvent_atoms.label_alt_id 
_pdbx_distant_solvent_atoms.auth_asym_id 
_pdbx_distant_solvent_atoms.auth_comp_id 
_pdbx_distant_solvent_atoms.auth_seq_id 
_pdbx_distant_solvent_atoms.PDB_ins_code 
_pdbx_distant_solvent_atoms.neighbor_macromolecule_distance 
_pdbx_distant_solvent_atoms.neighbor_ligand_distance 
1 1 O ? A HOH 430 ? 6.06 . 
2 1 O ? A HOH 431 ? 6.30 . 
3 1 O ? A HOH 432 ? 7.80 . 
# 
loop_
_chem_comp_atom.comp_id 
_chem_comp_atom.atom_id 
_chem_comp_atom.type_symbol 
_chem_comp_atom.pdbx_aromatic_flag 
_chem_comp_atom.pdbx_stereo_config 
_chem_comp_atom.pdbx_ordinal 
ALA N    N N N 1   
ALA CA   C N S 2   
ALA C    C N N 3   
ALA O    O N N 4   
ALA CB   C N N 5   
ALA OXT  O N N 6   
ALA H    H N N 7   
ALA H2   H N N 8   
ALA HA   H N N 9   
ALA HB1  H N N 10  
ALA HB2  H N N 11  
ALA HB3  H N N 12  
ALA HXT  H N N 13  
ARG N    N N N 14  
ARG CA   C N S 15  
ARG C    C N N 16  
ARG O    O N N 17  
ARG CB   C N N 18  
ARG CG   C N N 19  
ARG CD   C N N 20  
ARG NE   N N N 21  
ARG CZ   C N N 22  
ARG NH1  N N N 23  
ARG NH2  N N N 24  
ARG OXT  O N N 25  
ARG H    H N N 26  
ARG H2   H N N 27  
ARG HA   H N N 28  
ARG HB2  H N N 29  
ARG HB3  H N N 30  
ARG HG2  H N N 31  
ARG HG3  H N N 32  
ARG HD2  H N N 33  
ARG HD3  H N N 34  
ARG HE   H N N 35  
ARG HH11 H N N 36  
ARG HH12 H N N 37  
ARG HH21 H N N 38  
ARG HH22 H N N 39  
ARG HXT  H N N 40  
ASN N    N N N 41  
ASN CA   C N S 42  
ASN C    C N N 43  
ASN O    O N N 44  
ASN CB   C N N 45  
ASN CG   C N N 46  
ASN OD1  O N N 47  
ASN ND2  N N N 48  
ASN OXT  O N N 49  
ASN H    H N N 50  
ASN H2   H N N 51  
ASN HA   H N N 52  
ASN HB2  H N N 53  
ASN HB3  H N N 54  
ASN HD21 H N N 55  
ASN HD22 H N N 56  
ASN HXT  H N N 57  
ASP N    N N N 58  
ASP CA   C N S 59  
ASP C    C N N 60  
ASP O    O N N 61  
ASP CB   C N N 62  
ASP CG   C N N 63  
ASP OD1  O N N 64  
ASP OD2  O N N 65  
ASP OXT  O N N 66  
ASP H    H N N 67  
ASP H2   H N N 68  
ASP HA   H N N 69  
ASP HB2  H N N 70  
ASP HB3  H N N 71  
ASP HD2  H N N 72  
ASP HXT  H N N 73  
CYS N    N N N 74  
CYS CA   C N R 75  
CYS C    C N N 76  
CYS O    O N N 77  
CYS CB   C N N 78  
CYS SG   S N N 79  
CYS OXT  O N N 80  
CYS H    H N N 81  
CYS H2   H N N 82  
CYS HA   H N N 83  
CYS HB2  H N N 84  
CYS HB3  H N N 85  
CYS HG   H N N 86  
CYS HXT  H N N 87  
EUU C13  C N N 88  
EUU C15  C Y N 89  
EUU C17  C Y N 90  
EUU C20  C Y N 91  
EUU C21  C Y N 92  
EUU C24  C N N 93  
EUU C28  C N N 94  
EUU C01  C Y N 95  
EUU C03  C Y N 96  
EUU C04  C Y N 97  
EUU C05  C Y N 98  
EUU C08  C N N 99  
EUU C09  C N N 100 
EUU C14  C Y N 101 
EUU C16  C Y N 102 
EUU C18  C Y N 103 
EUU C19  C Y N 104 
EUU C23  C N N 105 
EUU C25  C N N 106 
EUU C27  C N N 107 
EUU C29  C N N 108 
EUU N02  N Y N 109 
EUU N06  N Y N 110 
EUU N07  N N N 111 
EUU N22  N Y N 112 
EUU N26  N N N 113 
EUU O11  O N N 114 
EUU O12  O N N 115 
EUU S10  S N N 116 
EUU H1   H N N 117 
EUU H2   H N N 118 
EUU H3   H N N 119 
EUU H4   H N N 120 
EUU H5   H N N 121 
EUU H6   H N N 122 
EUU H7   H N N 123 
EUU H8   H N N 124 
EUU H9   H N N 125 
EUU H10  H N N 126 
EUU H11  H N N 127 
EUU H12  H N N 128 
EUU H13  H N N 129 
EUU H14  H N N 130 
EUU H15  H N N 131 
EUU H16  H N N 132 
EUU H17  H N N 133 
EUU H18  H N N 134 
EUU H19  H N N 135 
EUU H20  H N N 136 
EUU H21  H N N 137 
EUU H22  H N N 138 
EUU H23  H N N 139 
EUU H24  H N N 140 
EUU H25  H N N 141 
EUU H26  H N N 142 
EUU H27  H N N 143 
EUU H28  H N N 144 
EUU H29  H N N 145 
GLN N    N N N 146 
GLN CA   C N S 147 
GLN C    C N N 148 
GLN O    O N N 149 
GLN CB   C N N 150 
GLN CG   C N N 151 
GLN CD   C N N 152 
GLN OE1  O N N 153 
GLN NE2  N N N 154 
GLN OXT  O N N 155 
GLN H    H N N 156 
GLN H2   H N N 157 
GLN HA   H N N 158 
GLN HB2  H N N 159 
GLN HB3  H N N 160 
GLN HG2  H N N 161 
GLN HG3  H N N 162 
GLN HE21 H N N 163 
GLN HE22 H N N 164 
GLN HXT  H N N 165 
GLU N    N N N 166 
GLU CA   C N S 167 
GLU C    C N N 168 
GLU O    O N N 169 
GLU CB   C N N 170 
GLU CG   C N N 171 
GLU CD   C N N 172 
GLU OE1  O N N 173 
GLU OE2  O N N 174 
GLU OXT  O N N 175 
GLU H    H N N 176 
GLU H2   H N N 177 
GLU HA   H N N 178 
GLU HB2  H N N 179 
GLU HB3  H N N 180 
GLU HG2  H N N 181 
GLU HG3  H N N 182 
GLU HE2  H N N 183 
GLU HXT  H N N 184 
GLY N    N N N 185 
GLY CA   C N N 186 
GLY C    C N N 187 
GLY O    O N N 188 
GLY OXT  O N N 189 
GLY H    H N N 190 
GLY H2   H N N 191 
GLY HA2  H N N 192 
GLY HA3  H N N 193 
GLY HXT  H N N 194 
HIS N    N N N 195 
HIS CA   C N S 196 
HIS C    C N N 197 
HIS O    O N N 198 
HIS CB   C N N 199 
HIS CG   C Y N 200 
HIS ND1  N Y N 201 
HIS CD2  C Y N 202 
HIS CE1  C Y N 203 
HIS NE2  N Y N 204 
HIS OXT  O N N 205 
HIS H    H N N 206 
HIS H2   H N N 207 
HIS HA   H N N 208 
HIS HB2  H N N 209 
HIS HB3  H N N 210 
HIS HD1  H N N 211 
HIS HD2  H N N 212 
HIS HE1  H N N 213 
HIS HE2  H N N 214 
HIS HXT  H N N 215 
HOH O    O N N 216 
HOH H1   H N N 217 
HOH H2   H N N 218 
ILE N    N N N 219 
ILE CA   C N S 220 
ILE C    C N N 221 
ILE O    O N N 222 
ILE CB   C N S 223 
ILE CG1  C N N 224 
ILE CG2  C N N 225 
ILE CD1  C N N 226 
ILE OXT  O N N 227 
ILE H    H N N 228 
ILE H2   H N N 229 
ILE HA   H N N 230 
ILE HB   H N N 231 
ILE HG12 H N N 232 
ILE HG13 H N N 233 
ILE HG21 H N N 234 
ILE HG22 H N N 235 
ILE HG23 H N N 236 
ILE HD11 H N N 237 
ILE HD12 H N N 238 
ILE HD13 H N N 239 
ILE HXT  H N N 240 
LEU N    N N N 241 
LEU CA   C N S 242 
LEU C    C N N 243 
LEU O    O N N 244 
LEU CB   C N N 245 
LEU CG   C N N 246 
LEU CD1  C N N 247 
LEU CD2  C N N 248 
LEU OXT  O N N 249 
LEU H    H N N 250 
LEU H2   H N N 251 
LEU HA   H N N 252 
LEU HB2  H N N 253 
LEU HB3  H N N 254 
LEU HG   H N N 255 
LEU HD11 H N N 256 
LEU HD12 H N N 257 
LEU HD13 H N N 258 
LEU HD21 H N N 259 
LEU HD22 H N N 260 
LEU HD23 H N N 261 
LEU HXT  H N N 262 
LYS N    N N N 263 
LYS CA   C N S 264 
LYS C    C N N 265 
LYS O    O N N 266 
LYS CB   C N N 267 
LYS CG   C N N 268 
LYS CD   C N N 269 
LYS CE   C N N 270 
LYS NZ   N N N 271 
LYS OXT  O N N 272 
LYS H    H N N 273 
LYS H2   H N N 274 
LYS HA   H N N 275 
LYS HB2  H N N 276 
LYS HB3  H N N 277 
LYS HG2  H N N 278 
LYS HG3  H N N 279 
LYS HD2  H N N 280 
LYS HD3  H N N 281 
LYS HE2  H N N 282 
LYS HE3  H N N 283 
LYS HZ1  H N N 284 
LYS HZ2  H N N 285 
LYS HZ3  H N N 286 
LYS HXT  H N N 287 
MET N    N N N 288 
MET CA   C N S 289 
MET C    C N N 290 
MET O    O N N 291 
MET CB   C N N 292 
MET CG   C N N 293 
MET SD   S N N 294 
MET CE   C N N 295 
MET OXT  O N N 296 
MET H    H N N 297 
MET H2   H N N 298 
MET HA   H N N 299 
MET HB2  H N N 300 
MET HB3  H N N 301 
MET HG2  H N N 302 
MET HG3  H N N 303 
MET HE1  H N N 304 
MET HE2  H N N 305 
MET HE3  H N N 306 
MET HXT  H N N 307 
PHE N    N N N 308 
PHE CA   C N S 309 
PHE C    C N N 310 
PHE O    O N N 311 
PHE CB   C N N 312 
PHE CG   C Y N 313 
PHE CD1  C Y N 314 
PHE CD2  C Y N 315 
PHE CE1  C Y N 316 
PHE CE2  C Y N 317 
PHE CZ   C Y N 318 
PHE OXT  O N N 319 
PHE H    H N N 320 
PHE H2   H N N 321 
PHE HA   H N N 322 
PHE HB2  H N N 323 
PHE HB3  H N N 324 
PHE HD1  H N N 325 
PHE HD2  H N N 326 
PHE HE1  H N N 327 
PHE HE2  H N N 328 
PHE HZ   H N N 329 
PHE HXT  H N N 330 
PRO N    N N N 331 
PRO CA   C N S 332 
PRO C    C N N 333 
PRO O    O N N 334 
PRO CB   C N N 335 
PRO CG   C N N 336 
PRO CD   C N N 337 
PRO OXT  O N N 338 
PRO H    H N N 339 
PRO HA   H N N 340 
PRO HB2  H N N 341 
PRO HB3  H N N 342 
PRO HG2  H N N 343 
PRO HG3  H N N 344 
PRO HD2  H N N 345 
PRO HD3  H N N 346 
PRO HXT  H N N 347 
SER N    N N N 348 
SER CA   C N S 349 
SER C    C N N 350 
SER O    O N N 351 
SER CB   C N N 352 
SER OG   O N N 353 
SER OXT  O N N 354 
SER H    H N N 355 
SER H2   H N N 356 
SER HA   H N N 357 
SER HB2  H N N 358 
SER HB3  H N N 359 
SER HG   H N N 360 
SER HXT  H N N 361 
THR N    N N N 362 
THR CA   C N S 363 
THR C    C N N 364 
THR O    O N N 365 
THR CB   C N R 366 
THR OG1  O N N 367 
THR CG2  C N N 368 
THR OXT  O N N 369 
THR H    H N N 370 
THR H2   H N N 371 
THR HA   H N N 372 
THR HB   H N N 373 
THR HG1  H N N 374 
THR HG21 H N N 375 
THR HG22 H N N 376 
THR HG23 H N N 377 
THR HXT  H N N 378 
TRP N    N N N 379 
TRP CA   C N S 380 
TRP C    C N N 381 
TRP O    O N N 382 
TRP CB   C N N 383 
TRP CG   C Y N 384 
TRP CD1  C Y N 385 
TRP CD2  C Y N 386 
TRP NE1  N Y N 387 
TRP CE2  C Y N 388 
TRP CE3  C Y N 389 
TRP CZ2  C Y N 390 
TRP CZ3  C Y N 391 
TRP CH2  C Y N 392 
TRP OXT  O N N 393 
TRP H    H N N 394 
TRP H2   H N N 395 
TRP HA   H N N 396 
TRP HB2  H N N 397 
TRP HB3  H N N 398 
TRP HD1  H N N 399 
TRP HE1  H N N 400 
TRP HE3  H N N 401 
TRP HZ2  H N N 402 
TRP HZ3  H N N 403 
TRP HH2  H N N 404 
TRP HXT  H N N 405 
TYR N    N N N 406 
TYR CA   C N S 407 
TYR C    C N N 408 
TYR O    O N N 409 
TYR CB   C N N 410 
TYR CG   C Y N 411 
TYR CD1  C Y N 412 
TYR CD2  C Y N 413 
TYR CE1  C Y N 414 
TYR CE2  C Y N 415 
TYR CZ   C Y N 416 
TYR OH   O N N 417 
TYR OXT  O N N 418 
TYR H    H N N 419 
TYR H2   H N N 420 
TYR HA   H N N 421 
TYR HB2  H N N 422 
TYR HB3  H N N 423 
TYR HD1  H N N 424 
TYR HD2  H N N 425 
TYR HE1  H N N 426 
TYR HE2  H N N 427 
TYR HH   H N N 428 
TYR HXT  H N N 429 
VAL N    N N N 430 
VAL CA   C N S 431 
VAL C    C N N 432 
VAL O    O N N 433 
VAL CB   C N N 434 
VAL CG1  C N N 435 
VAL CG2  C N N 436 
VAL OXT  O N N 437 
VAL H    H N N 438 
VAL H2   H N N 439 
VAL HA   H N N 440 
VAL HB   H N N 441 
VAL HG11 H N N 442 
VAL HG12 H N N 443 
VAL HG13 H N N 444 
VAL HG21 H N N 445 
VAL HG22 H N N 446 
VAL HG23 H N N 447 
VAL HXT  H N N 448 
# 
loop_
_chem_comp_bond.comp_id 
_chem_comp_bond.atom_id_1 
_chem_comp_bond.atom_id_2 
_chem_comp_bond.value_order 
_chem_comp_bond.pdbx_aromatic_flag 
_chem_comp_bond.pdbx_stereo_config 
_chem_comp_bond.pdbx_ordinal 
ALA N   CA   sing N N 1   
ALA N   H    sing N N 2   
ALA N   H2   sing N N 3   
ALA CA  C    sing N N 4   
ALA CA  CB   sing N N 5   
ALA CA  HA   sing N N 6   
ALA C   O    doub N N 7   
ALA C   OXT  sing N N 8   
ALA CB  HB1  sing N N 9   
ALA CB  HB2  sing N N 10  
ALA CB  HB3  sing N N 11  
ALA OXT HXT  sing N N 12  
ARG N   CA   sing N N 13  
ARG N   H    sing N N 14  
ARG N   H2   sing N N 15  
ARG CA  C    sing N N 16  
ARG CA  CB   sing N N 17  
ARG CA  HA   sing N N 18  
ARG C   O    doub N N 19  
ARG C   OXT  sing N N 20  
ARG CB  CG   sing N N 21  
ARG CB  HB2  sing N N 22  
ARG CB  HB3  sing N N 23  
ARG CG  CD   sing N N 24  
ARG CG  HG2  sing N N 25  
ARG CG  HG3  sing N N 26  
ARG CD  NE   sing N N 27  
ARG CD  HD2  sing N N 28  
ARG CD  HD3  sing N N 29  
ARG NE  CZ   sing N N 30  
ARG NE  HE   sing N N 31  
ARG CZ  NH1  sing N N 32  
ARG CZ  NH2  doub N N 33  
ARG NH1 HH11 sing N N 34  
ARG NH1 HH12 sing N N 35  
ARG NH2 HH21 sing N N 36  
ARG NH2 HH22 sing N N 37  
ARG OXT HXT  sing N N 38  
ASN N   CA   sing N N 39  
ASN N   H    sing N N 40  
ASN N   H2   sing N N 41  
ASN CA  C    sing N N 42  
ASN CA  CB   sing N N 43  
ASN CA  HA   sing N N 44  
ASN C   O    doub N N 45  
ASN C   OXT  sing N N 46  
ASN CB  CG   sing N N 47  
ASN CB  HB2  sing N N 48  
ASN CB  HB3  sing N N 49  
ASN CG  OD1  doub N N 50  
ASN CG  ND2  sing N N 51  
ASN ND2 HD21 sing N N 52  
ASN ND2 HD22 sing N N 53  
ASN OXT HXT  sing N N 54  
ASP N   CA   sing N N 55  
ASP N   H    sing N N 56  
ASP N   H2   sing N N 57  
ASP CA  C    sing N N 58  
ASP CA  CB   sing N N 59  
ASP CA  HA   sing N N 60  
ASP C   O    doub N N 61  
ASP C   OXT  sing N N 62  
ASP CB  CG   sing N N 63  
ASP CB  HB2  sing N N 64  
ASP CB  HB3  sing N N 65  
ASP CG  OD1  doub N N 66  
ASP CG  OD2  sing N N 67  
ASP OD2 HD2  sing N N 68  
ASP OXT HXT  sing N N 69  
CYS N   CA   sing N N 70  
CYS N   H    sing N N 71  
CYS N   H2   sing N N 72  
CYS CA  C    sing N N 73  
CYS CA  CB   sing N N 74  
CYS CA  HA   sing N N 75  
CYS C   O    doub N N 76  
CYS C   OXT  sing N N 77  
CYS CB  SG   sing N N 78  
CYS CB  HB2  sing N N 79  
CYS CB  HB3  sing N N 80  
CYS SG  HG   sing N N 81  
CYS OXT HXT  sing N N 82  
EUU O12 S10  doub N N 83  
EUU C13 S10  sing N N 84  
EUU O11 S10  doub N N 85  
EUU S10 C01  sing N N 86  
EUU C01 N02  doub Y N 87  
EUU C01 N06  sing Y N 88  
EUU N02 C03  sing Y N 89  
EUU N06 C05  doub Y N 90  
EUU C03 N07  sing N N 91  
EUU C03 C04  doub Y N 92  
EUU C05 C04  sing Y N 93  
EUU C05 C14  sing N N 94  
EUU N07 C08  sing N N 95  
EUU C15 C14  doub Y N 96  
EUU C15 C16  sing Y N 97  
EUU C20 C16  sing Y N 98  
EUU C20 C21  doub Y N 99  
EUU C14 C19  sing Y N 100 
EUU C16 C17  doub Y N 101 
EUU C08 C09  sing N N 102 
EUU C09 C29  sing N N 103 
EUU C21 N22  sing Y N 104 
EUU C19 C18  doub Y N 105 
EUU C17 N22  sing Y N 106 
EUU C17 C18  sing Y N 107 
EUU N22 C23  sing N N 108 
EUU C27 N26  sing N N 109 
EUU C25 N26  sing N N 110 
EUU C25 C24  sing N N 111 
EUU N26 C28  sing N N 112 
EUU C23 C24  sing N N 113 
EUU C13 H1   sing N N 114 
EUU C13 H2   sing N N 115 
EUU C13 H3   sing N N 116 
EUU C15 H4   sing N N 117 
EUU C20 H5   sing N N 118 
EUU C21 H6   sing N N 119 
EUU C24 H7   sing N N 120 
EUU C24 H8   sing N N 121 
EUU C28 H9   sing N N 122 
EUU C28 H10  sing N N 123 
EUU C28 H11  sing N N 124 
EUU C04 H12  sing N N 125 
EUU C08 H13  sing N N 126 
EUU C08 H14  sing N N 127 
EUU C09 H15  sing N N 128 
EUU C09 H16  sing N N 129 
EUU C18 H17  sing N N 130 
EUU C19 H18  sing N N 131 
EUU C23 H19  sing N N 132 
EUU C23 H20  sing N N 133 
EUU C25 H21  sing N N 134 
EUU C25 H22  sing N N 135 
EUU C27 H23  sing N N 136 
EUU C27 H24  sing N N 137 
EUU C27 H25  sing N N 138 
EUU C29 H26  sing N N 139 
EUU C29 H27  sing N N 140 
EUU C29 H28  sing N N 141 
EUU N07 H29  sing N N 142 
GLN N   CA   sing N N 143 
GLN N   H    sing N N 144 
GLN N   H2   sing N N 145 
GLN CA  C    sing N N 146 
GLN CA  CB   sing N N 147 
GLN CA  HA   sing N N 148 
GLN C   O    doub N N 149 
GLN C   OXT  sing N N 150 
GLN CB  CG   sing N N 151 
GLN CB  HB2  sing N N 152 
GLN CB  HB3  sing N N 153 
GLN CG  CD   sing N N 154 
GLN CG  HG2  sing N N 155 
GLN CG  HG3  sing N N 156 
GLN CD  OE1  doub N N 157 
GLN CD  NE2  sing N N 158 
GLN NE2 HE21 sing N N 159 
GLN NE2 HE22 sing N N 160 
GLN OXT HXT  sing N N 161 
GLU N   CA   sing N N 162 
GLU N   H    sing N N 163 
GLU N   H2   sing N N 164 
GLU CA  C    sing N N 165 
GLU CA  CB   sing N N 166 
GLU CA  HA   sing N N 167 
GLU C   O    doub N N 168 
GLU C   OXT  sing N N 169 
GLU CB  CG   sing N N 170 
GLU CB  HB2  sing N N 171 
GLU CB  HB3  sing N N 172 
GLU CG  CD   sing N N 173 
GLU CG  HG2  sing N N 174 
GLU CG  HG3  sing N N 175 
GLU CD  OE1  doub N N 176 
GLU CD  OE2  sing N N 177 
GLU OE2 HE2  sing N N 178 
GLU OXT HXT  sing N N 179 
GLY N   CA   sing N N 180 
GLY N   H    sing N N 181 
GLY N   H2   sing N N 182 
GLY CA  C    sing N N 183 
GLY CA  HA2  sing N N 184 
GLY CA  HA3  sing N N 185 
GLY C   O    doub N N 186 
GLY C   OXT  sing N N 187 
GLY OXT HXT  sing N N 188 
HIS N   CA   sing N N 189 
HIS N   H    sing N N 190 
HIS N   H2   sing N N 191 
HIS CA  C    sing N N 192 
HIS CA  CB   sing N N 193 
HIS CA  HA   sing N N 194 
HIS C   O    doub N N 195 
HIS C   OXT  sing N N 196 
HIS CB  CG   sing N N 197 
HIS CB  HB2  sing N N 198 
HIS CB  HB3  sing N N 199 
HIS CG  ND1  sing Y N 200 
HIS CG  CD2  doub Y N 201 
HIS ND1 CE1  doub Y N 202 
HIS ND1 HD1  sing N N 203 
HIS CD2 NE2  sing Y N 204 
HIS CD2 HD2  sing N N 205 
HIS CE1 NE2  sing Y N 206 
HIS CE1 HE1  sing N N 207 
HIS NE2 HE2  sing N N 208 
HIS OXT HXT  sing N N 209 
HOH O   H1   sing N N 210 
HOH O   H2   sing N N 211 
ILE N   CA   sing N N 212 
ILE N   H    sing N N 213 
ILE N   H2   sing N N 214 
ILE CA  C    sing N N 215 
ILE CA  CB   sing N N 216 
ILE CA  HA   sing N N 217 
ILE C   O    doub N N 218 
ILE C   OXT  sing N N 219 
ILE CB  CG1  sing N N 220 
ILE CB  CG2  sing N N 221 
ILE CB  HB   sing N N 222 
ILE CG1 CD1  sing N N 223 
ILE CG1 HG12 sing N N 224 
ILE CG1 HG13 sing N N 225 
ILE CG2 HG21 sing N N 226 
ILE CG2 HG22 sing N N 227 
ILE CG2 HG23 sing N N 228 
ILE CD1 HD11 sing N N 229 
ILE CD1 HD12 sing N N 230 
ILE CD1 HD13 sing N N 231 
ILE OXT HXT  sing N N 232 
LEU N   CA   sing N N 233 
LEU N   H    sing N N 234 
LEU N   H2   sing N N 235 
LEU CA  C    sing N N 236 
LEU CA  CB   sing N N 237 
LEU CA  HA   sing N N 238 
LEU C   O    doub N N 239 
LEU C   OXT  sing N N 240 
LEU CB  CG   sing N N 241 
LEU CB  HB2  sing N N 242 
LEU CB  HB3  sing N N 243 
LEU CG  CD1  sing N N 244 
LEU CG  CD2  sing N N 245 
LEU CG  HG   sing N N 246 
LEU CD1 HD11 sing N N 247 
LEU CD1 HD12 sing N N 248 
LEU CD1 HD13 sing N N 249 
LEU CD2 HD21 sing N N 250 
LEU CD2 HD22 sing N N 251 
LEU CD2 HD23 sing N N 252 
LEU OXT HXT  sing N N 253 
LYS N   CA   sing N N 254 
LYS N   H    sing N N 255 
LYS N   H2   sing N N 256 
LYS CA  C    sing N N 257 
LYS CA  CB   sing N N 258 
LYS CA  HA   sing N N 259 
LYS C   O    doub N N 260 
LYS C   OXT  sing N N 261 
LYS CB  CG   sing N N 262 
LYS CB  HB2  sing N N 263 
LYS CB  HB3  sing N N 264 
LYS CG  CD   sing N N 265 
LYS CG  HG2  sing N N 266 
LYS CG  HG3  sing N N 267 
LYS CD  CE   sing N N 268 
LYS CD  HD2  sing N N 269 
LYS CD  HD3  sing N N 270 
LYS CE  NZ   sing N N 271 
LYS CE  HE2  sing N N 272 
LYS CE  HE3  sing N N 273 
LYS NZ  HZ1  sing N N 274 
LYS NZ  HZ2  sing N N 275 
LYS NZ  HZ3  sing N N 276 
LYS OXT HXT  sing N N 277 
MET N   CA   sing N N 278 
MET N   H    sing N N 279 
MET N   H2   sing N N 280 
MET CA  C    sing N N 281 
MET CA  CB   sing N N 282 
MET CA  HA   sing N N 283 
MET C   O    doub N N 284 
MET C   OXT  sing N N 285 
MET CB  CG   sing N N 286 
MET CB  HB2  sing N N 287 
MET CB  HB3  sing N N 288 
MET CG  SD   sing N N 289 
MET CG  HG2  sing N N 290 
MET CG  HG3  sing N N 291 
MET SD  CE   sing N N 292 
MET CE  HE1  sing N N 293 
MET CE  HE2  sing N N 294 
MET CE  HE3  sing N N 295 
MET OXT HXT  sing N N 296 
PHE N   CA   sing N N 297 
PHE N   H    sing N N 298 
PHE N   H2   sing N N 299 
PHE CA  C    sing N N 300 
PHE CA  CB   sing N N 301 
PHE CA  HA   sing N N 302 
PHE C   O    doub N N 303 
PHE C   OXT  sing N N 304 
PHE CB  CG   sing N N 305 
PHE CB  HB2  sing N N 306 
PHE CB  HB3  sing N N 307 
PHE CG  CD1  doub Y N 308 
PHE CG  CD2  sing Y N 309 
PHE CD1 CE1  sing Y N 310 
PHE CD1 HD1  sing N N 311 
PHE CD2 CE2  doub Y N 312 
PHE CD2 HD2  sing N N 313 
PHE CE1 CZ   doub Y N 314 
PHE CE1 HE1  sing N N 315 
PHE CE2 CZ   sing Y N 316 
PHE CE2 HE2  sing N N 317 
PHE CZ  HZ   sing N N 318 
PHE OXT HXT  sing N N 319 
PRO N   CA   sing N N 320 
PRO N   CD   sing N N 321 
PRO N   H    sing N N 322 
PRO CA  C    sing N N 323 
PRO CA  CB   sing N N 324 
PRO CA  HA   sing N N 325 
PRO C   O    doub N N 326 
PRO C   OXT  sing N N 327 
PRO CB  CG   sing N N 328 
PRO CB  HB2  sing N N 329 
PRO CB  HB3  sing N N 330 
PRO CG  CD   sing N N 331 
PRO CG  HG2  sing N N 332 
PRO CG  HG3  sing N N 333 
PRO CD  HD2  sing N N 334 
PRO CD  HD3  sing N N 335 
PRO OXT HXT  sing N N 336 
SER N   CA   sing N N 337 
SER N   H    sing N N 338 
SER N   H2   sing N N 339 
SER CA  C    sing N N 340 
SER CA  CB   sing N N 341 
SER CA  HA   sing N N 342 
SER C   O    doub N N 343 
SER C   OXT  sing N N 344 
SER CB  OG   sing N N 345 
SER CB  HB2  sing N N 346 
SER CB  HB3  sing N N 347 
SER OG  HG   sing N N 348 
SER OXT HXT  sing N N 349 
THR N   CA   sing N N 350 
THR N   H    sing N N 351 
THR N   H2   sing N N 352 
THR CA  C    sing N N 353 
THR CA  CB   sing N N 354 
THR CA  HA   sing N N 355 
THR C   O    doub N N 356 
THR C   OXT  sing N N 357 
THR CB  OG1  sing N N 358 
THR CB  CG2  sing N N 359 
THR CB  HB   sing N N 360 
THR OG1 HG1  sing N N 361 
THR CG2 HG21 sing N N 362 
THR CG2 HG22 sing N N 363 
THR CG2 HG23 sing N N 364 
THR OXT HXT  sing N N 365 
TRP N   CA   sing N N 366 
TRP N   H    sing N N 367 
TRP N   H2   sing N N 368 
TRP CA  C    sing N N 369 
TRP CA  CB   sing N N 370 
TRP CA  HA   sing N N 371 
TRP C   O    doub N N 372 
TRP C   OXT  sing N N 373 
TRP CB  CG   sing N N 374 
TRP CB  HB2  sing N N 375 
TRP CB  HB3  sing N N 376 
TRP CG  CD1  doub Y N 377 
TRP CG  CD2  sing Y N 378 
TRP CD1 NE1  sing Y N 379 
TRP CD1 HD1  sing N N 380 
TRP CD2 CE2  doub Y N 381 
TRP CD2 CE3  sing Y N 382 
TRP NE1 CE2  sing Y N 383 
TRP NE1 HE1  sing N N 384 
TRP CE2 CZ2  sing Y N 385 
TRP CE3 CZ3  doub Y N 386 
TRP CE3 HE3  sing N N 387 
TRP CZ2 CH2  doub Y N 388 
TRP CZ2 HZ2  sing N N 389 
TRP CZ3 CH2  sing Y N 390 
TRP CZ3 HZ3  sing N N 391 
TRP CH2 HH2  sing N N 392 
TRP OXT HXT  sing N N 393 
TYR N   CA   sing N N 394 
TYR N   H    sing N N 395 
TYR N   H2   sing N N 396 
TYR CA  C    sing N N 397 
TYR CA  CB   sing N N 398 
TYR CA  HA   sing N N 399 
TYR C   O    doub N N 400 
TYR C   OXT  sing N N 401 
TYR CB  CG   sing N N 402 
TYR CB  HB2  sing N N 403 
TYR CB  HB3  sing N N 404 
TYR CG  CD1  doub Y N 405 
TYR CG  CD2  sing Y N 406 
TYR CD1 CE1  sing Y N 407 
TYR CD1 HD1  sing N N 408 
TYR CD2 CE2  doub Y N 409 
TYR CD2 HD2  sing N N 410 
TYR CE1 CZ   doub Y N 411 
TYR CE1 HE1  sing N N 412 
TYR CE2 CZ   sing Y N 413 
TYR CE2 HE2  sing N N 414 
TYR CZ  OH   sing N N 415 
TYR OH  HH   sing N N 416 
TYR OXT HXT  sing N N 417 
VAL N   CA   sing N N 418 
VAL N   H    sing N N 419 
VAL N   H2   sing N N 420 
VAL CA  C    sing N N 421 
VAL CA  CB   sing N N 422 
VAL CA  HA   sing N N 423 
VAL C   O    doub N N 424 
VAL C   OXT  sing N N 425 
VAL CB  CG1  sing N N 426 
VAL CB  CG2  sing N N 427 
VAL CB  HB   sing N N 428 
VAL CG1 HG11 sing N N 429 
VAL CG1 HG12 sing N N 430 
VAL CG1 HG13 sing N N 431 
VAL CG2 HG21 sing N N 432 
VAL CG2 HG22 sing N N 433 
VAL CG2 HG23 sing N N 434 
VAL OXT HXT  sing N N 435 
# 
_pdbx_entity_instance_feature.ordinal        1 
_pdbx_entity_instance_feature.comp_id        EUU 
_pdbx_entity_instance_feature.asym_id        ? 
_pdbx_entity_instance_feature.seq_num        ? 
_pdbx_entity_instance_feature.auth_comp_id   EUU 
_pdbx_entity_instance_feature.auth_asym_id   ? 
_pdbx_entity_instance_feature.auth_seq_num   ? 
_pdbx_entity_instance_feature.feature_type   'SUBJECT OF INVESTIGATION' 
_pdbx_entity_instance_feature.details        ? 
# 
loop_
_pdbx_entity_nonpoly.entity_id 
_pdbx_entity_nonpoly.name 
_pdbx_entity_nonpoly.comp_id 
2 '6-[1-[3-(dimethylamino)propyl]indol-5-yl]-2-methylsulfonyl-N-propyl-pyrimidin-4-amine' EUU 
3 water                                                                                   HOH 
# 
_pdbx_initial_refinement_model.id               1 
_pdbx_initial_refinement_model.entity_id_list   ? 
_pdbx_initial_refinement_model.type             'experimental model' 
_pdbx_initial_refinement_model.source_name      PDB 
_pdbx_initial_refinement_model.accession_code   3QZT 
_pdbx_initial_refinement_model.details          ? 
# 
_pdbx_struct_assembly_auth_evidence.id                     1 
_pdbx_struct_assembly_auth_evidence.assembly_id            1 
_pdbx_struct_assembly_auth_evidence.experimental_support   none 
_pdbx_struct_assembly_auth_evidence.details                ? 
# 
_space_group.name_H-M_alt     'C 1 2 1' 
_space_group.name_Hall        'C 2y' 
_space_group.IT_number        5 
_space_group.crystal_system   monoclinic 
_space_group.id               1 
# 
